data_7XY1
#
_entry.id   7XY1
#
_cell.length_a   1.00
_cell.length_b   1.00
_cell.length_c   1.00
_cell.angle_alpha   90.00
_cell.angle_beta   90.00
_cell.angle_gamma   90.00
#
_symmetry.space_group_name_H-M   'P 1'
#
_entity_poly.entity_id   1
_entity_poly.type   'polypeptide(L)'
_entity_poly.pdbx_seq_one_letter_code
;MDQDIKTVIQYPVGTTEFDIPFDYLSRKFVRVSLVSDDNRRLLSNITEYRYVSKTRVKLLVATTGFDRVEIRRFTSASER
IVDFSDGSVLRANDLNVSQLQSAHIAEEARDAALLAMPEDDAGNLDARNRKIVRLAPGEAGTDAINKNQLDTTLGEAGGI
LSEVKDLQKDMEDYLQNWGDDTTAIRGVLWVYNQGSAVGGETSFVITKEGPVLAVPYIEINGSRQYRGWHYEYDLGSKTI
TLAKPLSAGDLVVCTTAETTLPLADSLAGPTGASQIGTANGLNVQIALDNLRSGVNVLDFMTFAERAAVLNYTGTNDNSE
AFRKAFATGSRQIIVPPGRYHVKDVEIPSKVKLFGTYSYKPYNVTSDASFGTDGTIIRKVAGADNMFLWNTACAAEGVMF
DGRDRTSPAIQSKSGGKISVGFFKCGFYRFDRVGNRRGAYIGCSFQFCNFNQNNIGIYNTVDGNHIGCTINANKSHGVML
ETGANSNTFTNCRNEWNEGDNWNFYGATSIQVINELCDRAFGYGFRISNSSVTLINVNIRRSARTAASGAASAQIYFESS
TLKMIGVNSSVGGDDTGGSITEPSPDYFFRMAGTSEGRLEISDSRLTGYTVGLISGTARPSVIRVINSPGWEDTINEGVA
RISGGRPYIGTMPTATGPANVSPAVLGLSCGGVNTYDNDMFDIHLTIRNTNNGGHNGAILTVLLYREGGAARATIVRVDS
RSNAVGEGDVNSTSADPQQVYQVSVEVTSNDASTFNLLVSTKSDNSASYRFRAKVKP
;
_entity_poly.pdbx_strand_id   A,B,C
#
# COMPACT_ATOMS: atom_id res chain seq x y z
N SER A 266 37.23 -47.89 31.71
CA SER A 266 37.99 -47.80 30.48
C SER A 266 37.24 -46.99 29.43
N LEU A 267 36.03 -47.44 29.09
CA LEU A 267 35.19 -46.73 28.13
C LEU A 267 34.29 -45.68 28.78
N ALA A 268 34.25 -45.63 30.10
CA ALA A 268 33.41 -44.67 30.80
C ALA A 268 34.14 -43.37 31.12
N GLY A 269 35.41 -43.25 30.74
CA GLY A 269 36.19 -42.07 31.03
C GLY A 269 35.96 -40.94 30.05
N PRO A 270 36.79 -39.90 30.14
CA PRO A 270 36.62 -38.76 29.21
C PRO A 270 36.81 -39.13 27.76
N THR A 271 37.66 -40.10 27.44
CA THR A 271 37.95 -40.48 26.06
C THR A 271 37.19 -41.72 25.61
N GLY A 272 36.12 -42.07 26.32
CA GLY A 272 35.39 -43.28 25.96
C GLY A 272 34.65 -43.17 24.64
N ALA A 273 34.07 -42.00 24.36
CA ALA A 273 33.25 -41.86 23.16
C ALA A 273 34.08 -42.01 21.89
N SER A 274 35.30 -41.47 21.88
CA SER A 274 36.13 -41.47 20.68
C SER A 274 36.65 -42.85 20.31
N GLN A 275 36.47 -43.85 21.18
CA GLN A 275 37.02 -45.18 20.92
C GLN A 275 36.06 -46.10 20.19
N ILE A 276 34.87 -45.64 19.84
CA ILE A 276 33.87 -46.45 19.16
C ILE A 276 33.63 -45.85 17.76
N GLY A 277 33.97 -46.61 16.73
CA GLY A 277 33.80 -46.14 15.37
C GLY A 277 32.38 -46.28 14.86
N THR A 278 32.13 -45.68 13.70
CA THR A 278 30.82 -45.69 13.06
C THR A 278 30.95 -46.24 11.64
N ALA A 279 29.81 -46.38 10.97
CA ALA A 279 29.79 -46.95 9.62
C ALA A 279 30.42 -45.99 8.62
N ASN A 280 30.30 -44.69 8.84
CA ASN A 280 30.84 -43.71 7.90
C ASN A 280 32.36 -43.78 7.84
N GLY A 281 33.02 -44.05 8.96
CA GLY A 281 34.47 -44.08 9.03
C GLY A 281 35.06 -43.20 10.11
N LEU A 282 34.24 -42.48 10.87
CA LEU A 282 34.69 -41.61 11.95
C LEU A 282 33.95 -41.99 13.23
N ASN A 283 34.65 -41.91 14.36
CA ASN A 283 34.14 -42.46 15.60
C ASN A 283 32.95 -41.64 16.12
N VAL A 284 32.44 -42.06 17.28
CA VAL A 284 31.20 -41.50 17.80
C VAL A 284 31.39 -40.05 18.23
N GLN A 285 32.57 -39.72 18.76
CA GLN A 285 32.78 -38.40 19.35
C GLN A 285 32.63 -37.29 18.30
N ILE A 286 33.36 -37.40 17.19
CA ILE A 286 33.22 -36.41 16.13
C ILE A 286 31.84 -36.51 15.48
N ALA A 287 31.24 -37.70 15.47
CA ALA A 287 29.88 -37.83 14.96
C ALA A 287 28.91 -36.96 15.75
N LEU A 288 29.04 -36.97 17.08
CA LEU A 288 28.23 -36.09 17.92
C LEU A 288 28.63 -34.63 17.76
N ASP A 289 29.92 -34.36 17.58
CA ASP A 289 30.39 -32.97 17.48
C ASP A 289 29.88 -32.30 16.20
N ASN A 290 29.75 -33.06 15.10
CA ASN A 290 29.27 -32.48 13.86
C ASN A 290 27.77 -32.20 13.90
N LEU A 291 27.01 -33.00 14.65
CA LEU A 291 25.56 -32.85 14.65
C LEU A 291 25.10 -31.55 15.31
N ARG A 292 25.88 -31.03 16.25
CA ARG A 292 25.49 -29.82 16.97
C ARG A 292 25.90 -28.59 16.18
N SER A 293 25.01 -27.59 16.15
CA SER A 293 25.29 -26.31 15.51
C SER A 293 25.95 -25.34 16.47
N GLY A 294 25.47 -25.27 17.71
CA GLY A 294 26.06 -24.42 18.72
C GLY A 294 26.20 -25.17 20.03
N VAL A 295 26.81 -24.49 21.00
CA VAL A 295 27.01 -25.09 22.32
C VAL A 295 25.68 -25.17 23.05
N ASN A 296 25.36 -26.37 23.57
CA ASN A 296 24.10 -26.58 24.25
C ASN A 296 24.21 -26.14 25.71
N VAL A 297 23.20 -25.39 26.17
CA VAL A 297 23.21 -24.94 27.56
C VAL A 297 23.00 -26.10 28.51
N LEU A 298 22.14 -27.05 28.17
CA LEU A 298 21.85 -28.18 29.05
C LEU A 298 23.09 -29.00 29.38
N ASP A 299 24.13 -28.92 28.54
CA ASP A 299 25.37 -29.62 28.84
C ASP A 299 25.97 -29.16 30.15
N PHE A 300 25.86 -27.87 30.45
CA PHE A 300 26.40 -27.31 31.69
C PHE A 300 25.36 -27.29 32.80
N MET A 301 24.74 -28.43 33.07
CA MET A 301 23.68 -28.50 34.06
C MET A 301 23.76 -29.81 34.83
N THR A 302 23.30 -29.77 36.07
CA THR A 302 23.21 -30.95 36.91
C THR A 302 22.08 -31.85 36.42
N PHE A 303 22.14 -33.13 36.80
CA PHE A 303 21.14 -34.09 36.36
C PHE A 303 19.74 -33.68 36.82
N ALA A 304 19.58 -33.42 38.13
CA ALA A 304 18.27 -33.06 38.65
C ALA A 304 17.79 -31.73 38.08
N GLU A 305 18.69 -30.74 37.98
CA GLU A 305 18.33 -29.45 37.44
C GLU A 305 17.90 -29.56 35.98
N ARG A 306 18.64 -30.35 35.19
CA ARG A 306 18.29 -30.55 33.79
C ARG A 306 16.95 -31.28 33.66
N ALA A 307 16.71 -32.27 34.52
CA ALA A 307 15.44 -32.97 34.49
C ALA A 307 14.28 -32.03 34.82
N ALA A 308 14.47 -31.16 35.81
CA ALA A 308 13.45 -30.18 36.14
C ALA A 308 13.21 -29.21 34.99
N VAL A 309 14.28 -28.82 34.30
CA VAL A 309 14.15 -27.94 33.14
C VAL A 309 13.32 -28.60 32.06
N LEU A 310 13.64 -29.86 31.74
CA LEU A 310 12.91 -30.58 30.71
C LEU A 310 11.51 -30.97 31.15
N ASN A 311 11.22 -30.91 32.44
CA ASN A 311 9.90 -31.30 32.96
C ASN A 311 9.02 -30.12 33.34
N TYR A 312 9.52 -28.88 33.22
CA TYR A 312 8.75 -27.67 33.49
C TYR A 312 8.16 -27.66 34.90
N THR A 313 8.94 -28.04 35.92
CA THR A 313 8.40 -28.22 37.27
C THR A 313 8.92 -27.19 38.25
N GLY A 314 10.25 -27.08 38.41
CA GLY A 314 10.83 -26.25 39.43
C GLY A 314 11.53 -25.01 38.90
N THR A 315 11.61 -24.00 39.77
CA THR A 315 12.32 -22.77 39.44
C THR A 315 13.81 -23.04 39.24
N ASN A 316 14.49 -23.45 40.30
CA ASN A 316 15.87 -23.95 40.33
C ASN A 316 16.92 -22.89 40.00
N ASP A 317 16.53 -21.70 39.56
CA ASP A 317 17.45 -20.57 39.36
C ASP A 317 18.71 -21.00 38.60
N ASN A 318 18.51 -21.40 37.34
CA ASN A 318 19.61 -21.92 36.52
C ASN A 318 20.26 -20.80 35.71
N SER A 319 21.04 -19.98 36.41
CA SER A 319 21.79 -18.92 35.75
C SER A 319 23.23 -19.31 35.47
N GLU A 320 23.78 -20.23 36.28
CA GLU A 320 25.18 -20.63 36.09
C GLU A 320 25.39 -21.36 34.78
N ALA A 321 24.40 -22.14 34.33
CA ALA A 321 24.51 -22.80 33.04
C ALA A 321 24.65 -21.77 31.92
N PHE A 322 23.82 -20.73 31.95
CA PHE A 322 23.92 -19.67 30.94
C PHE A 322 25.24 -18.92 31.04
N ARG A 323 25.70 -18.64 32.27
CA ARG A 323 26.97 -17.94 32.43
C ARG A 323 28.11 -18.75 31.85
N LYS A 324 28.15 -20.06 32.12
CA LYS A 324 29.22 -20.90 31.59
C LYS A 324 29.12 -21.06 30.08
N ALA A 325 27.89 -21.16 29.55
CA ALA A 325 27.73 -21.24 28.09
C ALA A 325 28.23 -19.97 27.42
N PHE A 326 27.94 -18.80 28.00
CA PHE A 326 28.46 -17.56 27.45
C PHE A 326 29.98 -17.49 27.58
N ALA A 327 30.52 -17.93 28.72
CA ALA A 327 31.96 -17.92 28.92
C ALA A 327 32.69 -18.93 28.05
N THR A 328 31.98 -19.89 27.46
CA THR A 328 32.62 -20.80 26.50
C THR A 328 33.22 -20.04 25.33
N GLY A 329 32.52 -19.01 24.86
CA GLY A 329 33.00 -18.20 23.75
C GLY A 329 32.36 -18.50 22.41
N SER A 330 31.34 -19.36 22.36
CA SER A 330 30.68 -19.67 21.11
C SER A 330 29.60 -18.62 20.82
N ARG A 331 29.56 -18.15 19.57
CA ARG A 331 28.59 -17.13 19.20
C ARG A 331 27.17 -17.66 19.12
N GLN A 332 26.99 -18.99 19.11
CA GLN A 332 25.68 -19.61 18.98
C GLN A 332 25.35 -20.37 20.25
N ILE A 333 24.21 -20.06 20.84
CA ILE A 333 23.73 -20.69 22.06
C ILE A 333 22.41 -21.38 21.74
N ILE A 334 22.31 -22.67 22.03
CA ILE A 334 21.13 -23.46 21.75
C ILE A 334 20.39 -23.69 23.07
N VAL A 335 19.16 -23.19 23.15
CA VAL A 335 18.30 -23.41 24.31
C VAL A 335 17.22 -24.40 23.92
N PRO A 336 17.25 -25.62 24.46
CA PRO A 336 16.20 -26.60 24.15
C PRO A 336 14.87 -26.19 24.77
N PRO A 337 13.77 -26.88 24.43
CA PRO A 337 12.44 -26.43 24.84
C PRO A 337 12.16 -26.38 26.34
N GLY A 338 13.16 -26.65 27.18
CA GLY A 338 12.94 -26.63 28.62
C GLY A 338 12.65 -25.24 29.15
N ARG A 339 12.20 -25.21 30.41
CA ARG A 339 11.88 -23.96 31.11
C ARG A 339 13.05 -23.54 31.98
N TYR A 340 13.46 -22.27 31.84
CA TYR A 340 14.64 -21.75 32.51
C TYR A 340 14.26 -20.62 33.45
N HIS A 341 15.19 -20.32 34.37
CA HIS A 341 15.03 -19.21 35.30
C HIS A 341 16.37 -18.54 35.50
N VAL A 342 16.53 -17.34 34.94
CA VAL A 342 17.82 -16.65 34.93
C VAL A 342 17.74 -15.41 35.79
N LYS A 343 18.90 -14.88 36.15
CA LYS A 343 18.99 -13.70 37.02
C LYS A 343 20.22 -12.89 36.65
N ASP A 344 20.01 -11.80 35.93
CA ASP A 344 21.05 -10.78 35.69
C ASP A 344 22.29 -11.39 35.03
N VAL A 345 22.07 -12.15 33.96
CA VAL A 345 23.15 -12.76 33.20
C VAL A 345 23.37 -11.94 31.94
N GLU A 346 24.58 -11.40 31.78
CA GLU A 346 24.89 -10.57 30.63
C GLU A 346 25.17 -11.43 29.41
N ILE A 347 24.59 -11.04 28.28
CA ILE A 347 24.79 -11.74 27.01
C ILE A 347 25.91 -11.03 26.26
N PRO A 348 27.01 -11.71 25.95
CA PRO A 348 28.08 -11.07 25.18
C PRO A 348 27.64 -10.74 23.77
N SER A 349 28.42 -9.88 23.11
CA SER A 349 28.04 -9.34 21.81
C SER A 349 28.03 -10.44 20.74
N LYS A 350 27.14 -10.27 19.76
CA LYS A 350 27.03 -11.15 18.60
C LYS A 350 26.68 -12.59 19.00
N VAL A 351 25.96 -12.74 20.11
CA VAL A 351 25.55 -14.05 20.62
C VAL A 351 24.05 -14.20 20.38
N LYS A 352 23.66 -15.32 19.77
CA LYS A 352 22.28 -15.58 19.41
C LYS A 352 21.77 -16.80 20.17
N LEU A 353 20.52 -16.73 20.62
CA LEU A 353 19.88 -17.82 21.35
C LEU A 353 18.88 -18.50 20.42
N PHE A 354 19.13 -19.77 20.09
CA PHE A 354 18.28 -20.53 19.20
C PHE A 354 17.31 -21.39 20.02
N GLY A 355 16.02 -21.17 19.82
CA GLY A 355 15.01 -21.94 20.52
C GLY A 355 13.89 -22.33 19.58
N THR A 356 13.17 -23.37 19.97
CA THR A 356 12.04 -23.90 19.20
C THR A 356 10.79 -23.83 20.05
N TYR A 357 9.72 -23.29 19.49
CA TYR A 357 8.44 -23.18 20.18
C TYR A 357 7.39 -23.98 19.44
N SER A 358 6.49 -24.60 20.20
CA SER A 358 5.37 -25.34 19.62
C SER A 358 4.07 -24.57 19.70
N TYR A 359 3.91 -23.70 20.69
CA TYR A 359 2.70 -22.93 20.87
C TYR A 359 3.02 -21.65 21.63
N LYS A 360 2.70 -20.51 21.03
CA LYS A 360 2.86 -19.22 21.68
C LYS A 360 1.51 -18.74 22.18
N PRO A 361 1.29 -18.64 23.49
CA PRO A 361 -0.04 -18.29 24.00
C PRO A 361 -0.52 -16.95 23.49
N TYR A 362 -1.81 -16.88 23.17
CA TYR A 362 -2.41 -15.63 22.74
C TYR A 362 -2.58 -14.66 23.90
N ASN A 363 -3.13 -15.15 25.01
CA ASN A 363 -3.38 -14.32 26.19
C ASN A 363 -2.94 -15.09 27.42
N VAL A 364 -1.98 -14.54 28.15
CA VAL A 364 -1.43 -15.14 29.35
C VAL A 364 -2.09 -14.44 30.53
N THR A 365 -3.19 -15.01 31.02
CA THR A 365 -3.91 -14.42 32.14
C THR A 365 -3.43 -14.94 33.49
N SER A 366 -2.96 -16.17 33.56
CA SER A 366 -2.51 -16.77 34.80
C SER A 366 -1.13 -17.40 34.60
N ASP A 367 -0.48 -17.72 35.72
CA ASP A 367 0.86 -18.32 35.66
C ASP A 367 0.84 -19.66 34.94
N ALA A 368 -0.29 -20.36 34.97
CA ALA A 368 -0.42 -21.66 34.33
C ALA A 368 -0.85 -21.56 32.88
N SER A 369 -0.73 -20.38 32.27
CA SER A 369 -1.06 -20.25 30.85
C SER A 369 -0.10 -21.04 29.98
N PHE A 370 1.19 -21.02 30.30
CA PHE A 370 2.15 -21.81 29.56
C PHE A 370 2.06 -23.27 29.96
N GLY A 371 2.14 -24.15 28.97
CA GLY A 371 2.23 -25.58 29.21
C GLY A 371 3.60 -26.09 28.89
N THR A 372 3.69 -27.25 28.23
CA THR A 372 4.97 -27.72 27.72
C THR A 372 5.51 -26.76 26.67
N ASP A 373 4.79 -26.63 25.56
CA ASP A 373 5.05 -25.63 24.50
C ASP A 373 6.52 -25.71 24.10
N GLY A 374 7.21 -24.58 23.93
CA GLY A 374 8.61 -24.60 23.55
C GLY A 374 9.52 -24.06 24.63
N THR A 375 10.61 -23.42 24.24
CA THR A 375 11.57 -22.91 25.22
C THR A 375 11.02 -21.68 25.92
N ILE A 376 11.10 -21.69 27.25
CA ILE A 376 10.63 -20.59 28.08
C ILE A 376 11.77 -20.16 29.00
N ILE A 377 12.09 -18.86 28.99
CA ILE A 377 13.07 -18.30 29.90
C ILE A 377 12.35 -17.32 30.81
N ARG A 378 12.41 -17.57 32.10
CA ARG A 378 11.64 -16.82 33.09
C ARG A 378 12.58 -16.09 34.05
N LYS A 379 12.12 -14.93 34.51
CA LYS A 379 12.81 -14.24 35.60
C LYS A 379 12.53 -14.97 36.91
N VAL A 380 13.51 -14.94 37.81
CA VAL A 380 13.45 -15.72 39.05
C VAL A 380 13.19 -14.78 40.22
N ALA A 381 12.18 -15.11 41.02
CA ALA A 381 11.85 -14.44 42.28
C ALA A 381 11.71 -12.93 42.01
N GLY A 382 12.39 -12.07 42.77
CA GLY A 382 12.29 -10.64 42.57
C GLY A 382 13.52 -10.03 41.95
N ALA A 383 14.10 -10.71 40.98
CA ALA A 383 15.27 -10.19 40.28
C ALA A 383 14.90 -8.92 39.52
N ASP A 384 15.85 -7.98 39.44
CA ASP A 384 15.60 -6.74 38.73
C ASP A 384 15.74 -6.88 37.22
N ASN A 385 16.29 -7.98 36.74
CA ASN A 385 16.42 -8.23 35.31
C ASN A 385 16.65 -9.73 35.08
N MET A 386 16.46 -10.15 33.83
CA MET A 386 16.81 -11.51 33.43
C MET A 386 17.98 -11.56 32.47
N PHE A 387 18.09 -10.60 31.56
CA PHE A 387 19.17 -10.55 30.60
C PHE A 387 19.69 -9.13 30.49
N LEU A 388 21.00 -8.99 30.33
CA LEU A 388 21.65 -7.71 30.08
C LEU A 388 22.30 -7.78 28.71
N TRP A 389 21.63 -7.23 27.71
CA TRP A 389 22.00 -7.42 26.32
C TRP A 389 23.12 -6.49 25.90
N ASN A 390 23.88 -6.91 24.90
CA ASN A 390 24.92 -6.13 24.27
C ASN A 390 24.64 -6.00 22.78
N THR A 391 25.53 -5.31 22.07
CA THR A 391 25.32 -5.04 20.65
C THR A 391 25.32 -6.34 19.86
N ALA A 392 24.47 -6.38 18.83
CA ALA A 392 24.38 -7.46 17.85
C ALA A 392 23.87 -8.77 18.42
N CYS A 393 23.22 -8.75 19.58
CA CYS A 393 22.60 -9.96 20.11
C CYS A 393 21.31 -10.26 19.34
N ALA A 394 20.80 -11.48 19.53
CA ALA A 394 19.59 -11.90 18.84
C ALA A 394 18.99 -13.09 19.59
N ALA A 395 17.86 -13.58 19.08
CA ALA A 395 17.18 -14.74 19.65
C ALA A 395 16.08 -15.18 18.69
N GLU A 396 15.79 -16.49 18.71
CA GLU A 396 14.72 -17.08 17.91
C GLU A 396 13.93 -18.06 18.75
N GLY A 397 12.62 -18.09 18.52
CA GLY A 397 11.76 -19.11 19.11
C GLY A 397 11.65 -19.07 20.61
N VAL A 398 12.10 -18.00 21.25
CA VAL A 398 12.15 -17.90 22.71
C VAL A 398 10.96 -17.10 23.20
N MET A 399 10.31 -17.58 24.24
CA MET A 399 9.20 -16.86 24.88
C MET A 399 9.70 -16.32 26.22
N PHE A 400 10.23 -15.10 26.18
CA PHE A 400 10.68 -14.42 27.38
C PHE A 400 9.51 -14.05 28.27
N ASP A 401 9.66 -14.29 29.57
CA ASP A 401 8.61 -14.02 30.54
C ASP A 401 9.21 -13.54 31.84
N GLY A 402 8.74 -12.40 32.33
CA GLY A 402 9.09 -11.92 33.65
C GLY A 402 7.85 -11.79 34.50
N ARG A 403 7.74 -12.58 35.57
CA ARG A 403 6.48 -12.68 36.30
C ARG A 403 6.00 -11.32 36.79
N ASP A 404 6.90 -10.55 37.41
CA ASP A 404 6.55 -9.19 37.81
C ASP A 404 6.53 -8.27 36.59
N ARG A 405 5.69 -7.26 36.66
CA ARG A 405 5.62 -6.27 35.58
C ARG A 405 6.81 -5.31 35.61
N THR A 406 7.80 -5.55 36.47
CA THR A 406 9.04 -4.79 36.47
C THR A 406 10.04 -5.44 35.51
N SER A 407 11.32 -5.06 35.63
CA SER A 407 12.41 -5.70 34.88
C SER A 407 12.20 -5.56 33.38
N PRO A 408 12.43 -4.36 32.82
CA PRO A 408 12.21 -4.16 31.38
C PRO A 408 13.05 -5.11 30.54
N ALA A 409 12.44 -5.64 29.49
CA ALA A 409 13.14 -6.56 28.61
C ALA A 409 14.06 -5.80 27.67
N ILE A 410 15.06 -6.52 27.14
CA ILE A 410 16.06 -5.97 26.23
C ILE A 410 16.72 -4.78 26.93
N GLN A 411 17.13 -4.99 28.18
CA GLN A 411 17.80 -3.95 28.96
C GLN A 411 19.30 -4.11 28.77
N SER A 412 19.93 -3.12 28.14
CA SER A 412 21.36 -3.17 27.90
C SER A 412 22.14 -2.97 29.19
N LYS A 413 23.30 -3.63 29.27
CA LYS A 413 24.18 -3.44 30.42
C LYS A 413 24.67 -2.00 30.52
N SER A 414 25.08 -1.43 29.39
CA SER A 414 25.52 -0.05 29.31
C SER A 414 24.36 0.81 28.82
N GLY A 415 24.17 1.97 29.45
CA GLY A 415 23.04 2.82 29.11
C GLY A 415 23.22 3.54 27.78
N GLY A 416 23.21 2.77 26.69
CA GLY A 416 23.35 3.34 25.36
C GLY A 416 22.53 2.54 24.38
N LYS A 417 22.46 3.06 23.16
CA LYS A 417 21.69 2.40 22.10
C LYS A 417 22.33 1.07 21.74
N ILE A 418 21.51 0.03 21.62
CA ILE A 418 21.96 -1.31 21.32
C ILE A 418 21.14 -1.85 20.15
N SER A 419 21.82 -2.43 19.16
CA SER A 419 21.16 -2.98 17.98
C SER A 419 21.06 -4.50 18.15
N VAL A 420 19.83 -4.99 18.24
CA VAL A 420 19.55 -6.42 18.36
C VAL A 420 18.51 -6.80 17.31
N GLY A 421 18.07 -8.06 17.36
CA GLY A 421 17.07 -8.54 16.43
C GLY A 421 16.41 -9.83 16.90
N PHE A 422 15.09 -9.92 16.74
CA PHE A 422 14.33 -11.08 17.20
C PHE A 422 13.43 -11.54 16.07
N PHE A 423 13.74 -12.71 15.48
CA PHE A 423 12.95 -13.20 14.37
C PHE A 423 11.58 -13.66 14.82
N LYS A 424 11.54 -14.68 15.68
CA LYS A 424 10.29 -15.18 16.26
C LYS A 424 10.49 -15.32 17.75
N CYS A 425 9.88 -14.42 18.51
CA CYS A 425 10.00 -14.43 19.96
C CYS A 425 8.71 -13.89 20.56
N GLY A 426 8.50 -14.18 21.84
CA GLY A 426 7.33 -13.70 22.52
C GLY A 426 7.64 -13.10 23.87
N PHE A 427 7.34 -11.81 24.06
CA PHE A 427 7.66 -11.11 25.30
C PHE A 427 6.39 -10.99 26.14
N TYR A 428 6.45 -11.49 27.38
CA TYR A 428 5.28 -11.52 28.24
C TYR A 428 5.59 -10.87 29.58
N ARG A 429 4.63 -10.07 30.06
CA ARG A 429 4.63 -9.54 31.43
C ARG A 429 5.85 -8.68 31.74
N PHE A 430 6.39 -7.98 30.75
CA PHE A 430 7.52 -7.10 30.97
C PHE A 430 7.05 -5.66 31.19
N ASP A 431 7.91 -4.88 31.85
CA ASP A 431 7.63 -3.45 31.96
C ASP A 431 7.64 -2.77 30.61
N ARG A 432 8.61 -3.13 29.76
CA ARG A 432 8.76 -2.58 28.43
C ARG A 432 9.87 -3.38 27.74
N VAL A 433 9.73 -3.55 26.43
CA VAL A 433 10.78 -4.21 25.64
C VAL A 433 11.73 -3.11 25.19
N GLY A 434 12.64 -2.76 26.08
CA GLY A 434 13.54 -1.65 25.85
C GLY A 434 14.36 -1.42 27.11
N ASN A 435 15.45 -0.69 26.94
CA ASN A 435 16.47 -0.56 27.98
C ASN A 435 16.30 0.72 28.78
N ARG A 436 16.35 0.58 30.12
CA ARG A 436 16.56 1.63 31.10
C ARG A 436 15.48 2.70 31.10
N ARG A 437 14.36 2.50 30.39
CA ARG A 437 13.19 3.38 30.45
C ARG A 437 13.47 4.72 29.78
N GLY A 438 14.71 4.98 29.38
CA GLY A 438 15.04 6.27 28.81
C GLY A 438 16.01 6.19 27.64
N ALA A 439 16.37 4.99 27.23
CA ALA A 439 17.30 4.79 26.12
C ALA A 439 16.61 3.99 25.02
N TYR A 440 17.26 3.96 23.86
CA TYR A 440 16.70 3.36 22.66
C TYR A 440 17.44 2.09 22.28
N ILE A 441 16.78 1.26 21.48
CA ILE A 441 17.37 0.05 20.92
C ILE A 441 17.10 0.04 19.42
N GLY A 442 18.13 -0.22 18.63
CA GLY A 442 17.99 -0.27 17.19
C GLY A 442 17.67 -1.65 16.67
N CYS A 443 16.46 -2.12 16.92
CA CYS A 443 16.07 -3.48 16.60
C CYS A 443 14.85 -3.50 15.69
N SER A 444 14.58 -4.67 15.13
CA SER A 444 13.43 -4.90 14.26
C SER A 444 12.82 -6.26 14.59
N PHE A 445 11.66 -6.24 15.22
CA PHE A 445 10.93 -7.46 15.59
C PHE A 445 10.15 -7.95 14.38
N GLN A 446 10.71 -8.93 13.67
CA GLN A 446 10.11 -9.36 12.41
C GLN A 446 8.78 -10.08 12.65
N PHE A 447 8.76 -11.06 13.55
CA PHE A 447 7.54 -11.80 13.87
C PHE A 447 7.54 -12.05 15.37
N CYS A 448 6.88 -11.18 16.13
CA CYS A 448 6.92 -11.29 17.58
C CYS A 448 5.52 -11.13 18.15
N ASN A 449 5.39 -11.48 19.43
CA ASN A 449 4.12 -11.42 20.16
C ASN A 449 4.37 -10.69 21.47
N PHE A 450 3.77 -9.51 21.61
CA PHE A 450 3.94 -8.68 22.79
C PHE A 450 2.62 -8.72 23.58
N ASN A 451 2.64 -9.40 24.71
CA ASN A 451 1.44 -9.69 25.48
C ASN A 451 1.64 -9.36 26.95
N GLN A 452 0.60 -8.82 27.57
CA GLN A 452 0.50 -8.57 29.01
C GLN A 452 1.64 -7.70 29.54
N ASN A 453 2.37 -7.01 28.68
CA ASN A 453 3.40 -6.10 29.14
C ASN A 453 2.78 -4.80 29.65
N ASN A 454 3.65 -3.91 30.13
CA ASN A 454 3.22 -2.54 30.41
C ASN A 454 3.44 -1.64 29.21
N ILE A 455 4.39 -1.98 28.34
CA ILE A 455 4.61 -1.25 27.09
C ILE A 455 4.95 -2.27 26.01
N GLY A 456 4.14 -2.31 24.96
CA GLY A 456 4.30 -3.33 23.94
C GLY A 456 5.61 -3.22 23.19
N ILE A 457 5.97 -2.02 22.77
CA ILE A 457 7.26 -1.76 22.10
C ILE A 457 7.78 -0.42 22.60
N TYR A 458 9.08 -0.37 22.90
CA TYR A 458 9.69 0.80 23.51
C TYR A 458 10.86 1.30 22.67
N ASN A 459 10.70 2.51 22.12
CA ASN A 459 11.82 3.32 21.63
C ASN A 459 12.69 2.58 20.62
N THR A 460 12.06 1.84 19.72
CA THR A 460 12.81 1.22 18.63
C THR A 460 13.21 2.26 17.60
N VAL A 461 14.47 2.19 17.17
CA VAL A 461 15.05 3.15 16.24
C VAL A 461 15.47 2.40 14.98
N ASP A 462 15.14 2.96 13.82
CA ASP A 462 15.47 2.36 12.52
C ASP A 462 14.91 0.95 12.42
N GLY A 463 13.69 0.75 12.91
CA GLY A 463 13.08 -0.57 12.99
C GLY A 463 12.20 -0.85 11.79
N ASN A 464 12.22 -2.11 11.36
CA ASN A 464 11.37 -2.60 10.27
C ASN A 464 10.67 -3.85 10.78
N HIS A 465 9.47 -3.69 11.33
CA HIS A 465 8.74 -4.75 12.00
C HIS A 465 7.77 -5.36 11.00
N ILE A 466 7.96 -6.64 10.69
CA ILE A 466 7.22 -7.25 9.60
C ILE A 466 5.81 -7.64 10.03
N GLY A 467 5.70 -8.55 10.99
CA GLY A 467 4.41 -9.12 11.33
C GLY A 467 4.14 -9.29 12.81
N CYS A 468 4.47 -8.29 13.60
CA CYS A 468 4.32 -8.39 15.04
C CYS A 468 2.91 -8.48 15.48
N THR A 469 2.72 -8.91 16.71
CA THR A 469 1.36 -8.93 17.24
C THR A 469 1.37 -8.33 18.63
N ILE A 470 0.56 -7.29 18.83
CA ILE A 470 0.45 -6.61 20.12
C ILE A 470 -0.90 -6.97 20.71
N ASN A 471 -0.87 -7.80 21.75
CA ASN A 471 -2.08 -8.28 22.41
C ASN A 471 -2.46 -7.32 23.53
N ALA A 472 -3.37 -7.73 24.42
CA ALA A 472 -3.80 -6.89 25.52
C ALA A 472 -2.65 -6.60 26.46
N ASN A 473 -2.10 -5.39 26.39
CA ASN A 473 -1.01 -4.95 27.23
C ASN A 473 -1.51 -3.93 28.25
N LYS A 474 -1.09 -4.07 29.49
CA LYS A 474 -1.33 -3.02 30.46
C LYS A 474 -0.65 -1.74 30.02
N SER A 475 -1.16 -0.57 30.33
CA SER A 475 -0.49 0.65 29.87
C SER A 475 -0.57 0.88 28.37
N HIS A 476 0.32 1.71 27.83
CA HIS A 476 0.24 2.16 26.42
C HIS A 476 0.29 1.22 25.28
N GLY A 477 1.15 0.27 25.37
CA GLY A 477 1.30 -0.63 24.23
C GLY A 477 2.54 -0.27 23.43
N VAL A 478 2.37 -0.02 22.13
CA VAL A 478 3.48 0.45 21.31
C VAL A 478 3.66 1.95 21.56
N MET A 479 4.74 2.31 22.24
CA MET A 479 5.00 3.70 22.56
C MET A 479 6.40 4.07 22.12
N LEU A 480 6.50 5.19 21.41
CA LEU A 480 7.77 5.73 20.94
C LEU A 480 7.92 7.16 21.43
N GLU A 481 9.14 7.52 21.80
CA GLU A 481 9.45 8.86 22.29
C GLU A 481 10.41 9.54 21.32
N THR A 482 10.82 10.72 21.74
CA THR A 482 11.64 11.57 20.94
C THR A 482 12.92 10.93 20.59
N GLY A 483 13.34 11.09 19.37
CA GLY A 483 14.58 10.52 18.91
C GLY A 483 14.47 9.17 18.25
N ALA A 484 13.38 8.48 18.58
CA ALA A 484 13.12 7.15 18.08
C ALA A 484 12.58 7.32 16.71
N ASN A 485 13.29 8.21 16.02
CA ASN A 485 13.04 8.57 14.66
C ASN A 485 13.29 7.37 13.80
N SER A 486 12.30 7.11 12.96
CA SER A 486 12.25 6.02 11.99
C SER A 486 11.58 4.83 12.62
N ASN A 487 10.84 4.12 11.81
CA ASN A 487 10.14 2.93 12.26
C ASN A 487 9.04 2.60 11.27
N THR A 488 8.96 1.35 10.86
CA THR A 488 7.94 0.87 9.95
C THR A 488 7.28 -0.36 10.56
N PHE A 489 5.95 -0.38 10.57
CA PHE A 489 5.15 -1.49 11.09
C PHE A 489 4.28 -2.00 9.95
N THR A 490 4.79 -2.98 9.21
CA THR A 490 4.14 -3.40 7.97
C THR A 490 2.78 -4.06 8.23
N ASN A 491 2.74 -5.05 9.13
CA ASN A 491 1.52 -5.83 9.30
C ASN A 491 1.18 -6.10 10.76
N CYS A 492 1.63 -5.25 11.66
CA CYS A 492 1.34 -5.47 13.05
C CYS A 492 -0.11 -5.36 13.34
N ARG A 493 -0.55 -6.06 14.37
CA ARG A 493 -1.94 -5.94 14.79
C ARG A 493 -1.99 -5.59 16.27
N ASN A 494 -2.86 -4.66 16.64
CA ASN A 494 -3.01 -4.22 18.02
C ASN A 494 -4.34 -4.70 18.57
N GLU A 495 -4.28 -5.49 19.63
CA GLU A 495 -5.47 -6.02 20.30
C GLU A 495 -5.87 -5.08 21.43
N TRP A 496 -6.73 -5.55 22.33
CA TRP A 496 -7.33 -4.67 23.33
C TRP A 496 -6.30 -4.19 24.35
N ASN A 497 -5.44 -3.27 23.96
CA ASN A 497 -4.45 -2.73 24.88
C ASN A 497 -5.13 -1.91 25.98
N GLU A 498 -4.81 -2.21 27.23
CA GLU A 498 -5.37 -1.49 28.37
C GLU A 498 -4.64 -0.15 28.54
N GLY A 499 -4.85 0.72 27.55
CA GLY A 499 -4.20 2.02 27.57
C GLY A 499 -4.31 2.81 26.28
N ASP A 500 -3.17 3.30 25.80
CA ASP A 500 -3.12 4.26 24.70
C ASP A 500 -2.87 3.62 23.35
N ASN A 501 -2.56 2.32 23.30
CA ASN A 501 -2.29 1.61 22.04
C ASN A 501 -1.14 2.31 21.35
N TRP A 502 -1.29 2.76 20.10
CA TRP A 502 -0.21 3.50 19.44
C TRP A 502 0.00 4.85 20.09
N ASN A 503 1.26 5.12 20.46
CA ASN A 503 1.60 6.36 21.16
C ASN A 503 2.95 6.85 20.64
N PHE A 504 2.95 7.98 19.95
CA PHE A 504 4.18 8.60 19.48
C PHE A 504 4.24 10.02 20.03
N TYR A 505 5.41 10.43 20.51
CA TYR A 505 5.58 11.76 21.07
C TYR A 505 6.56 12.61 20.27
N GLY A 506 7.77 12.13 20.04
CA GLY A 506 8.76 12.94 19.35
C GLY A 506 9.48 12.21 18.24
N ALA A 507 8.88 11.11 17.84
CA ALA A 507 9.40 10.30 16.77
C ALA A 507 9.31 11.10 15.49
N THR A 508 10.43 11.31 14.81
CA THR A 508 10.41 12.05 13.56
C THR A 508 9.68 11.31 12.50
N SER A 509 9.83 10.00 12.48
CA SER A 509 9.13 9.26 11.47
C SER A 509 8.40 8.03 11.98
N ILE A 510 7.43 7.64 11.22
CA ILE A 510 6.71 6.42 11.58
C ILE A 510 5.72 6.13 10.48
N GLN A 511 5.54 4.85 10.14
CA GLN A 511 4.54 4.47 9.16
C GLN A 511 4.01 3.08 9.48
N VAL A 512 2.71 3.00 9.73
CA VAL A 512 2.01 1.75 9.98
C VAL A 512 1.27 1.43 8.69
N ILE A 513 1.57 0.27 8.09
CA ILE A 513 1.20 0.06 6.70
C ILE A 513 -0.18 -0.55 6.56
N ASN A 514 -0.39 -1.76 7.08
CA ASN A 514 -1.54 -2.52 6.63
C ASN A 514 -2.54 -2.91 7.71
N GLU A 515 -2.07 -3.53 8.79
CA GLU A 515 -2.99 -4.22 9.68
C GLU A 515 -3.80 -3.23 10.52
N LEU A 516 -4.89 -3.74 11.10
CA LEU A 516 -5.88 -2.94 11.79
C LEU A 516 -5.43 -2.58 13.20
N CYS A 517 -6.14 -1.62 13.80
CA CYS A 517 -5.94 -1.17 15.17
C CYS A 517 -7.28 -1.33 15.89
N ASP A 518 -7.42 -2.42 16.64
CA ASP A 518 -8.70 -2.77 17.25
C ASP A 518 -8.95 -1.96 18.51
N ARG A 519 -9.93 -2.39 19.31
CA ARG A 519 -10.35 -1.63 20.48
C ARG A 519 -9.18 -1.32 21.40
N ALA A 520 -9.13 -0.07 21.86
CA ALA A 520 -8.13 0.38 22.81
C ALA A 520 -8.83 1.21 23.88
N PHE A 521 -8.19 1.30 25.05
CA PHE A 521 -8.81 1.99 26.18
C PHE A 521 -8.38 3.47 26.20
N GLY A 522 -8.67 4.15 25.11
CA GLY A 522 -8.40 5.58 25.02
C GLY A 522 -7.38 5.95 23.98
N TYR A 523 -7.80 6.70 22.96
CA TYR A 523 -6.90 7.27 21.95
C TYR A 523 -6.10 6.18 21.24
N GLY A 524 -6.82 5.35 20.48
CA GLY A 524 -6.23 4.30 19.67
C GLY A 524 -4.94 4.71 18.97
N PHE A 525 -4.87 5.96 18.53
CA PHE A 525 -3.63 6.57 18.07
C PHE A 525 -3.42 7.86 18.84
N ARG A 526 -2.20 8.09 19.29
CA ARG A 526 -1.81 9.37 19.90
C ARG A 526 -0.59 9.90 19.18
N ILE A 527 -0.68 11.10 18.62
CA ILE A 527 0.39 11.74 17.88
C ILE A 527 0.56 13.15 18.46
N SER A 528 1.76 13.43 18.98
CA SER A 528 2.01 14.67 19.71
C SER A 528 2.94 15.61 18.97
N ASN A 529 4.14 15.16 18.59
CA ASN A 529 5.08 15.97 17.82
C ASN A 529 5.79 15.13 16.77
N SER A 530 5.13 14.11 16.29
CA SER A 530 5.83 13.27 15.38
C SER A 530 5.12 13.12 14.09
N SER A 531 5.84 13.27 12.99
CA SER A 531 5.27 13.09 11.68
C SER A 531 4.99 11.62 11.54
N VAL A 532 3.87 11.24 10.97
CA VAL A 532 3.52 9.85 10.79
C VAL A 532 2.78 9.69 9.49
N THR A 533 2.58 8.46 9.07
CA THR A 533 1.76 8.11 7.91
C THR A 533 1.09 6.77 8.17
N LEU A 534 -0.19 6.68 7.80
CA LEU A 534 -0.98 5.45 7.95
C LEU A 534 -1.47 5.08 6.55
N ILE A 535 -0.98 3.96 6.03
CA ILE A 535 -1.26 3.61 4.63
C ILE A 535 -2.60 2.91 4.51
N ASN A 536 -2.80 1.83 5.26
CA ASN A 536 -4.03 1.04 5.14
C ASN A 536 -4.54 0.62 6.52
N VAL A 537 -4.25 1.41 7.54
CA VAL A 537 -4.65 1.06 8.91
C VAL A 537 -6.16 1.09 9.01
N ASN A 538 -6.73 0.05 9.61
CA ASN A 538 -8.17 -0.04 9.84
C ASN A 538 -8.41 0.24 11.32
N ILE A 539 -8.67 1.50 11.64
CA ILE A 539 -8.78 1.94 13.02
C ILE A 539 -10.20 1.61 13.50
N ARG A 540 -10.32 0.52 14.24
CA ARG A 540 -11.61 0.06 14.74
C ARG A 540 -12.00 0.89 15.96
N ARG A 541 -13.00 0.42 16.70
CA ARG A 541 -13.48 1.12 17.89
C ARG A 541 -12.33 1.46 18.83
N SER A 542 -12.53 2.48 19.65
CA SER A 542 -11.48 2.96 20.53
C SER A 542 -12.11 3.67 21.71
N ALA A 543 -11.29 3.92 22.73
CA ALA A 543 -11.69 4.64 23.93
C ALA A 543 -12.84 3.92 24.67
N ARG A 544 -12.56 2.68 25.07
CA ARG A 544 -13.49 1.96 25.92
C ARG A 544 -13.61 2.62 27.28
N THR A 545 -12.48 3.02 27.86
CA THR A 545 -12.44 3.70 29.15
C THR A 545 -11.99 5.13 28.88
N ALA A 546 -12.95 6.05 28.84
CA ALA A 546 -12.65 7.45 28.53
C ALA A 546 -13.74 8.32 29.15
N ALA A 547 -13.50 9.63 29.14
CA ALA A 547 -14.40 10.61 29.71
C ALA A 547 -15.32 11.24 28.67
N SER A 548 -15.70 10.47 27.64
CA SER A 548 -16.61 10.92 26.60
C SER A 548 -16.07 12.14 25.87
N GLY A 549 -16.62 13.31 26.18
CA GLY A 549 -16.19 14.52 25.49
C GLY A 549 -14.71 14.79 25.70
N ALA A 550 -14.03 15.14 24.61
CA ALA A 550 -12.62 15.52 24.54
C ALA A 550 -11.67 14.37 24.83
N ALA A 551 -12.18 13.15 25.07
CA ALA A 551 -11.30 12.03 25.35
C ALA A 551 -11.74 10.73 24.69
N SER A 552 -12.81 10.74 23.89
CA SER A 552 -13.29 9.53 23.23
C SER A 552 -12.94 9.49 21.75
N ALA A 553 -12.01 10.31 21.30
CA ALA A 553 -11.64 10.33 19.89
C ALA A 553 -10.77 9.14 19.54
N GLN A 554 -10.84 8.74 18.26
CA GLN A 554 -10.04 7.62 17.79
C GLN A 554 -8.58 8.00 17.60
N ILE A 555 -8.31 9.24 17.22
CA ILE A 555 -6.95 9.73 17.04
C ILE A 555 -6.80 11.05 17.79
N TYR A 556 -5.80 11.14 18.65
CA TYR A 556 -5.43 12.37 19.32
C TYR A 556 -4.29 13.00 18.52
N PHE A 557 -4.63 13.97 17.68
CA PHE A 557 -3.69 14.63 16.80
C PHE A 557 -3.28 15.96 17.42
N GLU A 558 -1.98 16.22 17.48
CA GLU A 558 -1.49 17.49 18.00
C GLU A 558 -0.20 17.87 17.31
N SER A 559 -0.09 19.13 16.90
CA SER A 559 1.17 19.80 16.54
C SER A 559 2.14 18.93 15.76
N SER A 560 1.65 18.18 14.78
CA SER A 560 2.49 17.26 14.03
C SER A 560 1.95 17.14 12.61
N THR A 561 2.63 16.34 11.81
CA THR A 561 2.21 16.06 10.43
C THR A 561 1.71 14.63 10.36
N LEU A 562 0.48 14.46 9.91
CA LEU A 562 -0.15 13.15 9.77
C LEU A 562 -0.68 12.98 8.36
N LYS A 563 -0.35 11.84 7.75
CA LYS A 563 -0.79 11.51 6.41
C LYS A 563 -1.55 10.19 6.44
N MET A 564 -2.60 10.09 5.64
CA MET A 564 -3.39 8.87 5.55
C MET A 564 -3.78 8.61 4.10
N ILE A 565 -3.72 7.35 3.68
CA ILE A 565 -3.90 6.96 2.30
C ILE A 565 -5.09 6.04 2.09
N GLY A 566 -5.28 5.06 2.99
CA GLY A 566 -6.39 4.14 2.86
C GLY A 566 -7.06 3.79 4.17
N VAL A 567 -7.03 4.71 5.12
CA VAL A 567 -7.48 4.42 6.47
C VAL A 567 -8.99 4.20 6.50
N ASN A 568 -9.42 3.16 7.22
CA ASN A 568 -10.82 2.85 7.45
C ASN A 568 -11.12 2.93 8.93
N SER A 569 -12.38 3.17 9.28
CA SER A 569 -12.76 3.30 10.67
C SER A 569 -14.20 2.85 10.85
N SER A 570 -14.53 2.48 12.09
CA SER A 570 -15.87 2.05 12.45
C SER A 570 -16.03 2.17 13.95
N VAL A 571 -17.28 2.01 14.40
CA VAL A 571 -17.62 2.05 15.82
C VAL A 571 -18.28 0.74 16.21
N GLY A 572 -18.29 0.47 17.50
CA GLY A 572 -18.94 -0.73 17.99
C GLY A 572 -18.58 -0.98 19.44
N GLY A 573 -19.15 -2.05 19.98
CA GLY A 573 -18.87 -2.50 21.33
C GLY A 573 -18.00 -3.74 21.37
N ASP A 574 -18.07 -4.44 22.49
CA ASP A 574 -17.31 -5.67 22.63
C ASP A 574 -17.85 -6.76 21.70
N ASP A 575 -17.00 -7.73 21.40
CA ASP A 575 -17.37 -8.79 20.48
C ASP A 575 -18.57 -9.58 21.00
N THR A 576 -18.48 -10.06 22.24
CA THR A 576 -19.58 -10.75 22.88
C THR A 576 -19.44 -10.60 24.38
N GLY A 577 -20.58 -10.66 25.08
CA GLY A 577 -20.56 -10.42 26.51
C GLY A 577 -20.03 -9.02 26.80
N GLY A 578 -19.05 -8.95 27.70
CA GLY A 578 -18.39 -7.69 27.98
C GLY A 578 -19.20 -6.75 28.85
N SER A 579 -18.50 -5.93 29.64
CA SER A 579 -19.20 -4.98 30.50
C SER A 579 -19.78 -3.82 29.70
N ILE A 580 -19.07 -3.39 28.66
CA ILE A 580 -19.46 -2.23 27.86
C ILE A 580 -19.91 -2.72 26.49
N THR A 581 -21.11 -2.32 26.08
CA THR A 581 -21.66 -2.70 24.78
C THR A 581 -21.99 -1.52 23.89
N GLU A 582 -22.02 -0.31 24.42
CA GLU A 582 -22.37 0.85 23.61
C GLU A 582 -21.24 1.18 22.64
N PRO A 583 -21.56 1.81 21.51
CA PRO A 583 -20.50 2.29 20.61
C PRO A 583 -19.56 3.25 21.33
N SER A 584 -18.29 2.88 21.38
CA SER A 584 -17.32 3.55 22.23
C SER A 584 -16.88 4.93 21.71
N PRO A 585 -16.33 5.05 20.50
CA PRO A 585 -15.69 6.33 20.13
C PRO A 585 -16.75 7.37 19.77
N ASP A 586 -16.74 8.48 20.51
CA ASP A 586 -17.68 9.56 20.23
C ASP A 586 -17.25 10.33 18.98
N TYR A 587 -15.95 10.63 18.86
CA TYR A 587 -15.42 11.42 17.76
C TYR A 587 -14.38 10.61 16.99
N PHE A 588 -13.76 11.26 16.02
CA PHE A 588 -12.65 10.69 15.28
C PHE A 588 -11.34 11.42 15.56
N PHE A 589 -11.35 12.75 15.58
CA PHE A 589 -10.16 13.54 15.83
C PHE A 589 -10.30 14.32 17.12
N ARG A 590 -9.20 14.40 17.87
CA ARG A 590 -9.08 15.30 19.02
C ARG A 590 -7.83 16.13 18.81
N MET A 591 -8.01 17.42 18.54
CA MET A 591 -6.91 18.34 18.28
C MET A 591 -6.75 19.30 19.44
N ALA A 592 -5.53 19.43 19.94
CA ALA A 592 -5.24 20.32 21.05
C ALA A 592 -3.86 20.93 20.84
N GLY A 593 -3.47 21.83 21.74
CA GLY A 593 -2.18 22.47 21.66
C GLY A 593 -2.16 23.58 20.63
N THR A 594 -0.95 24.12 20.43
CA THR A 594 -0.75 25.16 19.43
C THR A 594 -0.97 24.59 18.04
N SER A 595 -1.57 25.40 17.16
CA SER A 595 -1.98 24.95 15.82
C SER A 595 -0.89 25.32 14.83
N GLU A 596 0.05 24.39 14.60
CA GLU A 596 1.10 24.57 13.61
C GLU A 596 1.37 23.30 12.81
N GLY A 597 0.60 22.25 13.01
CA GLY A 597 0.86 20.98 12.36
C GLY A 597 0.35 20.94 10.92
N ARG A 598 0.51 19.77 10.33
CA ARG A 598 0.08 19.50 8.96
C ARG A 598 -0.78 18.25 8.94
N LEU A 599 -1.73 18.19 8.02
CA LEU A 599 -2.64 17.06 7.92
C LEU A 599 -2.96 16.79 6.45
N GLU A 600 -2.64 15.59 5.99
CA GLU A 600 -2.93 15.17 4.63
C GLU A 600 -3.79 13.92 4.69
N ILE A 601 -4.92 13.94 4.00
CA ILE A 601 -5.89 12.85 4.01
C ILE A 601 -6.31 12.55 2.58
N SER A 602 -6.35 11.26 2.25
CA SER A 602 -6.77 10.85 0.91
C SER A 602 -7.39 9.46 0.99
N ASP A 603 -8.53 9.29 0.32
CA ASP A 603 -9.14 7.98 0.09
C ASP A 603 -9.35 7.20 1.40
N SER A 604 -9.73 7.90 2.46
CA SER A 604 -9.96 7.28 3.75
C SER A 604 -11.43 7.42 4.13
N ARG A 605 -12.07 6.28 4.45
CA ARG A 605 -13.48 6.25 4.81
C ARG A 605 -13.62 6.48 6.32
N LEU A 606 -13.31 7.71 6.72
CA LEU A 606 -13.21 8.09 8.12
C LEU A 606 -14.55 8.60 8.67
N THR A 607 -15.59 7.81 8.45
CA THR A 607 -16.92 8.13 8.96
C THR A 607 -17.22 7.47 10.30
N GLY A 608 -16.22 6.87 10.94
CA GLY A 608 -16.44 6.16 12.18
C GLY A 608 -16.41 7.06 13.40
N TYR A 609 -17.58 7.46 13.87
CA TYR A 609 -17.73 8.28 15.07
C TYR A 609 -19.20 8.23 15.47
N THR A 610 -19.54 8.93 16.55
CA THR A 610 -20.91 8.95 17.04
C THR A 610 -21.51 10.34 17.06
N VAL A 611 -20.80 11.33 17.59
CA VAL A 611 -21.36 12.66 17.80
C VAL A 611 -20.69 13.71 16.93
N GLY A 612 -19.39 13.57 16.65
CA GLY A 612 -18.69 14.58 15.90
C GLY A 612 -17.43 14.03 15.27
N LEU A 613 -16.71 14.91 14.59
CA LEU A 613 -15.48 14.55 13.89
C LEU A 613 -14.23 15.15 14.51
N ILE A 614 -14.30 16.38 15.03
CA ILE A 614 -13.16 17.04 15.65
C ILE A 614 -13.60 17.55 17.03
N SER A 615 -12.70 17.43 18.00
CA SER A 615 -13.00 17.76 19.39
C SER A 615 -12.17 18.92 19.91
N GLY A 616 -11.66 19.78 19.03
CA GLY A 616 -10.84 20.90 19.45
C GLY A 616 -11.05 22.09 18.55
N THR A 617 -10.58 23.25 19.04
CA THR A 617 -10.62 24.49 18.29
C THR A 617 -9.33 24.74 17.51
N ALA A 618 -8.38 23.82 17.59
CA ALA A 618 -7.11 23.92 16.87
C ALA A 618 -7.19 23.12 15.59
N ARG A 619 -6.56 23.64 14.54
CA ARG A 619 -6.54 22.99 13.25
C ARG A 619 -5.12 23.03 12.70
N PRO A 620 -4.73 22.03 11.90
CA PRO A 620 -3.40 22.07 11.29
C PRO A 620 -3.24 23.28 10.37
N SER A 621 -2.00 23.78 10.30
CA SER A 621 -1.73 24.92 9.45
C SER A 621 -1.97 24.60 7.99
N VAL A 622 -1.68 23.36 7.58
CA VAL A 622 -1.89 22.90 6.22
C VAL A 622 -2.80 21.68 6.26
N ILE A 623 -3.89 21.74 5.50
CA ILE A 623 -4.86 20.65 5.41
C ILE A 623 -5.01 20.27 3.95
N ARG A 624 -4.94 18.97 3.67
CA ARG A 624 -5.13 18.44 2.31
C ARG A 624 -5.98 17.18 2.43
N VAL A 625 -7.30 17.36 2.33
CA VAL A 625 -8.26 16.25 2.45
C VAL A 625 -8.95 16.09 1.11
N ILE A 626 -8.81 14.92 0.50
CA ILE A 626 -9.36 14.65 -0.82
C ILE A 626 -10.00 13.27 -0.82
N ASN A 627 -11.22 13.17 -1.36
CA ASN A 627 -11.88 11.91 -1.64
C ASN A 627 -12.00 11.04 -0.39
N SER A 628 -12.31 11.67 0.74
CA SER A 628 -12.48 10.95 2.01
C SER A 628 -13.87 11.16 2.54
N PRO A 629 -14.71 10.13 2.62
CA PRO A 629 -16.05 10.30 3.20
C PRO A 629 -15.96 10.74 4.66
N GLY A 630 -16.93 11.56 5.06
CA GLY A 630 -16.95 12.12 6.39
C GLY A 630 -16.33 13.50 6.50
N TRP A 631 -15.57 13.92 5.49
CA TRP A 631 -14.94 15.24 5.49
C TRP A 631 -14.93 15.76 4.06
N GLU A 632 -15.56 16.91 3.83
CA GLU A 632 -15.54 17.53 2.52
C GLU A 632 -14.13 17.97 2.16
N ASP A 633 -13.86 18.04 0.86
CA ASP A 633 -12.52 18.36 0.39
C ASP A 633 -12.10 19.75 0.86
N THR A 634 -10.92 19.82 1.47
CA THR A 634 -10.34 21.09 1.91
C THR A 634 -8.87 21.10 1.58
N ILE A 635 -8.39 22.20 0.98
CA ILE A 635 -6.98 22.41 0.71
C ILE A 635 -6.64 23.85 1.04
N ASN A 636 -5.51 24.05 1.72
CA ASN A 636 -5.12 25.37 2.19
C ASN A 636 -3.87 25.92 1.53
N GLU A 637 -3.18 25.14 0.71
CA GLU A 637 -1.94 25.58 0.07
C GLU A 637 -2.05 25.41 -1.44
N GLY A 638 -1.19 26.16 -2.14
CA GLY A 638 -1.17 26.12 -3.59
C GLY A 638 -2.13 27.13 -4.22
N VAL A 639 -2.03 27.25 -5.53
CA VAL A 639 -2.90 28.17 -6.26
C VAL A 639 -4.34 27.65 -6.27
N ALA A 640 -4.52 26.36 -6.49
CA ALA A 640 -5.85 25.75 -6.56
C ALA A 640 -6.20 25.20 -5.18
N ARG A 641 -7.18 25.80 -4.52
CA ARG A 641 -7.62 25.38 -3.21
C ARG A 641 -9.07 24.93 -3.29
N ILE A 642 -9.51 24.23 -2.25
CA ILE A 642 -10.89 23.76 -2.15
C ILE A 642 -11.40 24.04 -0.75
N SER A 643 -12.62 24.58 -0.66
CA SER A 643 -13.26 24.84 0.62
C SER A 643 -14.64 24.18 0.61
N GLY A 644 -14.85 23.24 1.53
CA GLY A 644 -16.13 22.58 1.64
C GLY A 644 -16.60 21.89 0.39
N GLY A 645 -15.67 21.43 -0.45
CA GLY A 645 -16.02 20.80 -1.71
C GLY A 645 -16.12 21.73 -2.89
N ARG A 646 -16.00 23.04 -2.68
CA ARG A 646 -16.07 24.00 -3.77
C ARG A 646 -14.68 24.56 -4.06
N PRO A 647 -14.18 24.42 -5.28
CA PRO A 647 -12.82 24.89 -5.56
C PRO A 647 -12.77 26.39 -5.83
N TYR A 648 -11.56 26.93 -5.66
CA TYR A 648 -11.27 28.32 -6.00
C TYR A 648 -9.77 28.46 -6.23
N ILE A 649 -9.37 29.64 -6.68
CA ILE A 649 -7.98 29.92 -7.02
C ILE A 649 -7.48 31.06 -6.14
N GLY A 650 -6.34 30.83 -5.50
CA GLY A 650 -5.73 31.90 -4.70
C GLY A 650 -6.27 31.90 -3.29
N THR A 651 -6.70 33.07 -2.83
CA THR A 651 -7.20 33.26 -1.48
C THR A 651 -8.57 33.92 -1.51
N MET A 652 -9.33 33.73 -0.42
CA MET A 652 -10.63 34.36 -0.26
C MET A 652 -10.52 35.43 0.82
N PRO A 653 -10.17 36.67 0.48
CA PRO A 653 -10.00 37.70 1.50
C PRO A 653 -11.30 38.41 1.84
N THR A 654 -11.45 38.73 3.12
CA THR A 654 -12.59 39.49 3.63
C THR A 654 -12.07 40.85 4.07
N ALA A 655 -12.67 41.91 3.53
CA ALA A 655 -12.28 43.28 3.85
C ALA A 655 -13.49 44.03 4.35
N THR A 656 -13.51 44.33 5.65
CA THR A 656 -14.62 45.03 6.28
C THR A 656 -14.16 46.42 6.70
N GLY A 657 -15.01 47.41 6.45
CA GLY A 657 -14.70 48.78 6.77
C GLY A 657 -15.55 49.74 5.96
N PRO A 658 -15.41 51.04 6.22
CA PRO A 658 -16.21 52.03 5.50
C PRO A 658 -15.66 52.27 4.11
N ALA A 659 -16.49 52.01 3.09
CA ALA A 659 -16.05 52.10 1.70
C ALA A 659 -16.23 53.52 1.16
N ASN A 660 -15.80 54.51 1.94
CA ASN A 660 -15.85 55.89 1.48
C ASN A 660 -14.52 56.60 1.71
N VAL A 661 -14.03 57.26 0.67
CA VAL A 661 -12.79 58.06 0.58
C VAL A 661 -11.50 57.26 0.38
N SER A 662 -11.60 55.96 0.48
CA SER A 662 -10.49 55.06 0.25
C SER A 662 -11.16 53.77 -0.11
N PRO A 663 -11.16 53.40 -1.38
CA PRO A 663 -11.84 52.15 -1.68
C PRO A 663 -11.17 50.97 -1.03
N ALA A 664 -12.00 50.11 -0.47
CA ALA A 664 -11.59 48.86 0.17
C ALA A 664 -10.87 47.97 -0.84
N VAL A 665 -9.79 47.33 -0.39
CA VAL A 665 -8.91 46.55 -1.25
C VAL A 665 -8.93 45.10 -0.79
N LEU A 666 -9.16 44.18 -1.73
CA LEU A 666 -9.15 42.74 -1.46
C LEU A 666 -8.04 42.12 -2.29
N GLY A 667 -7.02 41.56 -1.64
CA GLY A 667 -5.87 41.04 -2.34
C GLY A 667 -6.13 39.64 -2.87
N LEU A 668 -6.16 39.48 -4.19
CA LEU A 668 -6.41 38.20 -4.82
C LEU A 668 -5.12 37.65 -5.44
N SER A 669 -5.03 36.34 -5.50
CA SER A 669 -3.88 35.65 -6.06
C SER A 669 -4.31 34.82 -7.26
N CYS A 670 -3.33 34.47 -8.09
CA CYS A 670 -3.57 33.69 -9.28
C CYS A 670 -2.30 32.95 -9.66
N GLY A 671 -2.45 31.98 -10.56
CA GLY A 671 -1.31 31.21 -11.01
C GLY A 671 -0.27 32.03 -11.74
N GLY A 672 -0.71 33.02 -12.51
CA GLY A 672 0.17 33.89 -13.26
C GLY A 672 -0.09 33.82 -14.75
N VAL A 673 0.50 34.80 -15.44
CA VAL A 673 0.37 34.93 -16.89
C VAL A 673 1.78 35.02 -17.47
N ASN A 674 2.04 34.24 -18.51
CA ASN A 674 3.34 34.29 -19.17
C ASN A 674 3.43 35.51 -20.09
N THR A 675 4.61 35.70 -20.67
CA THR A 675 4.81 36.81 -21.59
C THR A 675 4.04 36.56 -22.89
N TYR A 676 3.46 37.64 -23.43
CA TYR A 676 2.62 37.56 -24.63
C TYR A 676 1.50 36.54 -24.46
N ASP A 677 0.90 36.51 -23.27
CA ASP A 677 -0.11 35.53 -22.93
C ASP A 677 -1.28 36.21 -22.24
N ASN A 678 -2.40 35.49 -22.19
CA ASN A 678 -3.63 35.98 -21.61
C ASN A 678 -4.33 34.87 -20.83
N ASP A 679 -5.15 35.29 -19.87
CA ASP A 679 -5.95 34.40 -19.05
C ASP A 679 -7.27 35.08 -18.73
N MET A 680 -8.30 34.29 -18.49
CA MET A 680 -9.58 34.83 -18.04
C MET A 680 -10.09 34.00 -16.88
N PHE A 681 -10.88 34.65 -16.02
CA PHE A 681 -11.43 33.97 -14.86
C PHE A 681 -12.62 34.77 -14.34
N ASP A 682 -13.33 34.16 -13.39
CA ASP A 682 -14.56 34.73 -12.84
C ASP A 682 -14.37 35.02 -11.35
N ILE A 683 -14.92 36.13 -10.89
CA ILE A 683 -14.85 36.54 -9.50
C ILE A 683 -16.27 36.68 -8.97
N HIS A 684 -16.53 36.05 -7.82
CA HIS A 684 -17.74 36.22 -7.04
C HIS A 684 -17.46 37.29 -5.98
N LEU A 685 -18.26 38.36 -5.99
CA LEU A 685 -18.14 39.43 -5.01
C LEU A 685 -19.40 39.45 -4.15
N THR A 686 -19.20 39.47 -2.83
CA THR A 686 -20.29 39.42 -1.87
C THR A 686 -20.19 40.62 -0.94
N ILE A 687 -21.33 41.30 -0.74
CA ILE A 687 -21.42 42.52 0.06
C ILE A 687 -22.48 42.31 1.12
N ARG A 688 -22.14 42.63 2.38
CA ARG A 688 -23.06 42.51 3.51
C ARG A 688 -23.03 43.82 4.27
N ASN A 689 -24.01 44.69 4.01
CA ASN A 689 -24.08 45.97 4.70
C ASN A 689 -24.28 45.75 6.20
N THR A 690 -23.25 46.09 6.99
CA THR A 690 -23.28 45.76 8.41
C THR A 690 -24.32 46.58 9.17
N ASN A 691 -24.59 47.82 8.74
CA ASN A 691 -25.52 48.67 9.46
C ASN A 691 -26.96 48.24 9.23
N ASN A 692 -27.42 48.30 7.97
CA ASN A 692 -28.80 47.98 7.68
C ASN A 692 -29.06 46.48 7.69
N GLY A 693 -28.09 45.68 7.25
CA GLY A 693 -28.25 44.24 7.15
C GLY A 693 -28.55 43.74 5.75
N GLY A 694 -28.59 44.61 4.75
CA GLY A 694 -28.84 44.17 3.39
C GLY A 694 -27.68 43.39 2.82
N HIS A 695 -27.98 42.56 1.83
CA HIS A 695 -26.99 41.70 1.18
C HIS A 695 -27.04 41.92 -0.32
N ASN A 696 -25.89 41.81 -0.96
CA ASN A 696 -25.80 42.00 -2.41
C ASN A 696 -24.69 41.13 -2.97
N GLY A 697 -24.80 40.82 -4.25
CA GLY A 697 -23.83 39.97 -4.92
C GLY A 697 -23.53 40.47 -6.31
N ALA A 698 -22.34 40.09 -6.80
CA ALA A 698 -21.88 40.49 -8.11
C ALA A 698 -21.06 39.37 -8.72
N ILE A 699 -21.19 39.19 -10.03
CA ILE A 699 -20.34 38.29 -10.79
C ILE A 699 -19.60 39.11 -11.83
N LEU A 700 -18.28 38.95 -11.88
CA LEU A 700 -17.52 39.69 -12.88
C LEU A 700 -16.48 38.79 -13.51
N THR A 701 -16.10 39.13 -14.73
CA THR A 701 -15.13 38.37 -15.51
C THR A 701 -13.90 39.23 -15.75
N VAL A 702 -12.73 38.71 -15.40
CA VAL A 702 -11.48 39.46 -15.44
C VAL A 702 -10.53 38.77 -16.41
N LEU A 703 -9.93 39.56 -17.30
CA LEU A 703 -8.91 39.10 -18.23
C LEU A 703 -7.57 39.73 -17.85
N LEU A 704 -6.55 38.89 -17.70
CA LEU A 704 -5.19 39.35 -17.47
C LEU A 704 -4.37 39.10 -18.73
N TYR A 705 -3.69 40.14 -19.21
CA TYR A 705 -2.86 40.05 -20.40
C TYR A 705 -1.48 40.61 -20.12
N ARG A 706 -0.44 40.00 -20.67
CA ARG A 706 0.90 40.52 -20.54
C ARG A 706 1.46 40.88 -21.91
N GLU A 707 1.95 42.10 -22.04
CA GLU A 707 2.75 42.51 -23.19
C GLU A 707 4.22 42.31 -22.87
N GLY A 708 5.11 42.88 -23.69
CA GLY A 708 6.54 42.72 -23.45
C GLY A 708 6.97 43.25 -22.11
N GLY A 709 6.47 44.42 -21.72
CA GLY A 709 6.89 45.05 -20.48
C GLY A 709 6.28 44.47 -19.23
N ALA A 710 4.96 44.59 -19.08
CA ALA A 710 4.29 44.16 -17.86
C ALA A 710 2.90 43.65 -18.21
N ALA A 711 2.15 43.28 -17.17
CA ALA A 711 0.80 42.77 -17.31
C ALA A 711 -0.21 43.79 -16.81
N ARG A 712 -1.44 43.67 -17.32
CA ARG A 712 -2.54 44.56 -16.93
C ARG A 712 -3.83 43.75 -16.90
N ALA A 713 -4.79 44.24 -16.12
CA ALA A 713 -6.07 43.57 -15.93
C ALA A 713 -7.22 44.46 -16.38
N THR A 714 -8.17 43.86 -17.10
CA THR A 714 -9.37 44.55 -17.55
C THR A 714 -10.59 43.72 -17.16
N ILE A 715 -11.67 44.40 -16.79
CA ILE A 715 -12.90 43.74 -16.36
C ILE A 715 -13.76 43.53 -17.60
N VAL A 716 -13.94 42.26 -17.99
CA VAL A 716 -14.71 41.95 -19.19
C VAL A 716 -16.18 42.29 -18.99
N ARG A 717 -16.76 41.84 -17.88
CA ARG A 717 -18.19 42.04 -17.64
C ARG A 717 -18.44 42.08 -16.14
N VAL A 718 -19.50 42.81 -15.77
CA VAL A 718 -19.98 42.89 -14.40
C VAL A 718 -21.50 42.76 -14.44
N ASP A 719 -22.04 41.89 -13.59
CA ASP A 719 -23.49 41.68 -13.54
C ASP A 719 -23.92 41.51 -12.09
N SER A 720 -25.08 42.08 -11.77
CA SER A 720 -25.62 42.03 -10.42
C SER A 720 -27.11 42.28 -10.48
N ARG A 721 -27.78 42.02 -9.35
CA ARG A 721 -29.19 42.34 -9.23
C ARG A 721 -29.37 43.85 -9.16
N SER A 722 -30.30 44.37 -9.95
CA SER A 722 -30.64 45.80 -10.00
C SER A 722 -29.46 46.67 -10.42
N ASN A 723 -28.43 46.07 -11.03
CA ASN A 723 -27.26 46.80 -11.53
C ASN A 723 -26.63 47.65 -10.44
N ALA A 724 -26.48 47.06 -9.24
CA ALA A 724 -25.93 47.82 -8.11
C ALA A 724 -24.45 48.15 -8.31
N VAL A 725 -23.68 47.23 -8.88
CA VAL A 725 -22.25 47.43 -9.08
C VAL A 725 -22.02 47.77 -10.55
N GLY A 726 -20.97 48.53 -10.81
CA GLY A 726 -20.61 48.88 -12.18
C GLY A 726 -19.19 49.38 -12.25
N GLU A 727 -18.57 49.21 -13.42
CA GLU A 727 -17.22 49.68 -13.62
C GLU A 727 -17.14 51.20 -13.76
N GLY A 728 -18.28 51.85 -14.02
CA GLY A 728 -18.28 53.29 -14.16
C GLY A 728 -17.95 53.99 -12.85
N ASP A 729 -17.40 55.20 -12.98
CA ASP A 729 -16.96 55.95 -11.80
C ASP A 729 -18.16 56.49 -11.03
N VAL A 730 -18.14 56.31 -9.71
CA VAL A 730 -19.14 56.88 -8.82
C VAL A 730 -18.82 58.35 -8.60
N ASN A 731 -19.75 59.07 -7.98
CA ASN A 731 -19.60 60.51 -7.70
C ASN A 731 -19.49 61.32 -8.99
N SER A 732 -20.14 60.84 -10.05
CA SER A 732 -20.19 61.54 -11.32
C SER A 732 -21.64 61.80 -11.69
N THR A 733 -21.89 62.99 -12.25
CA THR A 733 -23.26 63.36 -12.61
C THR A 733 -23.82 62.46 -13.70
N SER A 734 -22.97 61.89 -14.54
CA SER A 734 -23.41 61.00 -15.61
C SER A 734 -23.62 59.57 -15.13
N ALA A 735 -23.27 59.26 -13.89
CA ALA A 735 -23.37 57.89 -13.38
C ALA A 735 -24.82 57.45 -13.29
N ASP A 736 -25.06 56.17 -13.58
CA ASP A 736 -26.39 55.60 -13.45
C ASP A 736 -26.79 55.61 -11.97
N PRO A 737 -27.95 56.17 -11.63
CA PRO A 737 -28.38 56.18 -10.22
C PRO A 737 -28.54 54.79 -9.62
N GLN A 738 -28.79 53.77 -10.44
CA GLN A 738 -28.90 52.42 -9.91
C GLN A 738 -27.58 51.92 -9.33
N GLN A 739 -26.46 52.35 -9.93
CA GLN A 739 -25.15 51.90 -9.47
C GLN A 739 -24.83 52.51 -8.11
N VAL A 740 -24.43 51.66 -7.17
CA VAL A 740 -24.11 52.10 -5.81
C VAL A 740 -22.63 51.82 -5.52
N TYR A 741 -22.09 50.78 -6.14
CA TYR A 741 -20.71 50.37 -5.91
C TYR A 741 -19.91 50.44 -7.21
N GLN A 742 -18.68 50.90 -7.11
CA GLN A 742 -17.72 50.90 -8.21
C GLN A 742 -16.65 49.86 -7.94
N VAL A 743 -16.43 48.98 -8.91
CA VAL A 743 -15.46 47.90 -8.80
C VAL A 743 -14.38 48.11 -9.84
N SER A 744 -13.13 47.88 -9.45
CA SER A 744 -12.00 47.97 -10.37
C SER A 744 -10.96 46.94 -9.95
N VAL A 745 -10.05 46.62 -10.88
CA VAL A 745 -9.00 45.64 -10.63
C VAL A 745 -7.68 46.19 -11.16
N GLU A 746 -6.62 45.99 -10.40
CA GLU A 746 -5.28 46.35 -10.83
C GLU A 746 -4.28 45.35 -10.27
N VAL A 747 -3.18 45.17 -10.99
CA VAL A 747 -2.18 44.16 -10.68
C VAL A 747 -1.06 44.81 -9.87
N THR A 748 -0.59 44.09 -8.84
CA THR A 748 0.50 44.56 -7.98
C THR A 748 1.83 43.97 -8.42
N SER A 749 1.92 42.64 -8.49
CA SER A 749 3.15 41.99 -8.92
C SER A 749 3.34 42.15 -10.42
N ASN A 750 4.60 42.11 -10.85
CA ASN A 750 4.90 42.18 -12.28
C ASN A 750 4.52 40.89 -13.00
N ASP A 751 4.33 39.81 -12.26
CA ASP A 751 3.97 38.51 -12.82
C ASP A 751 2.47 38.33 -12.98
N ALA A 752 1.67 39.29 -12.53
CA ALA A 752 0.21 39.22 -12.52
C ALA A 752 -0.31 38.07 -11.67
N SER A 753 0.55 37.40 -10.92
CA SER A 753 0.10 36.34 -10.02
C SER A 753 -0.75 36.91 -8.89
N THR A 754 -0.36 38.07 -8.36
CA THR A 754 -1.09 38.72 -7.29
C THR A 754 -1.60 40.07 -7.78
N PHE A 755 -2.91 40.30 -7.63
CA PHE A 755 -3.53 41.57 -7.94
C PHE A 755 -4.48 41.92 -6.81
N ASN A 756 -5.28 42.96 -6.99
CA ASN A 756 -6.26 43.31 -5.97
C ASN A 756 -7.51 43.91 -6.59
N LEU A 757 -8.63 43.66 -5.93
CA LEU A 757 -9.92 44.23 -6.32
C LEU A 757 -10.26 45.39 -5.41
N LEU A 758 -10.49 46.56 -6.01
CA LEU A 758 -10.82 47.77 -5.29
C LEU A 758 -12.32 48.03 -5.43
N VAL A 759 -13.00 48.17 -4.30
CA VAL A 759 -14.43 48.41 -4.26
C VAL A 759 -14.67 49.72 -3.51
N SER A 760 -15.45 50.62 -4.11
CA SER A 760 -15.74 51.90 -3.51
C SER A 760 -17.23 52.19 -3.60
N THR A 761 -17.70 53.08 -2.72
CA THR A 761 -19.08 53.51 -2.69
C THR A 761 -19.13 55.02 -2.95
N LYS A 762 -20.33 55.58 -2.81
CA LYS A 762 -20.50 57.02 -2.97
C LYS A 762 -19.80 57.77 -1.84
N SER A 763 -19.57 59.07 -2.05
CA SER A 763 -18.90 59.86 -1.05
C SER A 763 -19.81 60.13 0.16
N ASP A 764 -21.11 60.27 -0.06
CA ASP A 764 -22.00 60.67 1.02
C ASP A 764 -22.19 59.56 2.05
N ASN A 765 -22.45 58.34 1.59
CA ASN A 765 -22.76 57.25 2.51
C ASN A 765 -21.48 56.68 3.11
N SER A 766 -21.58 56.34 4.39
CA SER A 766 -20.48 55.70 5.05
C SER A 766 -21.06 54.49 5.75
N ALA A 767 -20.57 53.32 5.40
CA ALA A 767 -21.01 52.08 6.03
C ALA A 767 -19.98 51.00 5.75
N SER A 768 -19.98 49.98 6.61
CA SER A 768 -19.10 48.83 6.46
C SER A 768 -19.88 47.70 5.79
N TYR A 769 -19.29 47.12 4.76
CA TYR A 769 -19.97 46.06 4.04
C TYR A 769 -19.33 44.68 4.08
N ARG A 770 -18.12 44.53 4.60
CA ARG A 770 -17.53 43.20 4.58
C ARG A 770 -17.45 42.58 3.18
N PHE A 771 -16.71 43.20 2.27
CA PHE A 771 -16.60 42.66 0.93
C PHE A 771 -15.80 41.35 0.93
N ARG A 772 -16.28 40.38 0.16
CA ARG A 772 -15.59 39.11 -0.01
C ARG A 772 -15.47 38.81 -1.51
N ALA A 773 -14.26 38.50 -1.96
CA ALA A 773 -14.00 38.20 -3.37
C ALA A 773 -13.41 36.81 -3.46
N LYS A 774 -14.03 35.96 -4.27
CA LYS A 774 -13.55 34.60 -4.50
C LYS A 774 -13.34 34.36 -5.99
N VAL A 775 -12.16 33.91 -6.34
CA VAL A 775 -11.81 33.65 -7.74
C VAL A 775 -12.19 32.21 -8.07
N LYS A 776 -13.28 32.04 -8.81
CA LYS A 776 -13.73 30.73 -9.23
C LYS A 776 -13.07 30.36 -10.56
N PRO A 777 -12.41 29.20 -10.67
CA PRO A 777 -11.70 28.76 -11.88
C PRO A 777 -12.56 28.81 -13.14
N SER B 266 37.79 -54.14 18.05
CA SER B 266 36.48 -54.78 18.03
C SER B 266 35.37 -53.74 17.92
N LEU B 267 35.32 -52.82 18.89
CA LEU B 267 34.33 -51.76 18.87
C LEU B 267 34.80 -50.52 18.13
N ALA B 268 36.06 -50.47 17.71
CA ALA B 268 36.59 -49.32 17.00
C ALA B 268 36.48 -49.44 15.49
N GLY B 269 35.91 -50.54 14.99
CA GLY B 269 35.79 -50.77 13.57
C GLY B 269 34.59 -50.07 12.97
N PRO B 270 34.30 -50.40 11.70
CA PRO B 270 33.14 -49.77 11.03
C PRO B 270 31.82 -50.07 11.70
N THR B 271 31.65 -51.24 12.30
CA THR B 271 30.40 -51.64 12.91
C THR B 271 30.38 -51.46 14.42
N GLY B 272 31.28 -50.65 14.96
CA GLY B 272 31.35 -50.48 16.40
C GLY B 272 30.14 -49.75 16.97
N ALA B 273 29.65 -48.73 16.26
CA ALA B 273 28.57 -47.92 16.80
C ALA B 273 27.29 -48.71 16.97
N SER B 274 26.98 -49.60 16.02
CA SER B 274 25.73 -50.33 16.04
C SER B 274 25.66 -51.38 17.15
N GLN B 275 26.76 -51.64 17.85
CA GLN B 275 26.78 -52.69 18.85
C GLN B 275 26.45 -52.19 20.25
N ILE B 276 26.15 -50.91 20.41
CA ILE B 276 25.82 -50.33 21.72
C ILE B 276 24.38 -49.85 21.67
N GLY B 277 23.53 -50.46 22.51
CA GLY B 277 22.13 -50.09 22.54
C GLY B 277 21.86 -48.85 23.38
N THR B 278 20.62 -48.37 23.28
CA THR B 278 20.19 -47.17 23.99
C THR B 278 18.96 -47.50 24.83
N ALA B 279 18.49 -46.50 25.60
CA ALA B 279 17.34 -46.71 26.48
C ALA B 279 16.06 -46.88 25.69
N ASN B 280 15.96 -46.22 24.53
CA ASN B 280 14.74 -46.30 23.73
C ASN B 280 14.50 -47.71 23.22
N GLY B 281 15.56 -48.43 22.87
CA GLY B 281 15.44 -49.76 22.30
C GLY B 281 16.18 -49.96 20.99
N LEU B 282 16.82 -48.92 20.46
CA LEU B 282 17.59 -48.98 19.22
C LEU B 282 19.00 -48.49 19.48
N ASN B 283 19.97 -49.10 18.81
CA ASN B 283 21.37 -48.87 19.13
C ASN B 283 21.81 -47.46 18.73
N VAL B 284 23.09 -47.18 18.99
CA VAL B 284 23.62 -45.82 18.83
C VAL B 284 23.64 -45.40 17.36
N GLN B 285 23.91 -46.35 16.45
CA GLN B 285 24.10 -46.00 15.06
C GLN B 285 22.83 -45.40 14.44
N ILE B 286 21.70 -46.09 14.58
CA ILE B 286 20.45 -45.53 14.06
C ILE B 286 20.03 -44.32 14.88
N ALA B 287 20.41 -44.26 16.16
CA ALA B 287 20.13 -43.07 16.96
C ALA B 287 20.79 -41.84 16.36
N LEU B 288 22.04 -41.98 15.93
CA LEU B 288 22.73 -40.89 15.24
C LEU B 288 22.16 -40.65 13.85
N ASP B 289 21.74 -41.71 13.15
CA ASP B 289 21.23 -41.55 11.80
C ASP B 289 19.90 -40.79 11.78
N ASN B 290 19.06 -40.98 12.80
CA ASN B 290 17.79 -40.28 12.84
C ASN B 290 17.95 -38.80 13.17
N LEU B 291 18.96 -38.45 13.96
CA LEU B 291 19.11 -37.06 14.41
C LEU B 291 19.47 -36.12 13.26
N ARG B 292 20.15 -36.62 12.24
CA ARG B 292 20.58 -35.77 11.13
C ARG B 292 19.46 -35.62 10.11
N SER B 293 19.29 -34.40 9.61
CA SER B 293 18.30 -34.12 8.56
C SER B 293 18.88 -34.34 7.17
N GLY B 294 20.12 -33.88 6.94
CA GLY B 294 20.80 -34.08 5.68
C GLY B 294 22.23 -34.53 5.91
N VAL B 295 22.91 -34.81 4.79
CA VAL B 295 24.29 -35.26 4.87
C VAL B 295 25.19 -34.09 5.25
N ASN B 296 26.03 -34.31 6.26
CA ASN B 296 26.90 -33.26 6.77
C ASN B 296 28.17 -33.19 5.92
N VAL B 297 28.55 -31.97 5.53
CA VAL B 297 29.77 -31.80 4.73
C VAL B 297 31.01 -32.11 5.56
N LEU B 298 31.03 -31.71 6.83
CA LEU B 298 32.20 -31.93 7.68
C LEU B 298 32.56 -33.40 7.81
N ASP B 299 31.61 -34.30 7.57
CA ASP B 299 31.92 -35.73 7.60
C ASP B 299 32.98 -36.10 6.58
N PHE B 300 32.95 -35.47 5.42
CA PHE B 300 33.92 -35.75 4.35
C PHE B 300 35.12 -34.80 4.43
N MET B 301 35.74 -34.71 5.60
CA MET B 301 36.84 -33.80 5.81
C MET B 301 37.91 -34.42 6.68
N THR B 302 39.15 -34.00 6.48
CA THR B 302 40.26 -34.43 7.31
C THR B 302 40.17 -33.76 8.69
N PHE B 303 40.85 -34.35 9.66
CA PHE B 303 40.81 -33.83 11.03
C PHE B 303 41.33 -32.40 11.09
N ALA B 304 42.53 -32.16 10.55
CA ALA B 304 43.11 -30.82 10.60
C ALA B 304 42.29 -29.82 9.79
N GLU B 305 41.82 -30.24 8.60
CA GLU B 305 41.02 -29.36 7.78
C GLU B 305 39.70 -29.00 8.46
N ARG B 306 39.05 -29.99 9.07
CA ARG B 306 37.80 -29.73 9.80
C ARG B 306 38.04 -28.82 11.00
N ALA B 307 39.15 -29.02 11.71
CA ALA B 307 39.47 -28.15 12.84
C ALA B 307 39.69 -26.72 12.38
N ALA B 308 40.40 -26.54 11.25
CA ALA B 308 40.60 -25.21 10.71
C ALA B 308 39.27 -24.58 10.29
N VAL B 309 38.38 -25.38 9.72
CA VAL B 309 37.05 -24.88 9.33
C VAL B 309 36.29 -24.38 10.56
N LEU B 310 36.27 -25.20 11.61
CA LEU B 310 35.56 -24.82 12.83
C LEU B 310 36.26 -23.70 13.60
N ASN B 311 37.53 -23.43 13.29
CA ASN B 311 38.29 -22.41 14.00
C ASN B 311 38.46 -21.12 13.21
N TYR B 312 37.97 -21.06 11.96
CA TYR B 312 38.02 -19.86 11.13
C TYR B 312 39.45 -19.33 10.94
N THR B 313 40.42 -20.21 10.69
CA THR B 313 41.82 -19.81 10.67
C THR B 313 42.44 -19.87 9.28
N GLY B 314 42.39 -21.03 8.62
CA GLY B 314 43.08 -21.23 7.37
C GLY B 314 42.17 -21.35 6.16
N THR B 315 42.73 -21.02 5.00
CA THR B 315 42.01 -21.15 3.74
C THR B 315 41.69 -22.61 3.45
N ASN B 316 42.73 -23.41 3.23
CA ASN B 316 42.71 -24.87 3.12
C ASN B 316 41.98 -25.39 1.87
N ASP B 317 41.31 -24.54 1.11
CA ASP B 317 40.70 -24.90 -0.18
C ASP B 317 39.92 -26.21 -0.09
N ASN B 318 38.85 -26.18 0.71
CA ASN B 318 38.05 -27.38 0.96
C ASN B 318 36.90 -27.50 -0.05
N SER B 319 37.27 -27.88 -1.27
CA SER B 319 36.27 -28.11 -2.31
C SER B 319 35.91 -29.59 -2.45
N GLU B 320 36.84 -30.48 -2.10
CA GLU B 320 36.59 -31.91 -2.24
C GLU B 320 35.49 -32.39 -1.31
N ALA B 321 35.40 -31.81 -0.11
CA ALA B 321 34.31 -32.17 0.79
C ALA B 321 32.95 -31.85 0.15
N PHE B 322 32.82 -30.68 -0.44
CA PHE B 322 31.57 -30.31 -1.11
C PHE B 322 31.31 -31.20 -2.32
N ARG B 323 32.36 -31.51 -3.09
CA ARG B 323 32.17 -32.38 -4.25
C ARG B 323 31.67 -33.75 -3.83
N LYS B 324 32.26 -34.32 -2.78
CA LYS B 324 31.82 -35.65 -2.32
C LYS B 324 30.43 -35.60 -1.71
N ALA B 325 30.10 -34.52 -0.98
CA ALA B 325 28.76 -34.38 -0.44
C ALA B 325 27.72 -34.31 -1.55
N PHE B 326 28.02 -33.57 -2.62
CA PHE B 326 27.11 -33.52 -3.76
C PHE B 326 27.01 -34.87 -4.45
N ALA B 327 28.14 -35.56 -4.60
CA ALA B 327 28.16 -36.87 -5.24
C ALA B 327 27.48 -37.94 -4.40
N THR B 328 27.24 -37.69 -3.10
CA THR B 328 26.49 -38.63 -2.29
C THR B 328 25.09 -38.85 -2.86
N GLY B 329 24.46 -37.78 -3.34
CA GLY B 329 23.13 -37.87 -3.92
C GLY B 329 22.01 -37.39 -3.03
N SER B 330 22.31 -36.82 -1.87
CA SER B 330 21.28 -36.33 -0.98
C SER B 330 20.87 -34.92 -1.38
N ARG B 331 19.57 -34.66 -1.41
CA ARG B 331 19.06 -33.36 -1.81
C ARG B 331 19.31 -32.28 -0.77
N GLN B 332 19.66 -32.67 0.46
CA GLN B 332 19.87 -31.74 1.56
C GLN B 332 21.33 -31.77 1.98
N ILE B 333 21.96 -30.61 1.99
CA ILE B 333 23.35 -30.45 2.40
C ILE B 333 23.39 -29.53 3.61
N ILE B 334 24.01 -29.99 4.68
CA ILE B 334 24.10 -29.22 5.93
C ILE B 334 25.51 -28.66 6.04
N VAL B 335 25.62 -27.34 6.07
CA VAL B 335 26.90 -26.67 6.26
C VAL B 335 26.91 -26.09 7.68
N PRO B 336 27.74 -26.63 8.58
CA PRO B 336 27.84 -26.08 9.93
C PRO B 336 28.49 -24.70 9.91
N PRO B 337 28.49 -23.99 11.05
CA PRO B 337 28.94 -22.60 11.07
C PRO B 337 30.39 -22.34 10.70
N GLY B 338 31.14 -23.37 10.30
CA GLY B 338 32.54 -23.18 9.97
C GLY B 338 32.74 -22.35 8.70
N ARG B 339 33.99 -21.94 8.50
CA ARG B 339 34.38 -21.14 7.34
C ARG B 339 34.96 -22.04 6.25
N TYR B 340 34.45 -21.88 5.04
CA TYR B 340 34.81 -22.75 3.92
C TYR B 340 35.48 -21.94 2.81
N HIS B 341 36.16 -22.67 1.92
CA HIS B 341 36.79 -22.08 0.74
C HIS B 341 36.63 -23.03 -0.43
N VAL B 342 35.77 -22.67 -1.37
CA VAL B 342 35.40 -23.55 -2.48
C VAL B 342 35.94 -22.97 -3.78
N LYS B 343 35.99 -23.82 -4.81
CA LYS B 343 36.52 -23.41 -6.11
C LYS B 343 35.80 -24.19 -7.20
N ASP B 344 34.86 -23.54 -7.88
CA ASP B 344 34.22 -24.06 -9.10
C ASP B 344 33.58 -25.43 -8.87
N VAL B 345 32.79 -25.54 -7.81
CA VAL B 345 32.07 -26.76 -7.49
C VAL B 345 30.62 -26.61 -7.94
N GLU B 346 30.19 -27.49 -8.83
CA GLU B 346 28.83 -27.41 -9.36
C GLU B 346 27.84 -28.01 -8.37
N ILE B 347 26.74 -27.30 -8.15
CA ILE B 347 25.67 -27.75 -7.25
C ILE B 347 24.63 -28.47 -8.10
N PRO B 348 24.36 -29.75 -7.86
CA PRO B 348 23.32 -30.45 -8.63
C PRO B 348 21.94 -29.89 -8.33
N SER B 349 21.00 -30.24 -9.20
CA SER B 349 19.66 -29.65 -9.14
C SER B 349 18.92 -30.08 -7.88
N LYS B 350 18.04 -29.20 -7.40
CA LYS B 350 17.17 -29.45 -6.25
C LYS B 350 17.97 -29.73 -4.98
N VAL B 351 19.17 -29.15 -4.87
CA VAL B 351 20.04 -29.33 -3.72
C VAL B 351 20.04 -28.02 -2.92
N LYS B 352 19.80 -28.12 -1.62
CA LYS B 352 19.70 -26.97 -0.74
C LYS B 352 20.80 -27.03 0.30
N LEU B 353 21.37 -25.87 0.61
CA LEU B 353 22.43 -25.75 1.61
C LEU B 353 21.84 -25.10 2.87
N PHE B 354 21.83 -25.86 3.96
CA PHE B 354 21.28 -25.38 5.22
C PHE B 354 22.40 -24.88 6.11
N GLY B 355 22.33 -23.60 6.48
CA GLY B 355 23.32 -23.02 7.36
C GLY B 355 22.66 -22.15 8.41
N THR B 356 23.39 -21.93 9.50
CA THR B 356 22.93 -21.12 10.61
C THR B 356 23.90 -19.95 10.82
N TYR B 357 23.36 -18.75 10.93
CA TYR B 357 24.16 -17.55 11.13
C TYR B 357 23.80 -16.91 12.46
N SER B 358 24.79 -16.37 13.14
CA SER B 358 24.57 -15.65 14.40
C SER B 358 24.62 -14.14 14.21
N TYR B 359 25.38 -13.65 13.23
CA TYR B 359 25.51 -12.23 12.99
C TYR B 359 25.86 -12.00 11.53
N LYS B 360 25.04 -11.23 10.83
CA LYS B 360 25.31 -10.85 9.44
C LYS B 360 25.84 -9.42 9.42
N PRO B 361 27.10 -9.20 9.04
CA PRO B 361 27.67 -7.85 9.13
C PRO B 361 26.91 -6.85 8.28
N TYR B 362 26.74 -5.64 8.83
CA TYR B 362 26.09 -4.57 8.09
C TYR B 362 26.98 -4.03 6.99
N ASN B 363 28.24 -3.74 7.31
CA ASN B 363 29.18 -3.19 6.35
C ASN B 363 30.51 -3.93 6.50
N VAL B 364 30.93 -4.59 5.42
CA VAL B 364 32.17 -5.34 5.40
C VAL B 364 33.21 -4.47 4.71
N THR B 365 33.97 -3.71 5.50
CA THR B 365 34.99 -2.82 4.95
C THR B 365 36.35 -3.49 4.82
N SER B 366 36.67 -4.44 5.69
CA SER B 366 37.95 -5.11 5.68
C SER B 366 37.75 -6.62 5.75
N ASP B 367 38.81 -7.36 5.44
CA ASP B 367 38.74 -8.82 5.46
C ASP B 367 38.39 -9.36 6.84
N ALA B 368 38.75 -8.62 7.90
CA ALA B 368 38.48 -9.04 9.26
C ALA B 368 37.12 -8.59 9.76
N SER B 369 36.22 -8.19 8.86
CA SER B 369 34.87 -7.82 9.28
C SER B 369 34.11 -9.01 9.84
N PHE B 370 34.25 -10.17 9.22
CA PHE B 370 33.62 -11.38 9.73
C PHE B 370 34.38 -11.91 10.94
N GLY B 371 33.65 -12.33 11.96
CA GLY B 371 34.24 -13.00 13.11
C GLY B 371 33.87 -14.47 13.10
N THR B 372 33.53 -15.01 14.26
CA THR B 372 33.00 -16.37 14.31
C THR B 372 31.67 -16.45 13.57
N ASP B 373 30.66 -15.73 14.05
CA ASP B 373 29.37 -15.53 13.39
C ASP B 373 28.81 -16.90 12.99
N GLY B 374 28.27 -17.06 11.78
CA GLY B 374 27.73 -18.34 11.35
C GLY B 374 28.52 -18.95 10.21
N THR B 375 27.83 -19.68 9.33
CA THR B 375 28.52 -20.34 8.23
C THR B 375 28.95 -19.34 7.17
N ILE B 376 30.21 -19.44 6.76
CA ILE B 376 30.79 -18.56 5.75
C ILE B 376 31.41 -19.43 4.67
N ILE B 377 31.02 -19.18 3.42
CA ILE B 377 31.62 -19.86 2.26
C ILE B 377 32.34 -18.80 1.45
N ARG B 378 33.64 -18.98 1.27
CA ARG B 378 34.49 -17.98 0.63
C ARG B 378 35.10 -18.54 -0.65
N LYS B 379 35.31 -17.65 -1.62
CA LYS B 379 36.09 -18.00 -2.80
C LYS B 379 37.57 -18.06 -2.43
N VAL B 380 38.30 -18.96 -3.09
CA VAL B 380 39.69 -19.24 -2.75
C VAL B 380 40.60 -18.63 -3.80
N ALA B 381 41.59 -17.86 -3.34
CA ALA B 381 42.67 -17.29 -4.16
C ALA B 381 42.05 -16.54 -5.35
N GLY B 382 42.45 -16.81 -6.57
CA GLY B 382 41.93 -16.11 -7.73
C GLY B 382 41.01 -16.98 -8.58
N ALA B 383 40.17 -17.77 -7.93
CA ALA B 383 39.22 -18.61 -8.65
C ALA B 383 38.21 -17.74 -9.39
N ASP B 384 37.78 -18.21 -10.57
CA ASP B 384 36.81 -17.47 -11.35
C ASP B 384 35.38 -17.62 -10.85
N ASN B 385 35.13 -18.59 -9.97
CA ASN B 385 33.81 -18.79 -9.39
C ASN B 385 33.95 -19.61 -8.11
N MET B 386 32.89 -19.60 -7.31
CA MET B 386 32.80 -20.48 -6.15
C MET B 386 31.74 -21.55 -6.29
N PHE B 387 30.61 -21.24 -6.91
CA PHE B 387 29.53 -22.19 -7.11
C PHE B 387 29.00 -22.08 -8.53
N LEU B 388 28.65 -23.21 -9.12
CA LEU B 388 27.99 -23.26 -10.41
C LEU B 388 26.61 -23.87 -10.22
N TRP B 389 25.60 -23.02 -10.15
CA TRP B 389 24.27 -23.41 -9.73
C TRP B 389 23.49 -24.04 -10.87
N ASN B 390 22.53 -24.89 -10.50
CA ASN B 390 21.60 -25.51 -11.43
C ASN B 390 20.18 -25.19 -11.00
N THR B 391 19.21 -25.69 -11.75
CA THR B 391 17.81 -25.38 -11.50
C THR B 391 17.37 -25.91 -10.13
N ALA B 392 16.51 -25.14 -9.47
CA ALA B 392 15.85 -25.49 -8.21
C ALA B 392 16.80 -25.58 -7.03
N CYS B 393 17.99 -25.00 -7.13
CA CYS B 393 18.88 -24.95 -5.97
C CYS B 393 18.40 -23.88 -4.99
N ALA B 394 18.96 -23.93 -3.78
CA ALA B 394 18.57 -22.99 -2.73
C ALA B 394 19.66 -22.95 -1.67
N ALA B 395 19.44 -22.12 -0.65
CA ALA B 395 20.37 -21.99 0.47
C ALA B 395 19.70 -21.17 1.56
N GLU B 396 20.09 -21.44 2.81
CA GLU B 396 19.62 -20.70 3.98
C GLU B 396 20.77 -20.40 4.91
N GLY B 397 20.73 -19.22 5.52
CA GLY B 397 21.67 -18.87 6.57
C GLY B 397 23.12 -18.77 6.16
N VAL B 398 23.39 -18.74 4.86
CA VAL B 398 24.76 -18.77 4.34
C VAL B 398 25.17 -17.35 3.97
N MET B 399 26.39 -16.97 4.34
CA MET B 399 26.96 -15.67 3.98
C MET B 399 28.03 -15.92 2.92
N PHE B 400 27.62 -15.89 1.66
CA PHE B 400 28.53 -16.04 0.54
C PHE B 400 29.45 -14.83 0.44
N ASP B 401 30.74 -15.08 0.20
CA ASP B 401 31.73 -14.02 0.11
C ASP B 401 32.77 -14.39 -0.92
N GLY B 402 33.02 -13.49 -1.86
CA GLY B 402 34.11 -13.63 -2.80
C GLY B 402 35.05 -12.46 -2.68
N ARG B 403 36.29 -12.70 -2.24
CA ARG B 403 37.19 -11.61 -1.87
C ARG B 403 37.37 -10.61 -3.01
N ASP B 404 37.65 -11.11 -4.21
CA ASP B 404 37.73 -10.25 -5.37
C ASP B 404 36.33 -9.82 -5.81
N ARG B 405 36.25 -8.63 -6.39
CA ARG B 405 34.97 -8.15 -6.92
C ARG B 405 34.59 -8.83 -8.23
N THR B 406 35.35 -9.84 -8.67
CA THR B 406 34.99 -10.67 -9.82
C THR B 406 34.12 -11.83 -9.37
N SER B 407 33.97 -12.84 -10.24
CA SER B 407 33.27 -14.08 -9.89
C SER B 407 31.82 -13.82 -9.51
N PRO B 408 30.95 -13.52 -10.48
CA PRO B 408 29.55 -13.22 -10.16
C PRO B 408 28.88 -14.37 -9.42
N ALA B 409 28.09 -14.02 -8.41
CA ALA B 409 27.38 -15.03 -7.63
C ALA B 409 26.17 -15.54 -8.40
N ILE B 410 25.73 -16.74 -8.01
CA ILE B 410 24.59 -17.40 -8.62
C ILE B 410 24.87 -17.52 -10.12
N GLN B 411 26.06 -17.99 -10.46
CA GLN B 411 26.46 -18.19 -11.85
C GLN B 411 26.12 -19.61 -12.25
N SER B 412 25.18 -19.77 -13.19
CA SER B 412 24.78 -21.09 -13.64
C SER B 412 25.87 -21.73 -14.49
N LYS B 413 25.96 -23.06 -14.40
CA LYS B 413 26.90 -23.79 -15.24
C LYS B 413 26.56 -23.65 -16.72
N SER B 414 25.28 -23.77 -17.05
CA SER B 414 24.80 -23.59 -18.41
C SER B 414 24.26 -22.17 -18.57
N GLY B 415 24.59 -21.53 -19.67
CA GLY B 415 24.19 -20.14 -19.88
C GLY B 415 22.72 -19.99 -20.20
N GLY B 416 21.87 -20.29 -19.22
CA GLY B 416 20.44 -20.15 -19.39
C GLY B 416 19.80 -19.74 -18.09
N LYS B 417 18.50 -19.45 -18.16
CA LYS B 417 17.77 -19.00 -16.99
C LYS B 417 17.66 -20.14 -15.97
N ILE B 418 17.92 -19.82 -14.70
CA ILE B 418 17.92 -20.78 -13.62
C ILE B 418 17.05 -20.25 -12.50
N SER B 419 16.16 -21.09 -11.97
CA SER B 419 15.26 -20.71 -10.89
C SER B 419 15.81 -21.25 -9.58
N VAL B 420 16.18 -20.34 -8.68
CA VAL B 420 16.70 -20.67 -7.36
C VAL B 420 15.93 -19.87 -6.32
N GLY B 421 16.36 -20.00 -5.07
CA GLY B 421 15.72 -19.27 -3.98
C GLY B 421 16.58 -19.21 -2.74
N PHE B 422 16.62 -18.05 -2.08
CA PHE B 422 17.46 -17.85 -0.91
C PHE B 422 16.60 -17.20 0.18
N PHE B 423 16.30 -17.97 1.24
CA PHE B 423 15.46 -17.44 2.30
C PHE B 423 16.19 -16.39 3.12
N LYS B 424 17.28 -16.78 3.78
CA LYS B 424 18.12 -15.87 4.55
C LYS B 424 19.56 -16.12 4.16
N CYS B 425 20.15 -15.20 3.39
CA CYS B 425 21.52 -15.33 2.95
C CYS B 425 22.11 -13.94 2.82
N GLY B 426 23.44 -13.89 2.78
CA GLY B 426 24.14 -12.63 2.63
C GLY B 426 25.23 -12.68 1.60
N PHE B 427 25.13 -11.87 0.54
CA PHE B 427 26.09 -11.89 -0.55
C PHE B 427 27.02 -10.70 -0.40
N TYR B 428 28.34 -10.97 -0.34
CA TYR B 428 29.32 -9.94 -0.10
C TYR B 428 30.40 -9.96 -1.17
N ARG B 429 30.78 -8.77 -1.64
CA ARG B 429 31.95 -8.56 -2.48
C ARG B 429 31.87 -9.31 -3.80
N PHE B 430 30.68 -9.50 -4.35
CA PHE B 430 30.52 -10.17 -5.63
C PHE B 430 30.43 -9.15 -6.76
N ASP B 431 30.74 -9.61 -7.98
CA ASP B 431 30.52 -8.77 -9.15
C ASP B 431 29.04 -8.48 -9.35
N ARG B 432 28.21 -9.49 -9.17
CA ARG B 432 26.77 -9.39 -9.33
C ARG B 432 26.17 -10.72 -8.87
N VAL B 433 24.97 -10.65 -8.30
CA VAL B 433 24.25 -11.87 -7.91
C VAL B 433 23.42 -12.27 -9.12
N GLY B 434 24.06 -12.97 -10.03
CA GLY B 434 23.44 -13.32 -11.30
C GLY B 434 24.48 -13.98 -12.18
N ASN B 435 23.99 -14.67 -13.20
CA ASN B 435 24.83 -15.55 -14.00
C ASN B 435 25.29 -14.88 -15.29
N ARG B 436 26.59 -15.00 -15.57
CA ARG B 436 27.24 -14.77 -16.85
C ARG B 436 27.11 -13.34 -17.36
N ARG B 437 26.62 -12.40 -16.54
CA ARG B 437 26.61 -10.98 -16.87
C ARG B 437 25.59 -10.65 -17.95
N GLY B 438 24.99 -11.67 -18.56
CA GLY B 438 24.06 -11.43 -19.65
C GLY B 438 22.84 -12.33 -19.64
N ALA B 439 22.70 -13.15 -18.60
CA ALA B 439 21.57 -14.07 -18.48
C ALA B 439 20.81 -13.77 -17.20
N TYR B 440 19.62 -14.36 -17.10
CA TYR B 440 18.70 -14.07 -16.01
C TYR B 440 18.56 -15.27 -15.08
N ILE B 441 18.09 -15.00 -13.87
CA ILE B 441 17.78 -16.03 -12.88
C ILE B 441 16.38 -15.78 -12.34
N GLY B 442 15.56 -16.82 -12.29
CA GLY B 442 14.21 -16.69 -11.80
C GLY B 442 14.11 -16.97 -10.31
N CYS B 443 14.62 -16.06 -9.48
CA CYS B 443 14.72 -16.26 -8.05
C CYS B 443 14.00 -15.16 -7.29
N SER B 444 13.80 -15.39 -6.00
CA SER B 444 13.17 -14.42 -5.10
C SER B 444 13.92 -14.44 -3.77
N PHE B 445 14.67 -13.38 -3.51
CA PHE B 445 15.43 -13.24 -2.26
C PHE B 445 14.49 -12.71 -1.19
N GLN B 446 14.00 -13.62 -0.34
CA GLN B 446 12.98 -13.23 0.64
C GLN B 446 13.55 -12.33 1.72
N PHE B 447 14.68 -12.73 2.32
CA PHE B 447 15.32 -11.93 3.37
C PHE B 447 16.83 -12.05 3.15
N CYS B 448 17.42 -11.10 2.43
CA CYS B 448 18.83 -11.19 2.10
C CYS B 448 19.52 -9.86 2.36
N ASN B 449 20.85 -9.91 2.33
CA ASN B 449 21.70 -8.74 2.58
C ASN B 449 22.73 -8.68 1.48
N PHE B 450 22.65 -7.64 0.63
CA PHE B 450 23.55 -7.46 -0.49
C PHE B 450 24.48 -6.30 -0.16
N ASN B 451 25.74 -6.61 0.10
CA ASN B 451 26.70 -5.64 0.61
C ASN B 451 27.99 -5.71 -0.18
N GLN B 452 28.59 -4.54 -0.41
CA GLN B 452 29.92 -4.38 -1.01
C GLN B 452 30.07 -5.05 -2.37
N ASN B 453 28.96 -5.41 -3.02
CA ASN B 453 29.04 -5.98 -4.35
C ASN B 453 29.28 -4.89 -5.39
N ASN B 454 29.40 -5.32 -6.65
CA ASN B 454 29.38 -4.36 -7.75
C ASN B 454 27.96 -4.17 -8.29
N ILE B 455 27.09 -5.16 -8.10
CA ILE B 455 25.68 -5.05 -8.48
C ILE B 455 24.87 -5.77 -7.42
N GLY B 456 23.97 -5.02 -6.76
CA GLY B 456 23.24 -5.59 -5.63
C GLY B 456 22.32 -6.72 -6.03
N ILE B 457 21.56 -6.55 -7.11
CA ILE B 457 20.70 -7.60 -7.65
C ILE B 457 20.76 -7.53 -9.17
N TYR B 458 20.87 -8.69 -9.81
CA TYR B 458 21.08 -8.77 -11.25
C TYR B 458 19.99 -9.61 -11.90
N ASN B 459 19.17 -8.97 -12.75
CA ASN B 459 18.35 -9.64 -13.75
C ASN B 459 17.46 -10.73 -13.16
N THR B 460 16.87 -10.45 -12.01
CA THR B 460 15.89 -11.37 -11.44
C THR B 460 14.58 -11.30 -12.22
N VAL B 461 14.03 -12.47 -12.54
CA VAL B 461 12.81 -12.59 -13.34
C VAL B 461 11.74 -13.26 -12.49
N ASP B 462 10.53 -12.71 -12.51
CA ASP B 462 9.40 -13.24 -11.75
C ASP B 462 9.73 -13.32 -10.26
N GLY B 463 10.41 -12.30 -9.75
CA GLY B 463 10.91 -12.29 -8.38
C GLY B 463 9.94 -11.59 -7.44
N ASN B 464 9.84 -12.13 -6.23
CA ASN B 464 9.03 -11.55 -5.15
C ASN B 464 9.93 -11.44 -3.93
N HIS B 465 10.58 -10.28 -3.77
CA HIS B 465 11.58 -10.07 -2.74
C HIS B 465 10.91 -9.43 -1.53
N ILE B 466 10.91 -10.13 -0.40
CA ILE B 466 10.11 -9.69 0.74
C ILE B 466 10.81 -8.58 1.51
N GLY B 467 11.97 -8.87 2.07
CA GLY B 467 12.61 -7.94 2.98
C GLY B 467 14.10 -7.79 2.82
N CYS B 468 14.57 -7.67 1.59
CA CYS B 468 15.99 -7.60 1.32
C CYS B 468 16.62 -6.36 1.82
N THR B 469 17.94 -6.38 1.92
CA THR B 469 18.62 -5.16 2.33
C THR B 469 19.80 -4.93 1.40
N ILE B 470 19.83 -3.77 0.76
CA ILE B 470 20.90 -3.40 -0.16
C ILE B 470 21.74 -2.33 0.52
N ASN B 471 22.95 -2.71 0.93
CA ASN B 471 23.85 -1.81 1.65
C ASN B 471 24.74 -1.09 0.63
N ALA B 472 25.81 -0.45 1.10
CA ALA B 472 26.71 0.28 0.21
C ALA B 472 27.39 -0.65 -0.76
N ASN B 473 26.93 -0.65 -2.01
CA ASN B 473 27.50 -1.47 -3.07
C ASN B 473 28.27 -0.60 -4.05
N LYS B 474 29.44 -1.06 -4.46
CA LYS B 474 30.14 -0.41 -5.55
C LYS B 474 29.29 -0.50 -6.81
N SER B 475 29.36 0.45 -7.71
CA SER B 475 28.52 0.35 -8.91
C SER B 475 27.03 0.53 -8.66
N HIS B 476 26.19 0.08 -9.58
CA HIS B 476 24.73 0.35 -9.54
C HIS B 476 23.88 -0.07 -8.41
N GLY B 477 24.08 -1.25 -7.94
CA GLY B 477 23.21 -1.74 -6.89
C GLY B 477 22.19 -2.72 -7.48
N VAL B 478 20.91 -2.43 -7.24
CA VAL B 478 19.86 -3.23 -7.86
C VAL B 478 19.70 -2.78 -9.30
N MET B 479 20.12 -3.62 -10.24
CA MET B 479 20.03 -3.28 -11.66
C MET B 479 19.33 -4.40 -12.41
N LEU B 480 18.34 -4.03 -13.22
CA LEU B 480 17.60 -4.94 -14.06
C LEU B 480 17.69 -4.50 -15.51
N GLU B 481 17.79 -5.46 -16.41
CA GLU B 481 17.87 -5.19 -17.84
C GLU B 481 16.66 -5.76 -18.54
N THR B 482 16.70 -5.66 -19.86
CA THR B 482 15.60 -6.04 -20.68
C THR B 482 15.28 -7.47 -20.54
N GLY B 483 14.00 -7.77 -20.50
CA GLY B 483 13.55 -9.13 -20.34
C GLY B 483 13.27 -9.58 -18.93
N ALA B 484 13.91 -8.88 -18.00
CA ALA B 484 13.81 -9.19 -16.60
C ALA B 484 12.52 -8.61 -16.14
N ASN B 485 11.54 -8.87 -16.99
CA ASN B 485 10.18 -8.48 -16.83
C ASN B 485 9.63 -9.20 -15.62
N SER B 486 9.02 -8.40 -14.79
CA SER B 486 8.37 -8.79 -13.53
C SER B 486 9.37 -8.68 -12.41
N ASN B 487 8.87 -8.30 -11.26
CA ASN B 487 9.69 -8.16 -10.07
C ASN B 487 8.97 -7.28 -9.07
N THR B 488 8.91 -7.72 -7.82
CA THR B 488 8.28 -6.98 -6.73
C THR B 488 9.27 -6.90 -5.58
N PHE B 489 9.45 -5.70 -5.04
CA PHE B 489 10.34 -5.44 -3.91
C PHE B 489 9.49 -4.84 -2.79
N THR B 490 8.96 -5.71 -1.92
CA THR B 490 7.97 -5.27 -0.94
C THR B 490 8.57 -4.32 0.09
N ASN B 491 9.68 -4.70 0.72
CA ASN B 491 10.20 -3.91 1.83
C ASN B 491 11.71 -3.74 1.79
N CYS B 492 12.30 -3.80 0.61
CA CYS B 492 13.73 -3.65 0.51
C CYS B 492 14.17 -2.29 0.91
N ARG B 493 15.38 -2.19 1.40
CA ARG B 493 15.94 -0.88 1.73
C ARG B 493 17.27 -0.71 1.02
N ASN B 494 17.51 0.46 0.44
CA ASN B 494 18.73 0.77 -0.28
C ASN B 494 19.55 1.77 0.51
N GLU B 495 20.76 1.37 0.87
CA GLU B 495 21.69 2.22 1.61
C GLU B 495 22.60 2.97 0.62
N TRP B 496 23.69 3.54 1.10
CA TRP B 496 24.50 4.45 0.29
C TRP B 496 25.23 3.70 -0.81
N ASN B 497 24.50 3.29 -1.86
CA ASN B 497 25.12 2.60 -2.98
C ASN B 497 26.04 3.55 -3.74
N GLU B 498 27.28 3.12 -3.96
CA GLU B 498 28.26 3.92 -4.69
C GLU B 498 27.98 3.81 -6.19
N GLY B 499 26.85 4.37 -6.60
CA GLY B 499 26.45 4.32 -7.99
C GLY B 499 25.03 4.76 -8.27
N ASP B 500 24.29 3.93 -9.01
CA ASP B 500 22.99 4.31 -9.55
C ASP B 500 21.82 3.83 -8.69
N ASN B 501 22.07 3.01 -7.67
CA ASN B 501 21.01 2.48 -6.80
C ASN B 501 20.01 1.73 -7.68
N TRP B 502 18.72 2.07 -7.66
CA TRP B 502 17.76 1.41 -8.53
C TRP B 502 18.02 1.77 -9.98
N ASN B 503 18.14 0.73 -10.82
CA ASN B 503 18.45 0.92 -12.24
C ASN B 503 17.65 -0.09 -13.04
N PHE B 504 16.71 0.38 -13.85
CA PHE B 504 15.93 -0.47 -14.74
C PHE B 504 16.09 0.06 -16.16
N TYR B 505 16.30 -0.84 -17.11
CA TYR B 505 16.48 -0.46 -18.50
C TYR B 505 15.36 -0.97 -19.40
N GLY B 506 15.10 -2.28 -19.40
CA GLY B 506 14.11 -2.83 -20.29
C GLY B 506 13.14 -3.78 -19.62
N ALA B 507 13.11 -3.69 -18.31
CA ALA B 507 12.23 -4.48 -17.51
C ALA B 507 10.80 -4.05 -17.80
N THR B 508 9.96 -4.97 -18.22
CA THR B 508 8.57 -4.64 -18.51
C THR B 508 7.84 -4.25 -17.27
N SER B 509 8.14 -4.94 -16.19
CA SER B 509 7.45 -4.60 -14.97
C SER B 509 8.35 -4.45 -13.76
N ILE B 510 7.84 -3.72 -12.81
CA ILE B 510 8.60 -3.58 -11.57
C ILE B 510 7.74 -2.78 -10.60
N GLN B 511 7.76 -3.15 -9.33
CA GLN B 511 7.04 -2.39 -8.31
C GLN B 511 7.78 -2.48 -6.99
N VAL B 512 8.22 -1.33 -6.48
CA VAL B 512 8.86 -1.22 -5.17
C VAL B 512 7.79 -0.67 -4.23
N ILE B 513 7.48 -1.41 -3.17
CA ILE B 513 6.24 -1.15 -2.45
C ILE B 513 6.45 -0.14 -1.33
N ASN B 514 7.29 -0.46 -0.33
CA ASN B 514 7.20 0.28 0.92
C ASN B 514 8.47 1.01 1.34
N GLU B 515 9.59 0.31 1.38
CA GLU B 515 10.75 0.86 2.10
C GLU B 515 11.40 1.99 1.31
N LEU B 516 12.22 2.76 2.02
CA LEU B 516 12.81 3.99 1.51
C LEU B 516 14.02 3.70 0.61
N CYS B 517 14.43 4.74 -0.11
CA CYS B 517 15.60 4.74 -0.98
C CYS B 517 16.50 5.87 -0.51
N ASP B 518 17.52 5.54 0.28
CA ASP B 518 18.37 6.55 0.92
C ASP B 518 19.40 7.10 -0.05
N ARG B 519 20.40 7.80 0.48
CA ARG B 519 21.38 8.49 -0.34
C ARG B 519 22.03 7.54 -1.34
N ALA B 520 22.15 8.01 -2.58
CA ALA B 520 22.81 7.28 -3.65
C ALA B 520 23.72 8.24 -4.41
N PHE B 521 24.73 7.68 -5.07
CA PHE B 521 25.72 8.52 -5.75
C PHE B 521 25.31 8.75 -7.21
N GLY B 522 24.12 9.30 -7.39
CA GLY B 522 23.64 9.66 -8.71
C GLY B 522 22.41 8.88 -9.14
N TYR B 523 21.30 9.59 -9.34
CA TYR B 523 20.08 9.03 -9.90
C TYR B 523 19.56 7.85 -9.07
N GLY B 524 19.15 8.18 -7.84
CA GLY B 524 18.56 7.21 -6.93
C GLY B 524 17.63 6.22 -7.59
N PHE B 525 16.87 6.68 -8.57
CA PHE B 525 16.11 5.82 -9.47
C PHE B 525 16.49 6.14 -10.91
N ARG B 526 16.71 5.12 -11.72
CA ARG B 526 16.91 5.30 -13.15
C ARG B 526 15.94 4.41 -13.90
N ILE B 527 15.10 5.00 -14.75
CA ILE B 527 14.09 4.30 -15.53
C ILE B 527 14.26 4.72 -16.98
N SER B 528 14.53 3.74 -17.85
CA SER B 528 14.88 4.02 -19.24
C SER B 528 13.82 3.57 -20.23
N ASN B 529 13.41 2.30 -20.19
CA ASN B 529 12.35 1.79 -21.05
C ASN B 529 11.46 0.81 -20.28
N SER B 530 11.34 0.99 -19.00
CA SER B 530 10.60 0.02 -18.28
C SER B 530 9.49 0.62 -17.50
N SER B 531 8.30 0.03 -17.62
CA SER B 531 7.17 0.50 -16.86
C SER B 531 7.45 0.14 -15.42
N VAL B 532 7.13 1.01 -14.49
CA VAL B 532 7.38 0.75 -13.08
C VAL B 532 6.26 1.38 -12.27
N THR B 533 6.19 1.06 -11.00
CA THR B 533 5.28 1.67 -10.05
C THR B 533 5.95 1.72 -8.68
N LEU B 534 5.80 2.85 -8.00
CA LEU B 534 6.34 3.05 -6.65
C LEU B 534 5.17 3.37 -5.73
N ILE B 535 4.89 2.46 -4.79
CA ILE B 535 3.68 2.58 -3.99
C ILE B 535 3.91 3.52 -2.81
N ASN B 536 4.93 3.24 -2.00
CA ASN B 536 5.18 4.03 -0.80
C ASN B 536 6.67 4.31 -0.61
N VAL B 537 7.42 4.35 -1.72
CA VAL B 537 8.87 4.56 -1.64
C VAL B 537 9.16 5.95 -1.10
N ASN B 538 10.07 6.03 -0.13
CA ASN B 538 10.50 7.30 0.45
C ASN B 538 11.87 7.61 -0.13
N ILE B 539 11.89 8.36 -1.22
CA ILE B 539 13.13 8.64 -1.96
C ILE B 539 13.85 9.78 -1.24
N ARG B 540 14.84 9.43 -0.44
CA ARG B 540 15.62 10.41 0.32
C ARG B 540 16.62 11.09 -0.61
N ARG B 541 17.59 11.79 -0.01
CA ARG B 541 18.60 12.51 -0.76
C ARG B 541 19.27 11.59 -1.79
N SER B 542 19.81 12.19 -2.84
CA SER B 542 20.40 11.42 -3.93
C SER B 542 21.44 12.28 -4.63
N ALA B 543 22.25 11.62 -5.46
CA ALA B 543 23.27 12.27 -6.28
C ALA B 543 24.30 13.00 -5.42
N ARG B 544 24.96 12.23 -4.55
CA ARG B 544 26.09 12.77 -3.79
C ARG B 544 27.24 13.13 -4.72
N THR B 545 27.55 12.26 -5.68
CA THR B 545 28.60 12.50 -6.66
C THR B 545 27.92 12.68 -8.01
N ALA B 546 27.77 13.94 -8.42
CA ALA B 546 27.08 14.25 -9.67
C ALA B 546 27.59 15.60 -10.18
N ALA B 547 27.21 15.92 -11.41
CA ALA B 547 27.63 17.15 -12.08
C ALA B 547 26.58 18.25 -11.96
N SER B 548 25.85 18.29 -10.85
CA SER B 548 24.85 19.32 -10.58
C SER B 548 23.78 19.34 -11.66
N GLY B 549 23.83 20.33 -12.55
CA GLY B 549 22.82 20.44 -13.58
C GLY B 549 22.75 19.21 -14.45
N ALA B 550 21.53 18.74 -14.72
CA ALA B 550 21.19 17.62 -15.59
C ALA B 550 21.64 16.28 -15.04
N ALA B 551 22.25 16.23 -13.86
CA ALA B 551 22.68 14.96 -13.29
C ALA B 551 22.44 14.83 -11.79
N SER B 552 21.81 15.81 -11.15
CA SER B 552 21.55 15.77 -9.71
C SER B 552 20.10 15.44 -9.40
N ALA B 553 19.34 14.94 -10.36
CA ALA B 553 17.94 14.64 -10.13
C ALA B 553 17.79 13.36 -9.31
N GLN B 554 16.68 13.26 -8.58
CA GLN B 554 16.40 12.08 -7.77
C GLN B 554 15.94 10.91 -8.63
N ILE B 555 15.22 11.19 -9.72
CA ILE B 555 14.75 10.15 -10.63
C ILE B 555 15.10 10.56 -12.05
N TYR B 556 15.78 9.67 -12.77
CA TYR B 556 16.06 9.84 -14.19
C TYR B 556 14.98 9.08 -14.95
N PHE B 557 13.97 9.80 -15.42
CA PHE B 557 12.84 9.22 -16.13
C PHE B 557 13.05 9.40 -17.62
N GLU B 558 12.87 8.31 -18.38
CA GLU B 558 12.98 8.40 -19.83
C GLU B 558 12.05 7.38 -20.47
N SER B 559 11.33 7.82 -21.51
CA SER B 559 10.65 6.96 -22.48
C SER B 559 9.99 5.72 -21.88
N SER B 560 9.31 5.87 -20.75
CA SER B 560 8.72 4.73 -20.07
C SER B 560 7.46 5.19 -19.34
N THR B 561 6.80 4.25 -18.67
CA THR B 561 5.62 4.53 -17.89
C THR B 561 5.97 4.39 -16.41
N LEU B 562 5.74 5.45 -15.65
CA LEU B 562 6.03 5.48 -14.22
C LEU B 562 4.79 5.90 -13.45
N LYS B 563 4.45 5.14 -12.42
CA LYS B 563 3.31 5.42 -11.57
C LYS B 563 3.78 5.56 -10.13
N MET B 564 3.16 6.49 -9.40
CA MET B 564 3.49 6.70 -7.99
C MET B 564 2.22 6.96 -7.21
N ILE B 565 2.14 6.38 -6.00
CA ILE B 565 0.93 6.40 -5.20
C ILE B 565 1.13 7.11 -3.87
N GLY B 566 2.25 6.87 -3.19
CA GLY B 566 2.51 7.50 -1.92
C GLY B 566 3.94 7.94 -1.71
N VAL B 567 4.62 8.29 -2.81
CA VAL B 567 6.05 8.57 -2.75
C VAL B 567 6.32 9.85 -1.97
N ASN B 568 7.33 9.79 -1.11
CA ASN B 568 7.81 10.93 -0.35
C ASN B 568 9.25 11.22 -0.73
N SER B 569 9.68 12.46 -0.53
CA SER B 569 11.03 12.84 -0.89
C SER B 569 11.51 13.97 0.01
N SER B 570 12.84 14.10 0.10
CA SER B 570 13.46 15.13 0.91
C SER B 570 14.89 15.32 0.44
N VAL B 571 15.53 16.37 0.95
CA VAL B 571 16.92 16.68 0.63
C VAL B 571 17.71 16.73 1.93
N GLY B 572 19.02 16.62 1.81
CA GLY B 572 19.88 16.70 2.97
C GLY B 572 21.28 16.25 2.63
N GLY B 573 22.15 16.32 3.64
CA GLY B 573 23.52 15.87 3.53
C GLY B 573 23.77 14.57 4.26
N ASP B 574 25.02 14.32 4.58
CA ASP B 574 25.38 13.12 5.32
C ASP B 574 24.84 13.17 6.74
N ASP B 575 24.68 11.99 7.34
CA ASP B 575 24.11 11.90 8.68
C ASP B 575 24.97 12.66 9.69
N THR B 576 26.27 12.36 9.72
CA THR B 576 27.20 13.07 10.57
C THR B 576 28.59 12.99 9.96
N GLY B 577 29.41 13.98 10.26
CA GLY B 577 30.72 14.05 9.63
C GLY B 577 30.58 14.15 8.12
N GLY B 578 31.29 13.28 7.42
CA GLY B 578 31.16 13.19 5.97
C GLY B 578 31.84 14.31 5.23
N SER B 579 32.31 14.00 4.01
CA SER B 579 32.98 15.02 3.21
C SER B 579 31.99 16.04 2.65
N ILE B 580 30.79 15.59 2.30
CA ILE B 580 29.79 16.44 1.67
C ILE B 580 28.65 16.66 2.66
N THR B 581 28.31 17.92 2.90
CA THR B 581 27.24 18.28 3.82
C THR B 581 26.12 19.08 3.18
N GLU B 582 26.33 19.61 1.98
CA GLU B 582 25.31 20.42 1.33
C GLU B 582 24.14 19.53 0.88
N PRO B 583 22.94 20.10 0.78
CA PRO B 583 21.82 19.35 0.20
C PRO B 583 22.14 18.88 -1.22
N SER B 584 22.12 17.57 -1.41
CA SER B 584 22.64 16.95 -2.63
C SER B 584 21.73 17.14 -3.85
N PRO B 585 20.47 16.70 -3.83
CA PRO B 585 19.71 16.66 -5.08
C PRO B 585 19.23 18.05 -5.49
N ASP B 586 19.67 18.51 -6.66
CA ASP B 586 19.23 19.80 -7.16
C ASP B 586 17.78 19.75 -7.64
N TYR B 587 17.43 18.69 -8.37
CA TYR B 587 16.10 18.55 -8.97
C TYR B 587 15.44 17.28 -8.45
N PHE B 588 14.26 17.00 -8.98
CA PHE B 588 13.55 15.75 -8.72
C PHE B 588 13.45 14.86 -9.94
N PHE B 589 13.15 15.43 -11.11
CA PHE B 589 13.02 14.66 -12.34
C PHE B 589 14.09 15.10 -13.34
N ARG B 590 14.65 14.13 -14.06
CA ARG B 590 15.49 14.37 -15.21
C ARG B 590 14.92 13.59 -16.37
N MET B 591 14.36 14.29 -17.36
CA MET B 591 13.73 13.68 -18.51
C MET B 591 14.59 13.92 -19.75
N ALA B 592 14.86 12.85 -20.49
CA ALA B 592 15.66 12.94 -21.70
C ALA B 592 15.12 11.94 -22.71
N GLY B 593 15.71 11.96 -23.91
CA GLY B 593 15.31 11.05 -24.96
C GLY B 593 14.03 11.50 -25.63
N THR B 594 13.55 10.63 -26.53
CA THR B 594 12.30 10.89 -27.23
C THR B 594 11.13 10.86 -26.25
N SER B 595 10.17 11.77 -26.45
CA SER B 595 9.06 11.96 -25.54
C SER B 595 7.87 11.13 -26.01
N GLU B 596 7.76 9.91 -25.49
CA GLU B 596 6.63 9.03 -25.78
C GLU B 596 6.15 8.27 -24.55
N GLY B 597 6.71 8.53 -23.38
CA GLY B 597 6.38 7.78 -22.19
C GLY B 597 5.08 8.24 -21.55
N ARG B 598 4.78 7.61 -20.41
CA ARG B 598 3.60 7.91 -19.63
C ARG B 598 4.02 8.18 -18.19
N LEU B 599 3.27 9.03 -17.50
CA LEU B 599 3.58 9.39 -16.12
C LEU B 599 2.29 9.59 -15.35
N GLU B 600 2.10 8.79 -14.29
CA GLU B 600 0.95 8.90 -13.41
C GLU B 600 1.44 9.17 -12.01
N ILE B 601 0.91 10.21 -11.37
CA ILE B 601 1.33 10.65 -10.05
C ILE B 601 0.09 10.92 -9.21
N SER B 602 0.09 10.42 -7.97
CA SER B 602 -1.01 10.65 -7.07
C SER B 602 -0.51 10.63 -5.63
N ASP B 603 -0.96 11.61 -4.84
CA ASP B 603 -0.76 11.63 -3.39
C ASP B 603 0.71 11.47 -2.99
N SER B 604 1.60 12.11 -3.76
CA SER B 604 3.03 12.04 -3.50
C SER B 604 3.55 13.43 -3.14
N ARG B 605 4.22 13.53 -2.00
CA ARG B 605 4.76 14.80 -1.51
C ARG B 605 6.17 15.00 -2.09
N LEU B 606 6.19 15.23 -3.40
CA LEU B 606 7.44 15.28 -4.17
C LEU B 606 8.00 16.70 -4.25
N THR B 607 8.13 17.32 -3.08
CA THR B 607 8.70 18.66 -2.97
C THR B 607 10.19 18.64 -2.67
N GLY B 608 10.83 17.47 -2.73
CA GLY B 608 12.23 17.37 -2.37
C GLY B 608 13.17 17.69 -3.52
N TYR B 609 13.66 18.92 -3.54
CA TYR B 609 14.62 19.38 -4.54
C TYR B 609 15.21 20.70 -4.02
N THR B 610 16.11 21.28 -4.82
CA THR B 610 16.75 22.53 -4.43
C THR B 610 16.49 23.66 -5.41
N VAL B 611 16.67 23.42 -6.71
CA VAL B 611 16.59 24.47 -7.72
C VAL B 611 15.39 24.30 -8.64
N GLY B 612 15.01 23.07 -8.96
CA GLY B 612 13.93 22.86 -9.90
C GLY B 612 13.31 21.49 -9.75
N LEU B 613 12.33 21.21 -10.60
CA LEU B 613 11.60 19.95 -10.57
C LEU B 613 11.88 19.06 -11.77
N ILE B 614 12.07 19.62 -12.95
CA ILE B 614 12.36 18.86 -14.17
C ILE B 614 13.59 19.44 -14.83
N SER B 615 14.45 18.57 -15.35
CA SER B 615 15.74 18.96 -15.92
C SER B 615 15.83 18.68 -17.41
N GLY B 616 14.69 18.58 -18.11
CA GLY B 616 14.71 18.30 -19.53
C GLY B 616 13.57 19.00 -20.24
N THR B 617 13.68 19.04 -21.57
CA THR B 617 12.65 19.61 -22.42
C THR B 617 11.68 18.55 -22.93
N ALA B 618 11.86 17.30 -22.52
CA ALA B 618 10.99 16.20 -22.90
C ALA B 618 9.97 15.95 -21.81
N ARG B 619 8.75 15.61 -22.20
CA ARG B 619 7.67 15.33 -21.28
C ARG B 619 6.96 14.06 -21.72
N PRO B 620 6.39 13.30 -20.77
CA PRO B 620 5.63 12.12 -21.16
C PRO B 620 4.42 12.49 -22.02
N SER B 621 4.07 11.57 -22.92
CA SER B 621 2.93 11.80 -23.79
C SER B 621 1.63 11.91 -22.99
N VAL B 622 1.53 11.13 -21.91
CA VAL B 622 0.36 11.15 -21.03
C VAL B 622 0.83 11.47 -19.62
N ILE B 623 0.24 12.50 -19.02
CA ILE B 623 0.55 12.93 -17.67
C ILE B 623 -0.74 12.93 -16.85
N ARG B 624 -0.68 12.32 -15.66
CA ARG B 624 -1.83 12.29 -14.74
C ARG B 624 -1.28 12.55 -13.33
N VAL B 625 -1.26 13.81 -12.94
CA VAL B 625 -0.73 14.23 -11.64
C VAL B 625 -1.89 14.81 -10.84
N ILE B 626 -2.18 14.20 -9.70
CA ILE B 626 -3.31 14.61 -8.86
C ILE B 626 -2.88 14.61 -7.41
N ASN B 627 -3.21 15.69 -6.70
CA ASN B 627 -3.07 15.77 -5.23
C ASN B 627 -1.63 15.50 -4.79
N SER B 628 -0.67 16.03 -5.54
CA SER B 628 0.74 15.86 -5.21
C SER B 628 1.39 17.22 -5.00
N PRO B 629 1.83 17.56 -3.78
CA PRO B 629 2.52 18.84 -3.58
C PRO B 629 3.79 18.92 -4.41
N GLY B 630 4.09 20.13 -4.87
CA GLY B 630 5.23 20.38 -5.72
C GLY B 630 4.91 20.38 -7.20
N TRP B 631 3.73 19.88 -7.58
CA TRP B 631 3.30 19.85 -8.97
C TRP B 631 1.80 20.07 -9.03
N GLU B 632 1.38 21.12 -9.73
CA GLU B 632 -0.04 21.38 -9.90
C GLU B 632 -0.68 20.29 -10.73
N ASP B 633 -1.99 20.08 -10.53
CA ASP B 633 -2.69 19.00 -11.20
C ASP B 633 -2.65 19.19 -12.71
N THR B 634 -2.23 18.14 -13.43
CA THR B 634 -2.21 18.14 -14.88
C THR B 634 -2.72 16.81 -15.38
N ILE B 635 -3.64 16.84 -16.35
CA ILE B 635 -4.14 15.64 -17.01
C ILE B 635 -4.22 15.93 -18.51
N ASN B 636 -3.77 14.98 -19.32
CA ASN B 636 -3.71 15.17 -20.76
C ASN B 636 -4.65 14.26 -21.54
N GLU B 637 -5.33 13.31 -20.89
CA GLU B 637 -6.21 12.39 -21.59
C GLU B 637 -7.60 12.43 -20.98
N GLY B 638 -8.57 11.97 -21.75
CA GLY B 638 -9.95 11.96 -21.32
C GLY B 638 -10.68 13.26 -21.64
N VAL B 639 -11.99 13.23 -21.41
CA VAL B 639 -12.81 14.42 -21.67
C VAL B 639 -12.50 15.50 -20.64
N ALA B 640 -12.36 15.14 -19.38
CA ALA B 640 -12.10 16.10 -18.31
C ALA B 640 -10.59 16.17 -18.08
N ARG B 641 -9.98 17.30 -18.41
CA ARG B 641 -8.56 17.51 -18.25
C ARG B 641 -8.34 18.64 -17.25
N ILE B 642 -7.10 18.74 -16.76
CA ILE B 642 -6.72 19.79 -15.83
C ILE B 642 -5.38 20.36 -16.28
N SER B 643 -5.27 21.69 -16.30
CA SER B 643 -4.02 22.38 -16.64
C SER B 643 -3.69 23.35 -15.52
N GLY B 644 -2.54 23.13 -14.87
CA GLY B 644 -2.10 24.03 -13.82
C GLY B 644 -3.07 24.18 -12.67
N GLY B 645 -3.87 23.16 -12.40
CA GLY B 645 -4.88 23.22 -11.35
C GLY B 645 -6.23 23.72 -11.79
N ARG B 646 -6.38 24.15 -13.04
CA ARG B 646 -7.66 24.64 -13.54
C ARG B 646 -8.25 23.60 -14.49
N PRO B 647 -9.45 23.10 -14.22
CA PRO B 647 -10.02 22.06 -15.09
C PRO B 647 -10.67 22.64 -16.34
N TYR B 648 -10.81 21.77 -17.33
CA TYR B 648 -11.52 22.09 -18.57
C TYR B 648 -11.96 20.79 -19.21
N ILE B 649 -12.75 20.91 -20.28
CA ILE B 649 -13.33 19.77 -20.97
C ILE B 649 -12.83 19.77 -22.42
N GLY B 650 -12.31 18.64 -22.85
CA GLY B 650 -11.90 18.52 -24.25
C GLY B 650 -10.48 18.99 -24.44
N THR B 651 -10.29 19.86 -25.42
CA THR B 651 -8.97 20.37 -25.78
C THR B 651 -8.99 21.90 -25.80
N MET B 652 -7.81 22.49 -25.65
CA MET B 652 -7.64 23.94 -25.74
C MET B 652 -6.89 24.27 -27.02
N PRO B 653 -7.58 24.47 -28.14
CA PRO B 653 -6.88 24.73 -29.41
C PRO B 653 -6.57 26.20 -29.61
N THR B 654 -5.41 26.46 -30.19
CA THR B 654 -4.97 27.81 -30.55
C THR B 654 -4.96 27.90 -32.07
N ALA B 655 -5.68 28.88 -32.60
CA ALA B 655 -5.76 29.09 -34.05
C ALA B 655 -5.32 30.50 -34.37
N THR B 656 -4.15 30.63 -35.00
CA THR B 656 -3.58 31.92 -35.34
C THR B 656 -3.59 32.07 -36.86
N GLY B 657 -3.97 33.26 -37.31
CA GLY B 657 -4.06 33.55 -38.73
C GLY B 657 -4.97 34.72 -39.01
N PRO B 658 -5.07 35.13 -40.27
CA PRO B 658 -5.91 36.28 -40.61
C PRO B 658 -7.38 35.89 -40.64
N ALA B 659 -8.17 36.55 -39.79
CA ALA B 659 -9.60 36.21 -39.65
C ALA B 659 -10.44 36.97 -40.66
N ASN B 660 -10.01 36.97 -41.91
CA ASN B 660 -10.79 37.60 -42.97
C ASN B 660 -10.92 36.69 -44.19
N VAL B 661 -12.15 36.53 -44.65
CA VAL B 661 -12.61 35.73 -45.82
C VAL B 661 -12.75 34.24 -45.57
N SER B 662 -12.32 33.78 -44.42
CA SER B 662 -12.45 32.40 -44.01
C SER B 662 -12.37 32.48 -42.51
N PRO B 663 -13.52 32.34 -41.83
CA PRO B 663 -13.39 32.44 -40.38
C PRO B 663 -12.54 31.34 -39.80
N ALA B 664 -11.68 31.73 -38.89
CA ALA B 664 -10.81 30.82 -38.15
C ALA B 664 -11.64 29.82 -37.37
N VAL B 665 -11.18 28.56 -37.36
CA VAL B 665 -11.92 27.45 -36.77
C VAL B 665 -11.11 26.86 -35.63
N LEU B 666 -11.74 26.70 -34.48
CA LEU B 666 -11.12 26.08 -33.30
C LEU B 666 -11.91 24.83 -32.96
N GLY B 667 -11.26 23.67 -33.05
CA GLY B 667 -11.96 22.41 -32.85
C GLY B 667 -12.07 22.07 -31.37
N LEU B 668 -13.29 22.04 -30.85
CA LEU B 668 -13.54 21.74 -29.45
C LEU B 668 -14.16 20.36 -29.31
N SER B 669 -13.89 19.73 -28.17
CA SER B 669 -14.39 18.41 -27.87
C SER B 669 -15.28 18.47 -26.63
N CYS B 670 -16.11 17.44 -26.47
CA CYS B 670 -17.03 17.36 -25.35
C CYS B 670 -17.37 15.89 -25.10
N GLY B 671 -17.96 15.63 -23.93
CA GLY B 671 -18.34 14.28 -23.59
C GLY B 671 -19.39 13.69 -24.52
N GLY B 672 -20.32 14.51 -24.98
CA GLY B 672 -21.37 14.08 -25.87
C GLY B 672 -22.75 14.30 -25.29
N VAL B 673 -23.74 14.19 -26.17
CA VAL B 673 -25.15 14.38 -25.82
C VAL B 673 -25.91 13.14 -26.29
N ASN B 674 -26.74 12.58 -25.41
CA ASN B 674 -27.55 11.43 -25.78
C ASN B 674 -28.75 11.87 -26.61
N THR B 675 -29.50 10.89 -27.09
CA THR B 675 -30.70 11.18 -27.87
C THR B 675 -31.79 11.79 -26.98
N TYR B 676 -32.51 12.77 -27.54
CA TYR B 676 -33.53 13.51 -26.79
C TYR B 676 -32.95 14.10 -25.51
N ASP B 677 -31.73 14.62 -25.59
CA ASP B 677 -31.02 15.13 -24.43
C ASP B 677 -30.38 16.47 -24.76
N ASN B 678 -30.01 17.19 -23.70
CA ASN B 678 -29.41 18.51 -23.80
C ASN B 678 -28.30 18.67 -22.79
N ASP B 679 -27.38 19.58 -23.10
CA ASP B 679 -26.27 19.92 -22.24
C ASP B 679 -25.95 21.41 -22.42
N MET B 680 -25.39 22.01 -21.39
CA MET B 680 -24.94 23.39 -21.47
C MET B 680 -23.54 23.51 -20.88
N PHE B 681 -22.78 24.48 -21.38
CA PHE B 681 -21.43 24.69 -20.91
C PHE B 681 -20.98 26.09 -21.29
N ASP B 682 -19.83 26.48 -20.74
CA ASP B 682 -19.28 27.82 -20.92
C ASP B 682 -17.95 27.75 -21.66
N ILE B 683 -17.73 28.70 -22.55
CA ILE B 683 -16.51 28.80 -23.33
C ILE B 683 -15.84 30.15 -23.05
N HIS B 684 -14.56 30.10 -22.73
CA HIS B 684 -13.69 31.27 -22.62
C HIS B 684 -12.99 31.45 -23.96
N LEU B 685 -13.16 32.61 -24.58
CA LEU B 685 -12.52 32.94 -25.84
C LEU B 685 -11.53 34.07 -25.61
N THR B 686 -10.30 33.89 -26.08
CA THR B 686 -9.22 34.85 -25.88
C THR B 686 -8.66 35.25 -27.23
N ILE B 687 -8.49 36.56 -27.43
CA ILE B 687 -8.03 37.15 -28.69
C ILE B 687 -6.81 38.01 -28.40
N ARG B 688 -5.74 37.81 -29.17
CA ARG B 688 -4.51 38.59 -29.02
C ARG B 688 -4.11 39.10 -30.40
N ASN B 689 -4.46 40.35 -30.70
CA ASN B 689 -4.11 40.94 -31.98
C ASN B 689 -2.60 41.00 -32.14
N THR B 690 -2.06 40.21 -33.07
CA THR B 690 -0.61 40.07 -33.18
C THR B 690 0.05 41.35 -33.70
N ASN B 691 -0.65 42.11 -34.55
CA ASN B 691 -0.05 43.30 -35.14
C ASN B 691 0.03 44.44 -34.12
N ASN B 692 -1.13 44.90 -33.64
CA ASN B 692 -1.16 46.03 -32.72
C ASN B 692 -0.73 45.64 -31.31
N GLY B 693 -1.07 44.43 -30.87
CA GLY B 693 -0.79 43.99 -29.52
C GLY B 693 -1.96 44.06 -28.57
N GLY B 694 -3.13 44.47 -29.03
CA GLY B 694 -4.29 44.53 -28.15
C GLY B 694 -4.79 43.15 -27.78
N HIS B 695 -5.49 43.10 -26.65
CA HIS B 695 -6.01 41.85 -26.10
C HIS B 695 -7.50 42.01 -25.83
N ASN B 696 -8.24 40.92 -26.02
CA ASN B 696 -9.68 40.94 -25.80
C ASN B 696 -10.15 39.57 -25.32
N GLY B 697 -11.28 39.55 -24.64
CA GLY B 697 -11.83 38.33 -24.09
C GLY B 697 -13.33 38.29 -24.24
N ALA B 698 -13.85 37.06 -24.25
CA ALA B 698 -15.27 36.82 -24.40
C ALA B 698 -15.67 35.61 -23.57
N ILE B 699 -16.87 35.67 -22.98
CA ILE B 699 -17.47 34.53 -22.32
C ILE B 699 -18.78 34.21 -23.04
N LEU B 700 -18.95 32.95 -23.41
CA LEU B 700 -20.19 32.57 -24.07
C LEU B 700 -20.71 31.26 -23.50
N THR B 701 -22.02 31.07 -23.61
CA THR B 701 -22.69 29.89 -23.10
C THR B 701 -23.29 29.13 -24.27
N VAL B 702 -22.98 27.85 -24.37
CA VAL B 702 -23.38 27.02 -25.50
C VAL B 702 -24.25 25.87 -25.01
N LEU B 703 -25.38 25.67 -25.68
CA LEU B 703 -26.29 24.56 -25.42
C LEU B 703 -26.26 23.60 -26.60
N LEU B 704 -26.04 22.32 -26.32
CA LEU B 704 -26.11 21.27 -27.32
C LEU B 704 -27.36 20.44 -27.07
N TYR B 705 -28.17 20.26 -28.10
CA TYR B 705 -29.40 19.48 -28.01
C TYR B 705 -29.45 18.46 -29.13
N ARG B 706 -29.96 17.26 -28.84
CA ARG B 706 -30.14 16.25 -29.88
C ARG B 706 -31.61 15.92 -30.01
N GLU B 707 -32.12 15.97 -31.23
CA GLU B 707 -33.42 15.44 -31.58
C GLU B 707 -33.25 14.01 -32.09
N GLY B 708 -34.30 13.44 -32.69
CA GLY B 708 -34.22 12.08 -33.18
C GLY B 708 -33.12 11.88 -34.21
N GLY B 709 -32.99 12.83 -35.14
CA GLY B 709 -32.01 12.69 -36.21
C GLY B 709 -30.58 12.99 -35.83
N ALA B 710 -30.30 14.23 -35.45
CA ALA B 710 -28.93 14.65 -35.16
C ALA B 710 -28.96 15.71 -34.06
N ALA B 711 -27.78 16.22 -33.74
CA ALA B 711 -27.60 17.24 -32.72
C ALA B 711 -27.25 18.59 -33.35
N ARG B 712 -27.55 19.65 -32.63
CA ARG B 712 -27.26 21.01 -33.07
C ARG B 712 -26.86 21.85 -31.87
N ALA B 713 -26.12 22.92 -32.14
CA ALA B 713 -25.60 23.80 -31.10
C ALA B 713 -26.11 25.22 -31.29
N THR B 714 -26.52 25.85 -30.19
CA THR B 714 -26.96 27.24 -30.19
C THR B 714 -26.22 27.99 -29.10
N ILE B 715 -25.91 29.25 -29.37
CA ILE B 715 -25.17 30.10 -28.43
C ILE B 715 -26.20 30.81 -27.55
N VAL B 716 -26.22 30.45 -26.26
CA VAL B 716 -27.20 31.03 -25.34
C VAL B 716 -26.89 32.51 -25.12
N ARG B 717 -25.64 32.84 -24.81
CA ARG B 717 -25.28 34.21 -24.50
C ARG B 717 -23.82 34.44 -24.85
N VAL B 718 -23.52 35.70 -25.19
CA VAL B 718 -22.15 36.16 -25.45
C VAL B 718 -21.96 37.49 -24.73
N ASP B 719 -20.86 37.61 -23.99
CA ASP B 719 -20.57 38.84 -23.25
C ASP B 719 -19.08 39.14 -23.36
N SER B 720 -18.77 40.43 -23.49
CA SER B 720 -17.39 40.89 -23.62
C SER B 720 -17.32 42.35 -23.22
N ARG B 721 -16.08 42.83 -23.06
CA ARG B 721 -15.87 44.25 -22.81
C ARG B 721 -16.16 45.04 -24.08
N SER B 722 -16.94 46.11 -23.94
CA SER B 722 -17.30 47.01 -25.04
C SER B 722 -18.08 46.30 -26.15
N ASN B 723 -18.64 45.13 -25.86
CA ASN B 723 -19.46 44.38 -26.81
C ASN B 723 -18.71 44.14 -28.12
N ALA B 724 -17.44 43.73 -28.01
CA ALA B 724 -16.62 43.54 -29.20
C ALA B 724 -17.09 42.33 -30.02
N VAL B 725 -17.50 41.26 -29.36
CA VAL B 725 -17.93 40.05 -30.04
C VAL B 725 -19.45 39.99 -30.00
N GLY B 726 -20.03 39.36 -31.01
CA GLY B 726 -21.48 39.19 -31.06
C GLY B 726 -21.85 38.10 -32.05
N GLU B 727 -23.01 37.50 -31.81
CA GLU B 727 -23.50 36.46 -32.70
C GLU B 727 -24.04 37.02 -34.01
N GLY B 728 -24.30 38.33 -34.06
CA GLY B 728 -24.80 38.93 -35.28
C GLY B 728 -23.77 38.90 -36.39
N ASP B 729 -24.27 38.91 -37.62
CA ASP B 729 -23.39 38.81 -38.78
C ASP B 729 -22.63 40.11 -39.01
N VAL B 730 -21.33 40.00 -39.24
CA VAL B 730 -20.49 41.13 -39.59
C VAL B 730 -20.69 41.45 -41.07
N ASN B 731 -20.16 42.59 -41.52
CA ASN B 731 -20.28 43.04 -42.90
C ASN B 731 -21.73 43.30 -43.29
N SER B 732 -22.55 43.71 -42.31
CA SER B 732 -23.95 44.06 -42.52
C SER B 732 -24.17 45.49 -42.08
N THR B 733 -24.97 46.22 -42.86
CA THR B 733 -25.25 47.62 -42.55
C THR B 733 -25.98 47.77 -41.22
N SER B 734 -26.75 46.77 -40.82
CA SER B 734 -27.49 46.82 -39.57
C SER B 734 -26.64 46.40 -38.37
N ALA B 735 -25.41 45.94 -38.60
CA ALA B 735 -24.57 45.46 -37.51
C ALA B 735 -24.18 46.60 -36.57
N ASP B 736 -24.11 46.28 -35.28
CA ASP B 736 -23.65 47.25 -34.29
C ASP B 736 -22.19 47.60 -34.56
N PRO B 737 -21.86 48.89 -34.70
CA PRO B 737 -20.46 49.27 -34.93
C PRO B 737 -19.51 48.83 -33.83
N GLN B 738 -20.00 48.64 -32.60
CA GLN B 738 -19.13 48.18 -31.53
C GLN B 738 -18.63 46.76 -31.79
N GLN B 739 -19.45 45.93 -32.42
CA GLN B 739 -19.06 44.55 -32.69
C GLN B 739 -17.95 44.49 -33.74
N VAL B 740 -16.89 43.76 -33.42
CA VAL B 740 -15.74 43.63 -34.32
C VAL B 740 -15.58 42.17 -34.74
N TYR B 741 -15.98 41.25 -33.87
CA TYR B 741 -15.83 39.82 -34.13
C TYR B 741 -17.21 39.15 -34.12
N GLN B 742 -17.39 38.21 -35.04
CA GLN B 742 -18.56 37.36 -35.10
C GLN B 742 -18.18 35.95 -34.69
N VAL B 743 -18.91 35.39 -33.74
CA VAL B 743 -18.65 34.06 -33.21
C VAL B 743 -19.85 33.17 -33.52
N SER B 744 -19.58 31.94 -33.92
CA SER B 744 -20.62 30.96 -34.19
C SER B 744 -20.10 29.57 -33.83
N VAL B 745 -21.02 28.63 -33.64
CA VAL B 745 -20.67 27.27 -33.27
C VAL B 745 -21.49 26.30 -34.11
N GLU B 746 -20.84 25.24 -34.59
CA GLU B 746 -21.52 24.18 -35.30
C GLU B 746 -20.86 22.85 -34.98
N VAL B 747 -21.64 21.78 -35.05
CA VAL B 747 -21.21 20.45 -34.66
C VAL B 747 -20.75 19.69 -35.89
N THR B 748 -19.64 18.95 -35.74
CA THR B 748 -19.08 18.15 -36.82
C THR B 748 -19.52 16.69 -36.72
N SER B 749 -19.27 16.06 -35.57
CA SER B 749 -19.67 14.68 -35.36
C SER B 749 -21.18 14.59 -35.15
N ASN B 750 -21.74 13.43 -35.49
CA ASN B 750 -23.17 13.21 -35.26
C ASN B 750 -23.47 13.02 -33.78
N ASP B 751 -22.46 12.74 -32.96
CA ASP B 751 -22.63 12.53 -31.54
C ASP B 751 -22.53 13.83 -30.73
N ALA B 752 -22.24 14.95 -31.39
CA ALA B 752 -22.03 16.25 -30.76
C ALA B 752 -20.86 16.24 -29.78
N SER B 753 -20.08 15.16 -29.76
CA SER B 753 -18.88 15.13 -28.91
C SER B 753 -17.84 16.12 -29.39
N THR B 754 -17.67 16.24 -30.71
CA THR B 754 -16.72 17.16 -31.30
C THR B 754 -17.46 18.19 -32.14
N PHE B 755 -17.21 19.47 -31.86
CA PHE B 755 -17.76 20.56 -32.64
C PHE B 755 -16.64 21.57 -32.89
N ASN B 756 -16.99 22.73 -33.42
CA ASN B 756 -15.96 23.74 -33.64
C ASN B 756 -16.54 25.14 -33.50
N LEU B 757 -15.70 26.06 -33.02
CA LEU B 757 -16.06 27.46 -32.90
C LEU B 757 -15.44 28.25 -34.05
N LEU B 758 -16.28 28.95 -34.80
CA LEU B 758 -15.85 29.75 -35.94
C LEU B 758 -15.87 31.21 -35.53
N VAL B 759 -14.73 31.88 -35.70
CA VAL B 759 -14.57 33.28 -35.36
C VAL B 759 -14.15 34.03 -36.62
N SER B 760 -14.86 35.13 -36.92
CA SER B 760 -14.58 35.91 -38.11
C SER B 760 -14.54 37.39 -37.75
N THR B 761 -13.85 38.17 -38.59
CA THR B 761 -13.77 39.61 -38.42
C THR B 761 -14.39 40.29 -39.65
N LYS B 762 -14.24 41.61 -39.71
CA LYS B 762 -14.74 42.36 -40.85
C LYS B 762 -13.94 42.03 -42.10
N SER B 763 -14.51 42.35 -43.27
CA SER B 763 -13.83 42.07 -44.52
C SER B 763 -12.63 42.98 -44.74
N ASP B 764 -12.70 44.23 -44.28
CA ASP B 764 -11.65 45.20 -44.58
C ASP B 764 -10.37 44.89 -43.83
N ASN B 765 -10.45 44.63 -42.54
CA ASN B 765 -9.26 44.44 -41.73
C ASN B 765 -8.70 43.04 -41.90
N SER B 766 -7.39 42.96 -41.93
CA SER B 766 -6.72 41.69 -42.00
C SER B 766 -5.67 41.72 -40.91
N ALA B 767 -5.77 40.78 -39.99
CA ALA B 767 -4.80 40.66 -38.91
C ALA B 767 -4.92 39.28 -38.29
N SER B 768 -3.83 38.84 -37.66
CA SER B 768 -3.79 37.57 -36.95
C SER B 768 -4.05 37.82 -35.47
N TYR B 769 -4.97 37.05 -34.89
CA TYR B 769 -5.29 37.24 -33.50
C TYR B 769 -4.99 36.09 -32.54
N ARG B 770 -4.61 34.92 -33.04
CA ARG B 770 -4.37 33.82 -32.11
C ARG B 770 -5.56 33.52 -31.21
N PHE B 771 -6.69 33.11 -31.78
CA PHE B 771 -7.86 32.79 -30.97
C PHE B 771 -7.61 31.53 -30.14
N ARG B 772 -8.04 31.58 -28.88
CA ARG B 772 -7.98 30.42 -27.99
C ARG B 772 -9.34 30.21 -27.36
N ALA B 773 -9.85 28.98 -27.44
CA ALA B 773 -11.16 28.64 -26.87
C ALA B 773 -10.98 27.52 -25.86
N LYS B 774 -11.46 27.74 -24.64
CA LYS B 774 -11.38 26.75 -23.58
C LYS B 774 -12.77 26.48 -23.03
N VAL B 775 -13.16 25.21 -23.00
CA VAL B 775 -14.48 24.81 -22.51
C VAL B 775 -14.37 24.57 -21.02
N LYS B 776 -14.90 25.49 -20.22
CA LYS B 776 -14.92 25.36 -18.77
C LYS B 776 -16.17 24.63 -18.34
N PRO B 777 -16.06 23.54 -17.55
CA PRO B 777 -17.21 22.73 -17.11
C PRO B 777 -18.32 23.55 -16.45
N SER C 266 26.23 -57.08 27.20
CA SER C 266 26.53 -56.15 28.28
C SER C 266 26.31 -54.71 27.84
N LEU C 267 27.01 -54.29 26.79
CA LEU C 267 26.85 -52.95 26.26
C LEU C 267 25.76 -52.85 25.20
N ALA C 268 25.19 -53.97 24.77
CA ALA C 268 24.15 -53.97 23.76
C ALA C 268 22.75 -53.90 24.35
N GLY C 269 22.62 -53.84 25.68
CA GLY C 269 21.33 -53.80 26.32
C GLY C 269 20.73 -52.41 26.37
N PRO C 270 19.63 -52.27 27.13
CA PRO C 270 18.98 -50.95 27.22
C PRO C 270 19.88 -49.87 27.82
N THR C 271 20.77 -50.22 28.73
CA THR C 271 21.62 -49.25 29.41
C THR C 271 23.02 -49.17 28.82
N GLY C 272 23.21 -49.67 27.60
CA GLY C 272 24.54 -49.67 27.02
C GLY C 272 25.05 -48.28 26.70
N ALA C 273 24.18 -47.40 26.20
CA ALA C 273 24.63 -46.09 25.76
C ALA C 273 25.17 -45.25 26.91
N SER C 274 24.51 -45.33 28.08
CA SER C 274 24.88 -44.50 29.21
C SER C 274 26.22 -44.88 29.84
N GLN C 275 26.81 -46.01 29.44
CA GLN C 275 28.04 -46.47 30.05
C GLN C 275 29.30 -45.98 29.35
N ILE C 276 29.17 -45.17 28.30
CA ILE C 276 30.31 -44.65 27.55
C ILE C 276 30.34 -43.13 27.72
N GLY C 277 31.41 -42.63 28.34
CA GLY C 277 31.52 -41.20 28.56
C GLY C 277 32.03 -40.45 27.35
N THR C 278 31.98 -39.13 27.44
CA THR C 278 32.42 -38.24 26.36
C THR C 278 33.46 -37.27 26.90
N ALA C 279 34.00 -36.44 25.99
CA ALA C 279 35.05 -35.50 26.37
C ALA C 279 34.49 -34.39 27.26
N ASN C 280 33.23 -34.01 27.05
CA ASN C 280 32.64 -32.92 27.83
C ASN C 280 32.54 -33.28 29.31
N GLY C 281 32.26 -34.54 29.62
CA GLY C 281 32.07 -34.98 30.99
C GLY C 281 30.77 -35.72 31.24
N LEU C 282 29.91 -35.87 30.23
CA LEU C 282 28.65 -36.56 30.34
C LEU C 282 28.58 -37.65 29.27
N ASN C 283 27.98 -38.78 29.62
CA ASN C 283 28.04 -39.96 28.77
C ASN C 283 27.24 -39.78 27.49
N VAL C 284 27.25 -40.83 26.66
CA VAL C 284 26.68 -40.74 25.31
C VAL C 284 25.17 -40.57 25.36
N GLN C 285 24.51 -41.19 26.34
CA GLN C 285 23.05 -41.20 26.36
C GLN C 285 22.47 -39.80 26.50
N ILE C 286 22.92 -39.05 27.52
CA ILE C 286 22.45 -37.68 27.67
C ILE C 286 22.98 -36.80 26.54
N ALA C 287 24.15 -37.14 25.97
CA ALA C 287 24.64 -36.39 24.82
C ALA C 287 23.67 -36.48 23.65
N LEU C 288 23.12 -37.68 23.41
CA LEU C 288 22.10 -37.84 22.38
C LEU C 288 20.78 -37.20 22.79
N ASP C 289 20.44 -37.25 24.08
CA ASP C 289 19.16 -36.71 24.53
C ASP C 289 19.12 -35.18 24.40
N ASN C 290 20.26 -34.51 24.60
CA ASN C 290 20.28 -33.06 24.48
C ASN C 290 20.20 -32.59 23.03
N LEU C 291 20.73 -33.39 22.10
CA LEU C 291 20.79 -32.95 20.71
C LEU C 291 19.41 -32.87 20.07
N ARG C 292 18.46 -33.68 20.54
CA ARG C 292 17.13 -33.71 19.94
C ARG C 292 16.26 -32.62 20.54
N SER C 293 15.49 -31.94 19.68
CA SER C 293 14.54 -30.92 20.12
C SER C 293 13.19 -31.52 20.48
N GLY C 294 12.70 -32.45 19.65
CA GLY C 294 11.45 -33.14 19.93
C GLY C 294 11.60 -34.63 19.70
N VAL C 295 10.51 -35.35 19.98
CA VAL C 295 10.52 -36.80 19.81
C VAL C 295 10.47 -37.13 18.33
N ASN C 296 11.40 -38.00 17.90
CA ASN C 296 11.49 -38.36 16.49
C ASN C 296 10.50 -39.48 16.17
N VAL C 297 9.76 -39.32 15.06
CA VAL C 297 8.80 -40.34 14.67
C VAL C 297 9.50 -41.61 14.21
N LEU C 298 10.62 -41.48 13.49
CA LEU C 298 11.33 -42.64 12.98
C LEU C 298 11.79 -43.58 14.08
N ASP C 299 11.91 -43.09 15.32
CA ASP C 299 12.28 -43.96 16.43
C ASP C 299 11.25 -45.06 16.63
N PHE C 300 9.98 -44.76 16.42
CA PHE C 300 8.91 -45.74 16.58
C PHE C 300 8.59 -46.44 15.27
N MET C 301 9.61 -46.99 14.60
CA MET C 301 9.42 -47.62 13.30
C MET C 301 10.28 -48.86 13.19
N THR C 302 9.82 -49.81 12.38
CA THR C 302 10.58 -51.01 12.08
C THR C 302 11.74 -50.66 11.14
N PHE C 303 12.74 -51.54 11.11
CA PHE C 303 13.92 -51.30 10.28
C PHE C 303 13.54 -51.18 8.80
N ALA C 304 12.81 -52.17 8.28
CA ALA C 304 12.45 -52.14 6.87
C ALA C 304 11.52 -50.97 6.56
N GLU C 305 10.55 -50.70 7.43
CA GLU C 305 9.64 -49.59 7.22
C GLU C 305 10.38 -48.26 7.24
N ARG C 306 11.30 -48.08 8.18
CA ARG C 306 12.09 -46.85 8.23
C ARG C 306 12.97 -46.71 7.01
N ALA C 307 13.57 -47.80 6.54
CA ALA C 307 14.38 -47.75 5.33
C ALA C 307 13.54 -47.35 4.12
N ALA C 308 12.33 -47.90 4.02
CA ALA C 308 11.45 -47.52 2.92
C ALA C 308 11.06 -46.05 3.02
N VAL C 309 10.83 -45.56 4.24
CA VAL C 309 10.50 -44.15 4.42
C VAL C 309 11.64 -43.27 3.95
N LEU C 310 12.87 -43.59 4.37
CA LEU C 310 14.03 -42.80 3.97
C LEU C 310 14.39 -42.99 2.51
N ASN C 311 13.85 -44.03 1.86
CA ASN C 311 14.17 -44.30 0.47
C ASN C 311 13.07 -43.91 -0.51
N TYR C 312 11.93 -43.43 -0.02
CA TYR C 312 10.82 -42.96 -0.85
C TYR C 312 10.32 -44.04 -1.82
N THR C 313 10.17 -45.29 -1.36
CA THR C 313 9.87 -46.40 -2.26
C THR C 313 8.47 -46.97 -2.05
N GLY C 314 8.14 -47.39 -0.83
CA GLY C 314 6.90 -48.10 -0.57
C GLY C 314 5.90 -47.30 0.23
N THR C 315 4.63 -47.65 0.06
CA THR C 315 3.54 -47.04 0.82
C THR C 315 3.68 -47.35 2.31
N ASN C 316 3.55 -48.62 2.66
CA ASN C 316 3.81 -49.21 3.97
C ASN C 316 2.85 -48.75 5.06
N ASP C 317 1.98 -47.77 4.81
CA ASP C 317 0.92 -47.36 5.73
C ASP C 317 1.45 -47.19 7.16
N ASN C 318 2.33 -46.22 7.32
CA ASN C 318 2.99 -45.99 8.62
C ASN C 318 2.20 -44.98 9.46
N SER C 319 1.08 -45.46 10.00
CA SER C 319 0.27 -44.64 10.89
C SER C 319 0.55 -44.93 12.36
N GLU C 320 1.00 -46.14 12.67
CA GLU C 320 1.26 -46.51 14.06
C GLU C 320 2.41 -45.72 14.65
N ALA C 321 3.43 -45.40 13.84
CA ALA C 321 4.52 -44.57 14.33
C ALA C 321 4.01 -43.20 14.77
N PHE C 322 3.16 -42.58 13.96
CA PHE C 322 2.59 -41.28 14.32
C PHE C 322 1.69 -41.40 15.55
N ARG C 323 0.89 -42.48 15.63
CA ARG C 323 0.02 -42.66 16.79
C ARG C 323 0.84 -42.77 18.07
N LYS C 324 1.92 -43.56 18.04
CA LYS C 324 2.75 -43.72 19.23
C LYS C 324 3.51 -42.44 19.56
N ALA C 325 3.97 -41.70 18.54
CA ALA C 325 4.64 -40.43 18.80
C ALA C 325 3.68 -39.44 19.47
N PHE C 326 2.44 -39.39 19.00
CA PHE C 326 1.45 -38.53 19.64
C PHE C 326 1.14 -39.00 21.06
N ALA C 327 1.02 -40.31 21.26
CA ALA C 327 0.75 -40.86 22.58
C ALA C 327 1.91 -40.70 23.55
N THR C 328 3.11 -40.39 23.04
CA THR C 328 4.24 -40.10 23.93
C THR C 328 3.93 -38.92 24.84
N GLY C 329 3.28 -37.89 24.29
CA GLY C 329 2.92 -36.72 25.05
C GLY C 329 3.80 -35.51 24.84
N SER C 330 4.72 -35.56 23.88
CA SER C 330 5.58 -34.43 23.61
C SER C 330 4.89 -33.46 22.65
N ARG C 331 4.96 -32.17 22.95
CA ARG C 331 4.30 -31.17 22.13
C ARG C 331 5.01 -30.96 20.79
N GLN C 332 6.23 -31.45 20.64
CA GLN C 332 7.02 -31.27 19.43
C GLN C 332 7.25 -32.61 18.76
N ILE C 333 6.89 -32.70 17.49
CA ILE C 333 7.05 -33.91 16.69
C ILE C 333 7.96 -33.59 15.52
N ILE C 334 9.04 -34.34 15.37
CA ILE C 334 10.02 -34.12 14.32
C ILE C 334 9.80 -35.18 13.24
N VAL C 335 9.48 -34.73 12.03
CA VAL C 335 9.32 -35.62 10.88
C VAL C 335 10.52 -35.41 9.96
N PRO C 336 11.42 -36.39 9.85
CA PRO C 336 12.57 -36.27 8.94
C PRO C 336 12.12 -36.29 7.50
N PRO C 337 13.03 -36.01 6.55
CA PRO C 337 12.62 -35.84 5.15
C PRO C 337 12.03 -37.06 4.45
N GLY C 338 11.81 -38.15 5.17
CA GLY C 338 11.25 -39.35 4.55
C GLY C 338 9.81 -39.16 4.10
N ARG C 339 9.34 -40.13 3.32
CA ARG C 339 7.98 -40.14 2.79
C ARG C 339 7.09 -41.03 3.66
N TYR C 340 5.95 -40.48 4.07
CA TYR C 340 5.06 -41.16 5.00
C TYR C 340 3.71 -41.41 4.36
N HIS C 341 2.95 -42.33 4.98
CA HIS C 341 1.59 -42.64 4.55
C HIS C 341 0.73 -42.87 5.78
N VAL C 342 -0.16 -41.93 6.07
CA VAL C 342 -0.95 -41.95 7.30
C VAL C 342 -2.41 -42.18 6.95
N LYS C 343 -3.18 -42.56 7.97
CA LYS C 343 -4.61 -42.86 7.78
C LYS C 343 -5.36 -42.52 9.05
N ASP C 344 -6.04 -41.38 9.05
CA ASP C 344 -7.00 -41.01 10.10
C ASP C 344 -6.35 -41.00 11.48
N VAL C 345 -5.21 -40.33 11.59
CA VAL C 345 -4.50 -40.20 12.85
C VAL C 345 -4.78 -38.81 13.41
N GLU C 346 -5.35 -38.76 14.61
CA GLU C 346 -5.70 -37.49 15.23
C GLU C 346 -4.47 -36.85 15.86
N ILE C 347 -4.30 -35.56 15.62
CA ILE C 347 -3.19 -34.78 16.17
C ILE C 347 -3.68 -34.12 17.46
N PRO C 348 -3.09 -34.41 18.61
CA PRO C 348 -3.51 -33.75 19.85
C PRO C 348 -3.19 -32.26 19.82
N SER C 349 -3.82 -31.54 20.74
CA SER C 349 -3.74 -30.08 20.75
C SER C 349 -2.32 -29.60 21.06
N LYS C 350 -1.98 -28.44 20.49
CA LYS C 350 -0.70 -27.77 20.73
C LYS C 350 0.49 -28.63 20.29
N VAL C 351 0.29 -29.48 19.28
CA VAL C 351 1.33 -30.36 18.76
C VAL C 351 1.76 -29.83 17.39
N LYS C 352 3.07 -29.66 17.21
CA LYS C 352 3.63 -29.10 16.00
C LYS C 352 4.51 -30.14 15.30
N LEU C 353 4.42 -30.18 13.98
CA LEU C 353 5.21 -31.11 13.17
C LEU C 353 6.32 -30.33 12.48
N PHE C 354 7.57 -30.64 12.84
CA PHE C 354 8.73 -29.95 12.28
C PHE C 354 9.30 -30.78 11.14
N GLY C 355 9.36 -30.18 9.95
CA GLY C 355 9.91 -30.86 8.80
C GLY C 355 10.79 -29.91 7.99
N THR C 356 11.68 -30.50 7.20
CA THR C 356 12.60 -29.76 6.36
C THR C 356 12.37 -30.15 4.90
N TYR C 357 12.23 -29.17 4.03
CA TYR C 357 12.02 -29.40 2.60
C TYR C 357 13.18 -28.82 1.81
N SER C 358 13.56 -29.51 0.74
CA SER C 358 14.61 -29.03 -0.15
C SER C 358 14.05 -28.44 -1.43
N TYR C 359 12.88 -28.91 -1.88
CA TYR C 359 12.26 -28.44 -3.10
C TYR C 359 10.77 -28.65 -3.02
N LYS C 360 10.00 -27.57 -3.17
CA LYS C 360 8.55 -27.64 -3.22
C LYS C 360 8.10 -27.53 -4.67
N PRO C 361 7.51 -28.58 -5.24
CA PRO C 361 7.18 -28.54 -6.67
C PRO C 361 6.20 -27.42 -7.00
N TYR C 362 6.44 -26.78 -8.15
CA TYR C 362 5.55 -25.72 -8.62
C TYR C 362 4.24 -26.29 -9.13
N ASN C 363 4.31 -27.33 -9.96
CA ASN C 363 3.13 -27.95 -10.55
C ASN C 363 3.28 -29.46 -10.47
N VAL C 364 2.36 -30.11 -9.75
CA VAL C 364 2.37 -31.55 -9.57
C VAL C 364 1.35 -32.12 -10.56
N THR C 365 1.82 -32.50 -11.74
CA THR C 365 0.94 -33.06 -12.76
C THR C 365 0.81 -34.57 -12.68
N SER C 366 1.84 -35.27 -12.22
CA SER C 366 1.84 -36.72 -12.14
C SER C 366 2.32 -37.15 -10.76
N ASP C 367 2.07 -38.43 -10.46
CA ASP C 367 2.47 -38.97 -9.15
C ASP C 367 3.98 -38.89 -8.94
N ALA C 368 4.75 -38.92 -10.03
CA ALA C 368 6.21 -38.87 -9.95
C ALA C 368 6.75 -37.44 -9.94
N SER C 369 5.89 -36.45 -9.68
CA SER C 369 6.37 -35.08 -9.58
C SER C 369 7.32 -34.89 -8.41
N PHE C 370 7.00 -35.49 -7.27
CA PHE C 370 7.88 -35.42 -6.11
C PHE C 370 9.07 -36.35 -6.29
N GLY C 371 10.26 -35.87 -5.94
CA GLY C 371 11.45 -36.70 -5.91
C GLY C 371 11.86 -36.98 -4.48
N THR C 372 13.16 -36.91 -4.20
CA THR C 372 13.63 -36.99 -2.82
C THR C 372 13.10 -35.80 -2.01
N ASP C 373 13.51 -34.60 -2.39
CA ASP C 373 12.99 -33.32 -1.85
C ASP C 373 13.02 -33.38 -0.32
N GLY C 374 11.98 -32.94 0.38
CA GLY C 374 11.97 -32.98 1.82
C GLY C 374 10.93 -33.94 2.37
N THR C 375 10.36 -33.60 3.53
CA THR C 375 9.39 -34.48 4.16
C THR C 375 8.06 -34.45 3.41
N ILE C 376 7.53 -35.64 3.12
CA ILE C 376 6.26 -35.79 2.41
C ILE C 376 5.37 -36.69 3.24
N ILE C 377 4.15 -36.23 3.53
CA ILE C 377 3.14 -37.04 4.21
C ILE C 377 1.99 -37.24 3.24
N ARG C 378 1.71 -38.50 2.93
CA ARG C 378 0.72 -38.85 1.91
C ARG C 378 -0.43 -39.62 2.51
N LYS C 379 -1.61 -39.43 1.94
CA LYS C 379 -2.75 -40.27 2.27
C LYS C 379 -2.58 -41.64 1.64
N VAL C 380 -3.07 -42.67 2.32
CA VAL C 380 -2.86 -44.05 1.92
C VAL C 380 -4.14 -44.62 1.33
N ALA C 381 -4.03 -45.20 0.14
CA ALA C 381 -5.09 -45.94 -0.55
C ALA C 381 -6.34 -45.05 -0.64
N GLY C 382 -7.51 -45.52 -0.20
CA GLY C 382 -8.72 -44.73 -0.27
C GLY C 382 -9.20 -44.25 1.09
N ALA C 383 -8.26 -43.82 1.94
CA ALA C 383 -8.61 -43.30 3.24
C ALA C 383 -9.42 -42.01 3.10
N ASP C 384 -10.36 -41.80 4.01
CA ASP C 384 -11.18 -40.60 3.97
C ASP C 384 -10.47 -39.37 4.52
N ASN C 385 -9.35 -39.55 5.21
CA ASN C 385 -8.57 -38.44 5.75
C ASN C 385 -7.16 -38.92 6.04
N MET C 386 -6.25 -37.96 6.22
CA MET C 386 -4.91 -38.26 6.69
C MET C 386 -4.63 -37.75 8.09
N PHE C 387 -5.17 -36.58 8.44
CA PHE C 387 -4.96 -35.98 9.75
C PHE C 387 -6.29 -35.44 10.27
N LEU C 388 -6.51 -35.58 11.57
CA LEU C 388 -7.67 -34.99 12.24
C LEU C 388 -7.14 -34.00 13.26
N TRP C 389 -7.17 -32.72 12.90
CA TRP C 389 -6.48 -31.68 13.64
C TRP C 389 -7.31 -31.21 14.83
N ASN C 390 -6.62 -30.70 15.85
CA ASN C 390 -7.23 -30.10 17.02
C ASN C 390 -6.72 -28.67 17.17
N THR C 391 -7.19 -27.99 18.22
CA THR C 391 -6.85 -26.59 18.42
C THR C 391 -5.35 -26.43 18.68
N ALA C 392 -4.79 -25.34 18.15
CA ALA C 392 -3.42 -24.90 18.36
C ALA C 392 -2.38 -25.82 17.72
N CYS C 393 -2.78 -26.66 16.76
CA CYS C 393 -1.80 -27.46 16.04
C CYS C 393 -1.07 -26.59 15.02
N ALA C 394 0.03 -27.13 14.50
CA ALA C 394 0.85 -26.40 13.53
C ALA C 394 1.71 -27.38 12.77
N ALA C 395 2.51 -26.86 11.83
CA ALA C 395 3.42 -27.66 11.03
C ALA C 395 4.35 -26.73 10.26
N GLU C 396 5.57 -27.21 9.99
CA GLU C 396 6.55 -26.49 9.21
C GLU C 396 7.23 -27.42 8.21
N GLY C 397 7.51 -26.91 7.02
CA GLY C 397 8.31 -27.62 6.06
C GLY C 397 7.70 -28.89 5.50
N VAL C 398 6.41 -29.12 5.74
CA VAL C 398 5.75 -30.36 5.38
C VAL C 398 4.97 -30.15 4.09
N MET C 399 5.08 -31.11 3.16
CA MET C 399 4.33 -31.07 1.91
C MET C 399 3.24 -32.14 2.01
N PHE C 400 2.07 -31.73 2.50
CA PHE C 400 0.92 -32.62 2.59
C PHE C 400 0.40 -32.95 1.20
N ASP C 401 0.07 -34.22 0.98
CA ASP C 401 -0.41 -34.68 -0.31
C ASP C 401 -1.45 -35.78 -0.10
N GLY C 402 -2.61 -35.61 -0.71
CA GLY C 402 -3.61 -36.65 -0.76
C GLY C 402 -3.92 -37.03 -2.19
N ARG C 403 -3.59 -38.26 -2.60
CA ARG C 403 -3.64 -38.62 -4.01
C ARG C 403 -5.01 -38.36 -4.61
N ASP C 404 -6.06 -38.81 -3.95
CA ASP C 404 -7.42 -38.51 -4.41
C ASP C 404 -7.75 -37.05 -4.10
N ARG C 405 -8.61 -36.48 -4.94
CA ARG C 405 -9.08 -35.11 -4.71
C ARG C 405 -10.10 -35.04 -3.60
N THR C 406 -10.36 -36.13 -2.88
CA THR C 406 -11.21 -36.14 -1.70
C THR C 406 -10.38 -35.83 -0.46
N SER C 407 -10.93 -36.11 0.73
CA SER C 407 -10.19 -35.99 1.99
C SER C 407 -9.71 -34.57 2.23
N PRO C 408 -10.60 -33.64 2.60
CA PRO C 408 -10.18 -32.24 2.78
C PRO C 408 -9.10 -32.12 3.84
N ALA C 409 -8.11 -31.27 3.56
CA ALA C 409 -7.02 -31.06 4.50
C ALA C 409 -7.47 -30.16 5.64
N ILE C 410 -6.73 -30.25 6.75
CA ILE C 410 -7.00 -29.48 7.96
C ILE C 410 -8.44 -29.77 8.38
N GLN C 411 -8.80 -31.05 8.42
CA GLN C 411 -10.14 -31.47 8.83
C GLN C 411 -10.11 -31.75 10.32
N SER C 412 -10.85 -30.96 11.09
CA SER C 412 -10.89 -31.13 12.53
C SER C 412 -11.68 -32.37 12.91
N LYS C 413 -11.28 -33.01 14.02
CA LYS C 413 -12.01 -34.16 14.51
C LYS C 413 -13.42 -33.77 14.94
N SER C 414 -13.54 -32.65 15.65
CA SER C 414 -14.83 -32.13 16.08
C SER C 414 -15.26 -31.04 15.09
N GLY C 415 -16.54 -31.07 14.72
CA GLY C 415 -17.04 -30.13 13.72
C GLY C 415 -17.19 -28.72 14.26
N GLY C 416 -16.07 -28.08 14.58
CA GLY C 416 -16.08 -26.72 15.08
C GLY C 416 -14.86 -25.99 14.59
N LYS C 417 -14.83 -24.68 14.87
CA LYS C 417 -13.72 -23.84 14.44
C LYS C 417 -12.44 -24.23 15.18
N ILE C 418 -11.35 -24.36 14.43
CA ILE C 418 -10.06 -24.76 14.97
C ILE C 418 -9.01 -23.75 14.53
N SER C 419 -8.18 -23.31 15.46
CA SER C 419 -7.13 -22.35 15.18
C SER C 419 -5.80 -23.08 15.05
N VAL C 420 -5.23 -23.06 13.85
CA VAL C 420 -3.94 -23.69 13.56
C VAL C 420 -3.04 -22.67 12.87
N GLY C 421 -1.87 -23.12 12.46
CA GLY C 421 -0.93 -22.25 11.77
C GLY C 421 0.14 -23.02 11.02
N PHE C 422 0.46 -22.59 9.80
CA PHE C 422 1.43 -23.28 8.95
C PHE C 422 2.42 -22.24 8.42
N PHE C 423 3.66 -22.30 8.91
CA PHE C 423 4.66 -21.32 8.47
C PHE C 423 5.08 -21.57 7.02
N LYS C 424 5.67 -22.73 6.76
CA LYS C 424 6.06 -23.12 5.41
C LYS C 424 5.57 -24.54 5.16
N CYS C 425 4.53 -24.67 4.35
CA CYS C 425 3.95 -25.97 4.06
C CYS C 425 3.39 -25.94 2.64
N GLY C 426 3.17 -27.13 2.09
CA GLY C 426 2.62 -27.23 0.76
C GLY C 426 1.50 -28.24 0.65
N PHE C 427 0.30 -27.79 0.29
CA PHE C 427 -0.87 -28.66 0.24
C PHE C 427 -1.15 -29.02 -1.21
N TYR C 428 -1.20 -30.33 -1.50
CA TYR C 428 -1.35 -30.79 -2.87
C TYR C 428 -2.51 -31.77 -2.97
N ARG C 429 -3.31 -31.61 -4.02
CA ARG C 429 -4.33 -32.58 -4.43
C ARG C 429 -5.39 -32.81 -3.36
N PHE C 430 -5.71 -31.79 -2.57
CA PHE C 430 -6.74 -31.91 -1.56
C PHE C 430 -8.08 -31.39 -2.09
N ASP C 431 -9.16 -31.85 -1.46
CA ASP C 431 -10.48 -31.29 -1.77
C ASP C 431 -10.55 -29.82 -1.39
N ARG C 432 -10.02 -29.48 -0.22
CA ARG C 432 -10.01 -28.13 0.31
C ARG C 432 -9.16 -28.14 1.57
N VAL C 433 -8.46 -27.04 1.81
CA VAL C 433 -7.68 -26.89 3.05
C VAL C 433 -8.63 -26.28 4.07
N GLY C 434 -9.42 -27.15 4.69
CA GLY C 434 -10.46 -26.72 5.61
C GLY C 434 -11.27 -27.92 6.03
N ASN C 435 -12.01 -27.75 7.11
CA ASN C 435 -12.67 -28.87 7.79
C ASN C 435 -14.14 -29.00 7.38
N ARG C 436 -14.53 -30.23 7.05
CA ARG C 436 -15.90 -30.70 6.96
C ARG C 436 -16.73 -29.99 5.90
N ARG C 437 -16.13 -29.16 5.05
CA ARG C 437 -16.80 -28.55 3.90
C ARG C 437 -17.79 -27.48 4.34
N GLY C 438 -18.03 -27.35 5.64
CA GLY C 438 -19.02 -26.39 6.11
C GLY C 438 -18.62 -25.65 7.37
N ALA C 439 -17.41 -25.88 7.85
CA ALA C 439 -16.91 -25.24 9.05
C ALA C 439 -15.65 -24.43 8.73
N TYR C 440 -15.26 -23.60 9.68
CA TYR C 440 -14.17 -22.65 9.49
C TYR C 440 -12.95 -23.04 10.32
N ILE C 441 -11.80 -22.51 9.92
CA ILE C 441 -10.55 -22.67 10.66
C ILE C 441 -9.91 -21.30 10.83
N GLY C 442 -9.51 -20.99 12.06
CA GLY C 442 -8.88 -19.71 12.34
C GLY C 442 -7.37 -19.75 12.20
N CYS C 443 -6.88 -19.85 10.97
CA CYS C 443 -5.46 -20.03 10.70
C CYS C 443 -4.93 -18.95 9.79
N SER C 444 -3.61 -18.87 9.70
CA SER C 444 -2.91 -17.91 8.86
C SER C 444 -1.73 -18.61 8.20
N PHE C 445 -1.84 -18.85 6.89
CA PHE C 445 -0.79 -19.51 6.12
C PHE C 445 0.23 -18.45 5.72
N GLN C 446 1.34 -18.38 6.47
CA GLN C 446 2.31 -17.30 6.26
C GLN C 446 3.04 -17.47 4.93
N PHE C 447 3.57 -18.67 4.66
CA PHE C 447 4.29 -18.93 3.41
C PHE C 447 3.92 -20.35 2.97
N CYS C 448 2.91 -20.48 2.12
CA CYS C 448 2.43 -21.80 1.75
C CYS C 448 2.25 -21.88 0.23
N ASN C 449 2.07 -23.11 -0.25
CA ASN C 449 1.90 -23.39 -1.66
C ASN C 449 0.68 -24.30 -1.82
N PHE C 450 -0.37 -23.78 -2.45
CA PHE C 450 -1.62 -24.51 -2.63
C PHE C 450 -1.71 -24.88 -4.12
N ASN C 451 -1.55 -26.16 -4.42
CA ASN C 451 -1.43 -26.63 -5.78
C ASN C 451 -2.34 -27.83 -6.01
N GLN C 452 -2.94 -27.89 -7.20
CA GLN C 452 -3.72 -29.02 -7.70
C GLN C 452 -4.87 -29.41 -6.78
N ASN C 453 -5.26 -28.56 -5.84
CA ASN C 453 -6.40 -28.85 -4.99
C ASN C 453 -7.70 -28.59 -5.75
N ASN C 454 -8.81 -28.87 -5.06
CA ASN C 454 -10.11 -28.43 -5.57
C ASN C 454 -10.49 -27.06 -5.03
N ILE C 455 -9.96 -26.69 -3.87
CA ILE C 455 -10.16 -25.35 -3.30
C ILE C 455 -8.85 -24.92 -2.65
N GLY C 456 -8.29 -23.80 -3.15
CA GLY C 456 -6.98 -23.38 -2.68
C GLY C 456 -6.95 -23.02 -1.21
N ILE C 457 -7.92 -22.24 -0.75
CA ILE C 457 -8.06 -21.89 0.66
C ILE C 457 -9.55 -21.90 1.00
N TYR C 458 -9.88 -22.47 2.16
CA TYR C 458 -11.27 -22.67 2.56
C TYR C 458 -11.53 -22.02 3.91
N ASN C 459 -12.40 -21.00 3.90
CA ASN C 459 -13.09 -20.53 5.11
C ASN C 459 -12.13 -20.18 6.24
N THR C 460 -11.02 -19.53 5.90
CA THR C 460 -10.12 -19.03 6.93
C THR C 460 -10.72 -17.81 7.61
N VAL C 461 -10.64 -17.78 8.94
CA VAL C 461 -11.23 -16.71 9.75
C VAL C 461 -10.10 -16.03 10.51
N ASP C 462 -10.11 -14.70 10.52
CA ASP C 462 -9.10 -13.91 11.21
C ASP C 462 -7.69 -14.26 10.73
N GLY C 463 -7.55 -14.46 9.42
CA GLY C 463 -6.30 -14.92 8.84
C GLY C 463 -5.46 -13.76 8.33
N ASN C 464 -4.15 -13.91 8.50
CA ASN C 464 -3.16 -12.95 7.99
C ASN C 464 -2.13 -13.74 7.19
N HIS C 465 -2.35 -13.84 5.89
CA HIS C 465 -1.55 -14.68 5.01
C HIS C 465 -0.48 -13.82 4.37
N ILE C 466 0.80 -14.13 4.65
CA ILE C 466 1.87 -13.23 4.27
C ILE C 466 2.24 -13.41 2.80
N GLY C 467 2.70 -14.60 2.43
CA GLY C 467 3.25 -14.80 1.10
C GLY C 467 2.87 -16.10 0.42
N CYS C 468 1.60 -16.45 0.50
CA CYS C 468 1.14 -17.72 -0.06
C CYS C 468 1.22 -17.78 -1.53
N THR C 469 1.15 -18.99 -2.05
CA THR C 469 1.14 -19.11 -3.52
C THR C 469 0.04 -20.08 -3.91
N ILE C 470 -0.88 -19.61 -4.75
CA ILE C 470 -1.99 -20.43 -5.24
C ILE C 470 -1.72 -20.75 -6.70
N ASN C 471 -1.39 -22.01 -6.96
CA ASN C 471 -1.05 -22.47 -8.29
C ASN C 471 -2.32 -22.96 -8.99
N ALA C 472 -2.17 -23.67 -10.10
CA ALA C 472 -3.32 -24.18 -10.85
C ALA C 472 -4.11 -25.17 -10.01
N ASN C 473 -5.24 -24.74 -9.48
CA ASN C 473 -6.12 -25.58 -8.69
C ASN C 473 -7.38 -25.91 -9.47
N LYS C 474 -7.81 -27.16 -9.42
CA LYS C 474 -9.11 -27.52 -9.95
C LYS C 474 -10.19 -26.77 -9.18
N SER C 475 -11.30 -26.42 -9.78
CA SER C 475 -12.31 -25.68 -9.01
C SER C 475 -11.93 -24.26 -8.66
N HIS C 476 -12.58 -23.67 -7.67
CA HIS C 476 -12.43 -22.24 -7.35
C HIS C 476 -11.13 -21.64 -6.96
N GLY C 477 -10.40 -22.33 -6.16
CA GLY C 477 -9.16 -21.75 -5.67
C GLY C 477 -9.34 -21.22 -4.25
N VAL C 478 -9.02 -19.94 -4.05
CA VAL C 478 -9.28 -19.31 -2.76
C VAL C 478 -10.75 -18.95 -2.68
N MET C 479 -11.49 -19.68 -1.85
CA MET C 479 -12.93 -19.45 -1.71
C MET C 479 -13.27 -19.25 -0.24
N LEU C 480 -14.02 -18.20 0.05
CA LEU C 480 -14.48 -17.88 1.39
C LEU C 480 -16.00 -17.77 1.38
N GLU C 481 -16.64 -18.25 2.44
CA GLU C 481 -18.08 -18.20 2.57
C GLU C 481 -18.45 -17.32 3.76
N THR C 482 -19.74 -17.30 4.02
CA THR C 482 -20.30 -16.45 5.03
C THR C 482 -19.75 -16.74 6.36
N GLY C 483 -19.46 -15.71 7.12
CA GLY C 483 -18.91 -15.86 8.44
C GLY C 483 -17.42 -15.82 8.55
N ALA C 484 -16.78 -16.12 7.41
CA ALA C 484 -15.34 -16.16 7.32
C ALA C 484 -14.89 -14.76 7.19
N ASN C 485 -15.51 -13.97 8.05
CA ASN C 485 -15.27 -12.57 8.20
C ASN C 485 -13.87 -12.38 8.70
N SER C 486 -13.19 -11.51 8.00
CA SER C 486 -11.79 -11.10 8.23
C SER C 486 -10.88 -11.97 7.43
N ASN C 487 -9.82 -11.37 6.97
CA ASN C 487 -8.82 -12.08 6.17
C ASN C 487 -7.99 -11.07 5.41
N THR C 488 -6.67 -11.21 5.46
CA THR C 488 -5.74 -10.35 4.75
C THR C 488 -4.79 -11.23 3.96
N PHE C 489 -4.60 -10.90 2.68
CA PHE C 489 -3.69 -11.62 1.79
C PHE C 489 -2.67 -10.61 1.28
N THR C 490 -1.54 -10.49 2.00
CA THR C 490 -0.59 -9.43 1.73
C THR C 490 0.08 -9.59 0.36
N ASN C 491 0.63 -10.77 0.08
CA ASN C 491 1.43 -10.93 -1.13
C ASN C 491 1.15 -12.23 -1.87
N CYS C 492 -0.03 -12.77 -1.70
CA CYS C 492 -0.36 -14.00 -2.37
C CYS C 492 -0.38 -13.85 -3.85
N ARG C 493 -0.09 -14.92 -4.55
CA ARG C 493 -0.18 -14.89 -6.01
C ARG C 493 -1.07 -16.02 -6.49
N ASN C 494 -1.96 -15.73 -7.43
CA ASN C 494 -2.88 -16.71 -7.98
C ASN C 494 -2.50 -17.06 -9.41
N GLU C 495 -2.20 -18.32 -9.65
CA GLU C 495 -1.83 -18.83 -10.96
C GLU C 495 -3.09 -19.32 -11.68
N TRP C 496 -2.91 -20.09 -12.75
CA TRP C 496 -4.02 -20.44 -13.63
C TRP C 496 -4.98 -21.40 -12.94
N ASN C 497 -5.78 -20.89 -12.01
CA ASN C 497 -6.77 -21.73 -11.33
C ASN C 497 -7.85 -22.16 -12.31
N GLU C 498 -8.11 -23.47 -12.37
CA GLU C 498 -9.15 -24.02 -13.23
C GLU C 498 -10.52 -23.79 -12.60
N GLY C 499 -10.90 -22.52 -12.53
CA GLY C 499 -12.18 -22.17 -11.93
C GLY C 499 -12.37 -20.69 -11.68
N ASP C 500 -12.78 -20.35 -10.45
CA ASP C 500 -13.22 -19.01 -10.11
C ASP C 500 -12.13 -18.15 -9.47
N ASN C 501 -10.98 -18.73 -9.14
CA ASN C 501 -9.86 -18.00 -8.52
C ASN C 501 -10.38 -17.39 -7.22
N TRP C 502 -10.29 -16.08 -7.01
CA TRP C 502 -10.83 -15.47 -5.80
C TRP C 502 -12.35 -15.54 -5.80
N ASN C 503 -12.90 -16.06 -4.70
CA ASN C 503 -14.35 -16.25 -4.59
C ASN C 503 -14.75 -15.93 -3.15
N PHE C 504 -15.52 -14.86 -2.96
CA PHE C 504 -16.06 -14.50 -1.67
C PHE C 504 -17.57 -14.41 -1.78
N TYR C 505 -18.29 -14.97 -0.81
CA TYR C 505 -19.74 -14.95 -0.81
C TYR C 505 -20.32 -14.14 0.33
N GLY C 506 -19.96 -14.44 1.57
CA GLY C 506 -20.55 -13.76 2.71
C GLY C 506 -19.53 -13.27 3.73
N ALA C 507 -18.30 -13.23 3.29
CA ALA C 507 -17.22 -12.77 4.10
C ALA C 507 -17.42 -11.29 4.36
N THR C 508 -17.48 -10.90 5.63
CA THR C 508 -17.66 -9.49 5.95
C THR C 508 -16.48 -8.69 5.56
N SER C 509 -15.30 -9.25 5.73
CA SER C 509 -14.13 -8.49 5.36
C SER C 509 -13.14 -9.27 4.53
N ILE C 510 -12.34 -8.52 3.82
CA ILE C 510 -11.28 -9.16 3.04
C ILE C 510 -10.45 -8.06 2.41
N GLN C 511 -9.14 -8.26 2.36
CA GLN C 511 -8.27 -7.30 1.68
C GLN C 511 -7.07 -8.02 1.10
N VAL C 512 -6.93 -7.94 -0.23
CA VAL C 512 -5.79 -8.50 -0.95
C VAL C 512 -4.90 -7.32 -1.28
N ILE C 513 -3.65 -7.35 -0.81
CA ILE C 513 -2.86 -6.12 -0.76
C ILE C 513 -2.07 -5.91 -2.04
N ASN C 514 -1.15 -6.81 -2.37
CA ASN C 514 -0.12 -6.44 -3.34
C ASN C 514 -0.06 -7.29 -4.60
N GLU C 515 0.00 -8.61 -4.45
CA GLU C 515 0.40 -9.44 -5.58
C GLU C 515 -0.72 -9.55 -6.61
N LEU C 516 -0.35 -10.00 -7.81
CA LEU C 516 -1.22 -10.02 -8.97
C LEU C 516 -2.16 -11.22 -8.94
N CYS C 517 -3.18 -11.15 -9.80
CA CYS C 517 -4.16 -12.21 -10.01
C CYS C 517 -4.12 -12.57 -11.49
N ASP C 518 -3.41 -13.64 -11.83
CA ASP C 518 -3.16 -13.99 -13.23
C ASP C 518 -4.37 -14.69 -13.84
N ARG C 519 -4.17 -15.32 -15.01
CA ARG C 519 -5.26 -15.92 -15.76
C ARG C 519 -6.06 -16.89 -14.90
N ALA C 520 -7.38 -16.79 -15.00
CA ALA C 520 -8.30 -17.68 -14.32
C ALA C 520 -9.39 -18.09 -15.29
N PHE C 521 -10.02 -19.24 -15.01
CA PHE C 521 -11.01 -19.78 -15.95
C PHE C 521 -12.42 -19.30 -15.56
N GLY C 522 -12.57 -17.99 -15.53
CA GLY C 522 -13.87 -17.38 -15.27
C GLY C 522 -13.92 -16.58 -13.99
N TYR C 523 -14.15 -15.27 -14.11
CA TYR C 523 -14.39 -14.39 -12.97
C TYR C 523 -13.22 -14.43 -11.99
N GLY C 524 -12.07 -13.92 -12.46
CA GLY C 524 -10.88 -13.81 -11.64
C GLY C 524 -11.13 -13.35 -10.22
N PHE C 525 -12.11 -12.47 -10.04
CA PHE C 525 -12.64 -12.12 -8.73
C PHE C 525 -14.15 -12.31 -8.75
N ARG C 526 -14.70 -12.93 -7.71
CA ARG C 526 -16.15 -13.02 -7.53
C ARG C 526 -16.50 -12.49 -6.16
N ILE C 527 -17.37 -11.48 -6.11
CA ILE C 527 -17.79 -10.84 -4.88
C ILE C 527 -19.32 -10.80 -4.89
N SER C 528 -19.94 -11.45 -3.89
CA SER C 528 -21.39 -11.64 -3.89
C SER C 528 -22.08 -10.84 -2.79
N ASN C 529 -21.67 -10.99 -1.53
CA ASN C 529 -22.22 -10.23 -0.41
C ASN C 529 -21.12 -9.84 0.57
N SER C 530 -19.93 -9.67 0.10
CA SER C 530 -18.89 -9.41 1.03
C SER C 530 -18.16 -8.15 0.72
N SER C 531 -17.96 -7.32 1.73
CA SER C 531 -17.21 -6.11 1.56
C SER C 531 -15.78 -6.53 1.34
N VAL C 532 -15.06 -5.90 0.44
CA VAL C 532 -13.68 -6.23 0.17
C VAL C 532 -12.92 -4.96 -0.16
N THR C 533 -11.62 -5.06 -0.21
CA THR C 533 -10.74 -3.99 -0.67
C THR C 533 -9.53 -4.59 -1.37
N LEU C 534 -9.14 -3.99 -2.49
CA LEU C 534 -7.97 -4.42 -3.27
C LEU C 534 -7.01 -3.23 -3.34
N ILE C 535 -5.86 -3.37 -2.70
CA ILE C 535 -4.95 -2.23 -2.57
C ILE C 535 -4.09 -2.06 -3.82
N ASN C 536 -3.38 -3.11 -4.20
CA ASN C 536 -2.46 -3.03 -5.33
C ASN C 536 -2.55 -4.27 -6.22
N VAL C 537 -3.72 -4.92 -6.24
CA VAL C 537 -3.88 -6.15 -7.01
C VAL C 537 -3.75 -5.84 -8.49
N ASN C 538 -2.96 -6.65 -9.19
CA ASN C 538 -2.79 -6.52 -10.64
C ASN C 538 -3.60 -7.63 -11.29
N ILE C 539 -4.84 -7.33 -11.65
CA ILE C 539 -5.78 -8.32 -12.16
C ILE C 539 -5.47 -8.51 -13.64
N ARG C 540 -4.76 -9.58 -13.96
CA ARG C 540 -4.37 -9.89 -15.33
C ARG C 540 -5.56 -10.50 -16.07
N ARG C 541 -5.30 -11.10 -17.23
CA ARG C 541 -6.33 -11.72 -18.04
C ARG C 541 -7.16 -12.69 -17.21
N SER C 542 -8.39 -12.92 -17.65
CA SER C 542 -9.32 -13.76 -16.89
C SER C 542 -10.35 -14.35 -17.86
N ALA C 543 -11.08 -15.34 -17.36
CA ALA C 543 -12.16 -15.99 -18.10
C ALA C 543 -11.65 -16.63 -19.39
N ARG C 544 -10.71 -17.57 -19.22
CA ARG C 544 -10.27 -18.37 -20.36
C ARG C 544 -11.39 -19.26 -20.87
N THR C 545 -12.13 -19.89 -19.96
CA THR C 545 -13.26 -20.74 -20.30
C THR C 545 -14.52 -20.03 -19.80
N ALA C 546 -15.22 -19.37 -20.72
CA ALA C 546 -16.40 -18.59 -20.37
C ALA C 546 -17.29 -18.49 -21.60
N ALA C 547 -18.51 -17.99 -21.37
CA ALA C 547 -19.52 -17.86 -22.42
C ALA C 547 -19.55 -16.45 -23.02
N SER C 548 -18.40 -15.79 -23.07
CA SER C 548 -18.28 -14.45 -23.65
C SER C 548 -19.18 -13.45 -22.94
N GLY C 549 -20.29 -13.08 -23.57
CA GLY C 549 -21.17 -12.10 -22.97
C GLY C 549 -21.69 -12.54 -21.61
N ALA C 550 -21.67 -11.62 -20.66
CA ALA C 550 -22.17 -11.76 -19.30
C ALA C 550 -21.36 -12.73 -18.45
N ALA C 551 -20.29 -13.32 -18.99
CA ALA C 551 -19.48 -14.25 -18.22
C ALA C 551 -17.98 -14.11 -18.43
N SER C 552 -17.54 -13.14 -19.23
CA SER C 552 -16.12 -12.94 -19.50
C SER C 552 -15.54 -11.75 -18.74
N ALA C 553 -16.24 -11.26 -17.71
CA ALA C 553 -15.76 -10.11 -16.96
C ALA C 553 -14.64 -10.52 -16.02
N GLN C 554 -13.76 -9.55 -15.71
CA GLN C 554 -12.65 -9.80 -14.80
C GLN C 554 -13.11 -9.86 -13.35
N ILE C 555 -14.13 -9.07 -12.99
CA ILE C 555 -14.68 -9.06 -11.64
C ILE C 555 -16.19 -9.20 -11.73
N TYR C 556 -16.74 -10.18 -11.02
CA TYR C 556 -18.18 -10.35 -10.87
C TYR C 556 -18.58 -9.68 -9.57
N PHE C 557 -19.09 -8.46 -9.66
CA PHE C 557 -19.47 -7.65 -8.51
C PHE C 557 -20.97 -7.75 -8.32
N GLU C 558 -21.40 -8.03 -7.08
CA GLU C 558 -22.82 -8.07 -6.79
C GLU C 558 -23.06 -7.65 -5.36
N SER C 559 -24.07 -6.79 -5.15
CA SER C 559 -24.70 -6.53 -3.85
C SER C 559 -23.72 -6.45 -2.68
N SER C 560 -22.58 -5.78 -2.87
CA SER C 560 -21.56 -5.72 -1.83
C SER C 560 -20.82 -4.39 -1.94
N THR C 561 -19.86 -4.19 -1.06
CA THR C 561 -19.02 -3.01 -1.06
C THR C 561 -17.61 -3.40 -1.50
N LEU C 562 -17.12 -2.77 -2.55
CA LEU C 562 -15.80 -3.03 -3.09
C LEU C 562 -15.02 -1.74 -3.19
N LYS C 563 -13.79 -1.76 -2.69
CA LYS C 563 -12.90 -0.61 -2.73
C LYS C 563 -11.61 -1.00 -3.45
N MET C 564 -11.07 -0.07 -4.23
CA MET C 564 -9.81 -0.30 -4.94
C MET C 564 -8.97 0.96 -4.89
N ILE C 565 -7.66 0.78 -4.70
CA ILE C 565 -6.73 1.88 -4.46
C ILE C 565 -5.67 1.97 -5.55
N GLY C 566 -5.10 0.85 -5.97
CA GLY C 566 -4.07 0.86 -6.99
C GLY C 566 -4.18 -0.26 -7.99
N VAL C 567 -5.40 -0.72 -8.26
CA VAL C 567 -5.61 -1.91 -9.08
C VAL C 567 -5.22 -1.63 -10.53
N ASN C 568 -4.51 -2.59 -11.13
CA ASN C 568 -4.14 -2.56 -12.53
C ASN C 568 -4.76 -3.74 -13.24
N SER C 569 -4.95 -3.62 -14.54
CA SER C 569 -5.57 -4.70 -15.31
C SER C 569 -5.04 -4.67 -16.74
N SER C 570 -5.16 -5.82 -17.40
CA SER C 570 -4.72 -5.97 -18.79
C SER C 570 -5.41 -7.19 -19.38
N VAL C 571 -5.28 -7.34 -20.69
CA VAL C 571 -5.84 -8.47 -21.42
C VAL C 571 -4.71 -9.18 -22.14
N GLY C 572 -4.97 -10.42 -22.53
CA GLY C 572 -3.99 -11.19 -23.28
C GLY C 572 -4.39 -12.64 -23.34
N GLY C 573 -3.54 -13.41 -24.03
CA GLY C 573 -3.71 -14.85 -24.15
C GLY C 573 -2.70 -15.61 -23.31
N ASP C 574 -2.50 -16.87 -23.68
CA ASP C 574 -1.54 -17.70 -22.99
C ASP C 574 -0.11 -17.20 -23.22
N ASP C 575 0.78 -17.56 -22.30
CA ASP C 575 2.16 -17.09 -22.38
C ASP C 575 2.82 -17.57 -23.67
N THR C 576 2.76 -18.88 -23.94
CA THR C 576 3.28 -19.44 -25.17
C THR C 576 2.53 -20.73 -25.47
N GLY C 577 2.46 -21.07 -26.76
CA GLY C 577 1.67 -22.23 -27.15
C GLY C 577 0.22 -22.04 -26.75
N GLY C 578 -0.33 -23.04 -26.06
CA GLY C 578 -1.67 -22.93 -25.53
C GLY C 578 -2.77 -23.09 -26.55
N SER C 579 -3.91 -23.62 -26.13
CA SER C 579 -5.03 -23.81 -27.05
C SER C 579 -5.69 -22.47 -27.39
N ILE C 580 -5.76 -21.56 -26.42
CA ILE C 580 -6.45 -20.29 -26.58
C ILE C 580 -5.41 -19.18 -26.61
N THR C 581 -5.45 -18.35 -27.65
CA THR C 581 -4.52 -17.23 -27.81
C THR C 581 -5.21 -15.87 -27.88
N GLU C 582 -6.51 -15.83 -28.08
CA GLU C 582 -7.21 -14.56 -28.19
C GLU C 582 -7.27 -13.86 -26.83
N PRO C 583 -7.35 -12.53 -26.82
CA PRO C 583 -7.57 -11.81 -25.55
C PRO C 583 -8.85 -12.28 -24.87
N SER C 584 -8.70 -12.80 -23.67
CA SER C 584 -9.77 -13.52 -22.99
C SER C 584 -10.88 -12.60 -22.44
N PRO C 585 -10.57 -11.64 -21.56
CA PRO C 585 -11.67 -10.95 -20.87
C PRO C 585 -12.34 -9.92 -21.78
N ASP C 586 -13.65 -10.13 -22.01
CA ASP C 586 -14.40 -9.18 -22.83
C ASP C 586 -14.66 -7.88 -22.08
N TYR C 587 -15.06 -7.99 -20.81
CA TYR C 587 -15.40 -6.83 -19.99
C TYR C 587 -14.50 -6.77 -18.77
N PHE C 588 -14.79 -5.80 -17.91
CA PHE C 588 -14.12 -5.68 -16.61
C PHE C 588 -15.06 -5.95 -15.44
N PHE C 589 -16.28 -5.41 -15.48
CA PHE C 589 -17.25 -5.60 -14.41
C PHE C 589 -18.46 -6.38 -14.92
N ARG C 590 -18.96 -7.28 -14.09
CA ARG C 590 -20.25 -7.94 -14.32
C ARG C 590 -21.09 -7.73 -13.07
N MET C 591 -22.13 -6.91 -13.19
CA MET C 591 -23.00 -6.58 -12.07
C MET C 591 -24.36 -7.24 -12.26
N ALA C 592 -24.83 -7.93 -11.23
CA ALA C 592 -26.12 -8.61 -11.28
C ALA C 592 -26.77 -8.52 -9.90
N GLY C 593 -27.99 -9.03 -9.81
CA GLY C 593 -28.72 -9.03 -8.56
C GLY C 593 -29.31 -7.67 -8.24
N THR C 594 -29.88 -7.58 -7.05
CA THR C 594 -30.45 -6.32 -6.58
C THR C 594 -29.36 -5.29 -6.38
N SER C 595 -29.67 -4.04 -6.72
CA SER C 595 -28.69 -2.95 -6.72
C SER C 595 -28.78 -2.21 -5.39
N GLU C 596 -27.95 -2.63 -4.43
CA GLU C 596 -27.87 -1.97 -3.14
C GLU C 596 -26.43 -1.86 -2.63
N GLY C 597 -25.45 -2.28 -3.42
CA GLY C 597 -24.07 -2.30 -2.96
C GLY C 597 -23.41 -0.94 -3.04
N ARG C 598 -22.12 -0.94 -2.69
CA ARG C 598 -21.28 0.25 -2.72
C ARG C 598 -20.03 -0.04 -3.53
N LEU C 599 -19.49 0.99 -4.18
CA LEU C 599 -18.31 0.84 -5.00
C LEU C 599 -17.45 2.09 -4.88
N GLU C 600 -16.21 1.91 -4.43
CA GLU C 600 -15.24 3.00 -4.32
C GLU C 600 -14.02 2.65 -5.13
N ILE C 601 -13.62 3.56 -6.02
CA ILE C 601 -12.52 3.34 -6.95
C ILE C 601 -11.62 4.57 -6.93
N SER C 602 -10.31 4.34 -6.85
CA SER C 602 -9.36 5.43 -6.88
C SER C 602 -8.04 4.95 -7.47
N ASP C 603 -7.47 5.75 -8.38
CA ASP C 603 -6.12 5.57 -8.88
C ASP C 603 -5.89 4.16 -9.44
N SER C 604 -6.90 3.62 -10.13
CA SER C 604 -6.82 2.29 -10.71
C SER C 604 -6.90 2.39 -12.23
N ARG C 605 -5.91 1.80 -12.91
CA ARG C 605 -5.84 1.84 -14.36
C ARG C 605 -6.63 0.65 -14.93
N LEU C 606 -7.95 0.73 -14.77
CA LEU C 606 -8.86 -0.37 -15.08
C LEU C 606 -9.37 -0.29 -16.53
N THR C 607 -8.42 -0.16 -17.45
CA THR C 607 -8.74 -0.13 -18.87
C THR C 607 -8.63 -1.50 -19.53
N GLY C 608 -8.47 -2.56 -18.75
CA GLY C 608 -8.29 -3.88 -19.31
C GLY C 608 -9.59 -4.59 -19.64
N TYR C 609 -9.98 -4.53 -20.90
CA TYR C 609 -11.19 -5.20 -21.40
C TYR C 609 -11.10 -5.19 -22.92
N THR C 610 -12.12 -5.76 -23.57
CA THR C 610 -12.16 -5.83 -25.02
C THR C 610 -13.35 -5.11 -25.62
N VAL C 611 -14.56 -5.35 -25.10
CA VAL C 611 -15.78 -4.84 -25.71
C VAL C 611 -16.47 -3.81 -24.82
N GLY C 612 -16.41 -3.96 -23.51
CA GLY C 612 -17.13 -3.06 -22.63
C GLY C 612 -16.54 -3.06 -21.23
N LEU C 613 -17.16 -2.28 -20.35
CA LEU C 613 -16.72 -2.14 -18.98
C LEU C 613 -17.68 -2.75 -17.96
N ILE C 614 -18.98 -2.67 -18.20
CA ILE C 614 -19.98 -3.23 -17.29
C ILE C 614 -20.93 -4.11 -18.11
N SER C 615 -21.32 -5.24 -17.53
CA SER C 615 -22.13 -6.24 -18.22
C SER C 615 -23.50 -6.43 -17.58
N GLY C 616 -23.99 -5.43 -16.85
CA GLY C 616 -25.29 -5.54 -16.20
C GLY C 616 -26.00 -4.21 -16.16
N THR C 617 -27.30 -4.27 -15.86
CA THR C 617 -28.13 -3.09 -15.71
C THR C 617 -28.21 -2.64 -14.25
N ALA C 618 -27.53 -3.33 -13.35
CA ALA C 618 -27.50 -2.99 -11.93
C ALA C 618 -26.25 -2.18 -11.63
N ARG C 619 -26.39 -1.20 -10.73
CA ARG C 619 -25.29 -0.35 -10.33
C ARG C 619 -25.30 -0.22 -8.81
N PRO C 620 -24.13 -0.04 -8.20
CA PRO C 620 -24.09 0.17 -6.76
C PRO C 620 -24.85 1.43 -6.36
N SER C 621 -25.44 1.38 -5.16
CA SER C 621 -26.18 2.53 -4.66
C SER C 621 -25.28 3.74 -4.47
N VAL C 622 -24.03 3.50 -4.05
CA VAL C 622 -23.05 4.56 -3.86
C VAL C 622 -21.84 4.25 -4.74
N ILE C 623 -21.45 5.21 -5.57
CA ILE C 623 -20.30 5.09 -6.46
C ILE C 623 -19.35 6.25 -6.18
N ARG C 624 -18.06 5.94 -6.01
CA ARG C 624 -17.03 6.95 -5.79
C ARG C 624 -15.82 6.54 -6.63
N VAL C 625 -15.77 7.03 -7.87
CA VAL C 625 -14.69 6.71 -8.81
C VAL C 625 -13.92 8.00 -9.09
N ILE C 626 -12.63 8.01 -8.76
CA ILE C 626 -11.79 9.19 -8.91
C ILE C 626 -10.45 8.78 -9.50
N ASN C 627 -10.01 9.52 -10.51
CA ASN C 627 -8.65 9.40 -11.06
C ASN C 627 -8.34 7.98 -11.53
N SER C 628 -9.31 7.34 -12.15
CA SER C 628 -9.13 5.98 -12.66
C SER C 628 -9.36 5.95 -14.16
N PRO C 629 -8.34 5.67 -14.96
CA PRO C 629 -8.55 5.58 -16.41
C PRO C 629 -9.54 4.47 -16.75
N GLY C 630 -10.33 4.70 -17.80
CA GLY C 630 -11.36 3.78 -18.22
C GLY C 630 -12.74 4.09 -17.66
N TRP C 631 -12.82 4.96 -16.66
CA TRP C 631 -14.09 5.35 -16.07
C TRP C 631 -14.00 6.81 -15.65
N GLU C 632 -14.89 7.64 -16.20
CA GLU C 632 -14.93 9.05 -15.82
C GLU C 632 -15.37 9.18 -14.37
N ASP C 633 -14.96 10.28 -13.74
CA ASP C 633 -15.23 10.48 -12.33
C ASP C 633 -16.74 10.54 -12.08
N THR C 634 -17.21 9.73 -11.12
CA THR C 634 -18.60 9.73 -10.71
C THR C 634 -18.68 9.65 -9.20
N ILE C 635 -19.50 10.50 -8.60
CA ILE C 635 -19.76 10.47 -7.16
C ILE C 635 -21.25 10.69 -6.95
N ASN C 636 -21.85 9.89 -6.07
CA ASN C 636 -23.28 9.93 -5.85
C ASN C 636 -23.68 10.42 -4.45
N GLU C 637 -22.73 10.63 -3.55
CA GLU C 637 -23.05 11.06 -2.20
C GLU C 637 -22.29 12.33 -1.86
N GLY C 638 -22.79 13.04 -0.85
CA GLY C 638 -22.19 14.28 -0.42
C GLY C 638 -22.74 15.49 -1.17
N VAL C 639 -22.34 16.66 -0.70
CA VAL C 639 -22.78 17.90 -1.34
C VAL C 639 -22.12 18.06 -2.69
N ALA C 640 -20.83 17.77 -2.80
CA ALA C 640 -20.09 17.91 -4.04
C ALA C 640 -20.08 16.57 -4.76
N ARG C 641 -20.76 16.49 -5.90
CA ARG C 641 -20.84 15.28 -6.69
C ARG C 641 -20.21 15.54 -8.05
N ILE C 642 -19.92 14.45 -8.77
CA ILE C 642 -19.35 14.52 -10.11
C ILE C 642 -20.10 13.55 -11.00
N SER C 643 -20.47 14.00 -12.20
CA SER C 643 -21.13 13.15 -13.19
C SER C 643 -20.34 13.24 -14.49
N GLY C 644 -19.82 12.10 -14.94
CA GLY C 644 -19.10 12.06 -16.20
C GLY C 644 -17.91 12.99 -16.28
N GLY C 645 -17.29 13.30 -15.14
CA GLY C 645 -16.17 14.22 -15.11
C GLY C 645 -16.55 15.67 -14.87
N ARG C 646 -17.83 15.99 -14.84
CA ARG C 646 -18.26 17.36 -14.61
C ARG C 646 -18.84 17.49 -13.21
N PRO C 647 -18.29 18.37 -12.37
CA PRO C 647 -18.79 18.46 -10.99
C PRO C 647 -20.05 19.31 -10.88
N TYR C 648 -20.77 19.08 -9.78
CA TYR C 648 -21.94 19.87 -9.43
C TYR C 648 -22.17 19.75 -7.93
N ILE C 649 -23.12 20.53 -7.43
CA ILE C 649 -23.42 20.59 -6.00
C ILE C 649 -24.86 20.16 -5.79
N GLY C 650 -25.06 19.22 -4.88
CA GLY C 650 -26.42 18.81 -4.54
C GLY C 650 -26.91 17.71 -5.45
N THR C 651 -28.10 17.91 -6.02
CA THR C 651 -28.74 16.94 -6.88
C THR C 651 -29.15 17.59 -8.19
N MET C 652 -29.31 16.76 -9.23
CA MET C 652 -29.78 17.21 -10.53
C MET C 652 -31.19 16.68 -10.74
N PRO C 653 -32.23 17.40 -10.33
CA PRO C 653 -33.60 16.89 -10.47
C PRO C 653 -34.21 17.23 -11.82
N THR C 654 -34.98 16.28 -12.34
CA THR C 654 -35.72 16.44 -13.59
C THR C 654 -37.20 16.49 -13.23
N ALA C 655 -37.87 17.56 -13.66
CA ALA C 655 -39.30 17.75 -13.39
C ALA C 655 -40.02 17.93 -14.71
N THR C 656 -40.81 16.92 -15.10
CA THR C 656 -41.55 16.94 -16.35
C THR C 656 -43.03 17.04 -16.06
N GLY C 657 -43.73 17.88 -16.80
CA GLY C 657 -45.14 18.10 -16.62
C GLY C 657 -45.59 19.42 -17.21
N PRO C 658 -46.89 19.69 -17.16
CA PRO C 658 -47.40 20.94 -17.74
C PRO C 658 -47.15 22.12 -16.81
N ALA C 659 -46.40 23.11 -17.31
CA ALA C 659 -45.99 24.25 -16.49
C ALA C 659 -47.04 25.35 -16.53
N ASN C 660 -48.30 24.97 -16.35
CA ASN C 660 -49.37 25.96 -16.28
C ASN C 660 -50.29 25.71 -15.10
N VAL C 661 -50.53 26.77 -14.33
CA VAL C 661 -51.39 26.87 -13.13
C VAL C 661 -50.75 26.38 -11.83
N SER C 662 -49.58 25.78 -11.93
CA SER C 662 -48.83 25.32 -10.79
C SER C 662 -47.42 25.27 -11.31
N PRO C 663 -46.59 26.23 -10.95
CA PRO C 663 -45.24 26.14 -11.50
C PRO C 663 -44.52 24.91 -11.03
N ALA C 664 -43.85 24.28 -11.97
CA ALA C 664 -43.02 23.10 -11.74
C ALA C 664 -41.90 23.43 -10.76
N VAL C 665 -41.63 22.49 -9.85
CA VAL C 665 -40.70 22.69 -8.75
C VAL C 665 -39.56 21.69 -8.88
N LEU C 666 -38.32 22.19 -8.82
CA LEU C 666 -37.13 21.35 -8.87
C LEU C 666 -36.37 21.54 -7.56
N GLY C 667 -36.26 20.48 -6.76
CA GLY C 667 -35.64 20.59 -5.45
C GLY C 667 -34.13 20.53 -5.53
N LEU C 668 -33.47 21.62 -5.18
CA LEU C 668 -32.02 21.71 -5.22
C LEU C 668 -31.44 21.69 -3.81
N SER C 669 -30.22 21.18 -3.70
CA SER C 669 -29.53 21.08 -2.42
C SER C 669 -28.25 21.90 -2.47
N CYS C 670 -27.73 22.22 -1.29
CA CYS C 670 -26.52 23.01 -1.18
C CYS C 670 -25.86 22.71 0.16
N GLY C 671 -24.60 23.12 0.29
CA GLY C 671 -23.88 22.90 1.52
C GLY C 671 -24.48 23.62 2.71
N GLY C 672 -25.01 24.82 2.49
CA GLY C 672 -25.62 25.60 3.54
C GLY C 672 -24.94 26.94 3.72
N VAL C 673 -25.63 27.81 4.46
CA VAL C 673 -25.16 29.16 4.76
C VAL C 673 -25.19 29.34 6.27
N ASN C 674 -24.10 29.86 6.83
CA ASN C 674 -24.06 30.12 8.26
C ASN C 674 -24.81 31.42 8.60
N THR C 675 -24.91 31.69 9.89
CA THR C 675 -25.58 32.92 10.33
C THR C 675 -24.75 34.14 9.97
N TYR C 676 -25.43 35.21 9.55
CA TYR C 676 -24.78 36.44 9.10
C TYR C 676 -23.78 36.14 7.99
N ASP C 677 -24.15 35.24 7.07
CA ASP C 677 -23.26 34.80 6.01
C ASP C 677 -23.99 34.78 4.69
N ASN C 678 -23.21 34.73 3.62
CA ASN C 678 -23.73 34.74 2.26
C ASN C 678 -22.95 33.78 1.39
N ASP C 679 -23.60 33.32 0.32
CA ASP C 679 -22.99 32.44 -0.67
C ASP C 679 -23.58 32.78 -2.03
N MET C 680 -22.82 32.50 -3.08
CA MET C 680 -23.32 32.66 -4.44
C MET C 680 -22.96 31.43 -5.27
N PHE C 681 -23.78 31.15 -6.27
CA PHE C 681 -23.56 30.00 -7.12
C PHE C 681 -24.34 30.18 -8.42
N ASP C 682 -24.07 29.28 -9.36
CA ASP C 682 -24.65 29.34 -10.70
C ASP C 682 -25.52 28.12 -10.94
N ILE C 683 -26.64 28.32 -11.62
CA ILE C 683 -27.56 27.26 -11.96
C ILE C 683 -27.73 27.22 -13.48
N HIS C 684 -27.57 26.02 -14.04
CA HIS C 684 -27.88 25.72 -15.42
C HIS C 684 -29.30 25.17 -15.48
N LEU C 685 -30.17 25.82 -16.25
CA LEU C 685 -31.55 25.38 -16.43
C LEU C 685 -31.74 24.95 -17.88
N THR C 686 -32.30 23.76 -18.06
CA THR C 686 -32.50 23.18 -19.38
C THR C 686 -33.97 22.84 -19.58
N ILE C 687 -34.52 23.24 -20.73
CA ILE C 687 -35.93 23.08 -21.06
C ILE C 687 -36.03 22.33 -22.38
N ARG C 688 -36.85 21.28 -22.41
CA ARG C 688 -37.06 20.48 -23.62
C ARG C 688 -38.57 20.34 -23.83
N ASN C 689 -39.14 21.19 -24.69
CA ASN C 689 -40.56 21.13 -24.98
C ASN C 689 -40.93 19.78 -25.58
N THR C 690 -41.68 18.97 -24.85
CA THR C 690 -41.94 17.60 -25.27
C THR C 690 -42.84 17.55 -26.49
N ASN C 691 -43.77 18.50 -26.64
CA ASN C 691 -44.71 18.46 -27.75
C ASN C 691 -44.04 18.85 -29.06
N ASN C 692 -43.54 20.09 -29.14
CA ASN C 692 -42.95 20.57 -30.38
C ASN C 692 -41.56 20.00 -30.61
N GLY C 693 -40.78 19.81 -29.54
CA GLY C 693 -39.41 19.34 -29.65
C GLY C 693 -38.37 20.43 -29.53
N GLY C 694 -38.76 21.67 -29.29
CA GLY C 694 -37.79 22.73 -29.14
C GLY C 694 -37.00 22.62 -27.85
N HIS C 695 -35.82 23.22 -27.85
CA HIS C 695 -34.91 23.17 -26.70
C HIS C 695 -34.50 24.58 -26.34
N ASN C 696 -34.31 24.81 -25.04
CA ASN C 696 -33.92 26.13 -24.55
C ASN C 696 -33.05 25.98 -23.30
N GLY C 697 -32.24 26.99 -23.04
CA GLY C 697 -31.33 26.97 -21.91
C GLY C 697 -31.27 28.32 -21.24
N ALA C 698 -30.90 28.28 -19.96
CA ALA C 698 -30.80 29.48 -19.15
C ALA C 698 -29.65 29.33 -18.17
N ILE C 699 -28.95 30.44 -17.92
CA ILE C 699 -27.94 30.50 -16.88
C ILE C 699 -28.38 31.57 -15.87
N LEU C 700 -28.38 31.21 -14.60
CA LEU C 700 -28.75 32.19 -13.59
C LEU C 700 -27.82 32.11 -12.40
N THR C 701 -27.70 33.22 -11.69
CA THR C 701 -26.82 33.34 -10.54
C THR C 701 -27.67 33.59 -9.30
N VAL C 702 -27.49 32.77 -8.27
CA VAL C 702 -28.31 32.80 -7.07
C VAL C 702 -27.43 33.11 -5.87
N LEU C 703 -27.88 34.06 -5.05
CA LEU C 703 -27.22 34.43 -3.80
C LEU C 703 -28.11 34.02 -2.63
N LEU C 704 -27.55 33.28 -1.69
CA LEU C 704 -28.22 32.92 -0.45
C LEU C 704 -27.61 33.71 0.70
N TYR C 705 -28.46 34.38 1.47
CA TYR C 705 -28.00 35.18 2.60
C TYR C 705 -28.82 34.81 3.83
N ARG C 706 -28.17 34.77 4.99
CA ARG C 706 -28.87 34.53 6.24
C ARG C 706 -28.73 35.73 7.16
N GLU C 707 -29.85 36.23 7.66
CA GLU C 707 -29.87 37.20 8.75
C GLU C 707 -30.02 36.46 10.07
N GLY C 708 -30.32 37.18 11.14
CA GLY C 708 -30.45 36.55 12.45
C GLY C 708 -31.52 35.48 12.48
N GLY C 709 -32.67 35.76 11.86
CA GLY C 709 -33.79 34.83 11.91
C GLY C 709 -33.68 33.66 10.97
N ALA C 710 -33.68 33.91 9.67
CA ALA C 710 -33.68 32.84 8.68
C ALA C 710 -32.90 33.28 7.46
N ALA C 711 -32.87 32.41 6.45
CA ALA C 711 -32.18 32.67 5.19
C ALA C 711 -33.18 32.91 4.07
N ARG C 712 -32.71 33.63 3.04
CA ARG C 712 -33.52 33.93 1.86
C ARG C 712 -32.64 33.90 0.63
N ALA C 713 -33.25 33.68 -0.52
CA ALA C 713 -32.55 33.55 -1.79
C ALA C 713 -33.04 34.61 -2.77
N THR C 714 -32.10 35.23 -3.47
CA THR C 714 -32.39 36.21 -4.51
C THR C 714 -31.63 35.84 -5.77
N ILE C 715 -32.26 36.07 -6.92
CA ILE C 715 -31.66 35.75 -8.21
C ILE C 715 -30.87 36.96 -8.69
N VAL C 716 -29.54 36.82 -8.73
CA VAL C 716 -28.69 37.93 -9.11
C VAL C 716 -28.88 38.27 -10.60
N ARG C 717 -28.84 37.27 -11.46
CA ARG C 717 -28.93 37.50 -12.89
C ARG C 717 -29.52 36.27 -13.57
N VAL C 718 -30.20 36.53 -14.69
CA VAL C 718 -30.75 35.48 -15.55
C VAL C 718 -30.42 35.85 -16.99
N ASP C 719 -29.89 34.89 -17.75
CA ASP C 719 -29.53 35.12 -19.14
C ASP C 719 -29.89 33.90 -19.97
N SER C 720 -30.40 34.15 -21.17
CA SER C 720 -30.81 33.09 -22.09
C SER C 720 -30.82 33.62 -23.50
N ARG C 721 -30.94 32.70 -24.46
CA ARG C 721 -31.10 33.09 -25.85
C ARG C 721 -32.48 33.70 -26.06
N SER C 722 -32.51 34.85 -26.74
CA SER C 722 -33.75 35.57 -27.06
C SER C 722 -34.53 36.00 -25.82
N ASN C 723 -33.87 36.01 -24.65
CA ASN C 723 -34.49 36.46 -23.40
C ASN C 723 -35.79 35.69 -23.11
N ALA C 724 -35.74 34.37 -23.30
CA ALA C 724 -36.93 33.55 -23.12
C ALA C 724 -37.36 33.49 -21.64
N VAL C 725 -36.40 33.41 -20.73
CA VAL C 725 -36.68 33.31 -19.30
C VAL C 725 -36.44 34.67 -18.66
N GLY C 726 -37.16 34.94 -17.59
CA GLY C 726 -36.99 36.19 -16.86
C GLY C 726 -37.60 36.09 -15.48
N GLU C 727 -37.07 36.89 -14.57
CA GLU C 727 -37.59 36.92 -13.20
C GLU C 727 -38.92 37.65 -13.12
N GLY C 728 -39.27 38.44 -14.13
CA GLY C 728 -40.53 39.15 -14.11
C GLY C 728 -41.72 38.22 -14.19
N ASP C 729 -42.84 38.70 -13.64
CA ASP C 729 -44.04 37.87 -13.56
C ASP C 729 -44.68 37.72 -14.94
N VAL C 730 -45.04 36.50 -15.29
CA VAL C 730 -45.78 36.20 -16.51
C VAL C 730 -47.25 36.54 -16.29
N ASN C 731 -48.04 36.53 -17.36
CA ASN C 731 -49.47 36.85 -17.31
C ASN C 731 -49.71 38.28 -16.86
N SER C 732 -48.77 39.18 -17.16
CA SER C 732 -48.90 40.59 -16.86
C SER C 732 -48.80 41.40 -18.15
N THR C 733 -49.63 42.43 -18.25
CA THR C 733 -49.65 43.26 -19.45
C THR C 733 -48.33 43.97 -19.68
N SER C 734 -47.59 44.26 -18.60
CA SER C 734 -46.30 44.93 -18.72
C SER C 734 -45.16 43.97 -19.03
N ALA C 735 -45.42 42.67 -19.05
CA ALA C 735 -44.35 41.69 -19.27
C ALA C 735 -43.80 41.80 -20.68
N ASP C 736 -42.49 41.58 -20.81
CA ASP C 736 -41.85 41.56 -22.12
C ASP C 736 -42.40 40.38 -22.92
N PRO C 737 -42.89 40.61 -24.15
CA PRO C 737 -43.40 39.50 -24.95
C PRO C 737 -42.35 38.44 -25.27
N GLN C 738 -41.07 38.79 -25.26
CA GLN C 738 -40.03 37.79 -25.50
C GLN C 738 -39.98 36.75 -24.39
N GLN C 739 -40.27 37.16 -23.16
CA GLN C 739 -40.22 36.24 -22.03
C GLN C 739 -41.35 35.22 -22.11
N VAL C 740 -41.00 33.94 -21.99
CA VAL C 740 -41.98 32.86 -22.07
C VAL C 740 -42.03 32.11 -20.75
N TYR C 741 -40.91 32.08 -20.03
CA TYR C 741 -40.81 31.36 -18.76
C TYR C 741 -40.46 32.32 -17.64
N GLN C 742 -41.08 32.11 -16.48
CA GLN C 742 -40.78 32.83 -15.25
C GLN C 742 -40.07 31.88 -14.30
N VAL C 743 -38.91 32.31 -13.80
CA VAL C 743 -38.10 31.52 -12.88
C VAL C 743 -38.02 32.24 -11.55
N SER C 744 -38.12 31.49 -10.46
CA SER C 744 -37.99 32.04 -9.12
C SER C 744 -37.36 30.98 -8.22
N VAL C 745 -36.82 31.42 -7.09
CA VAL C 745 -36.16 30.53 -6.14
C VAL C 745 -36.61 30.89 -4.74
N GLU C 746 -36.89 29.86 -3.93
CA GLU C 746 -37.21 30.05 -2.53
C GLU C 746 -36.65 28.89 -1.72
N VAL C 747 -36.34 29.17 -0.45
CA VAL C 747 -35.69 28.21 0.43
C VAL C 747 -36.73 27.49 1.26
N THR C 748 -36.54 26.18 1.42
CA THR C 748 -37.44 25.35 2.22
C THR C 748 -36.91 25.14 3.63
N SER C 749 -35.69 24.63 3.75
CA SER C 749 -35.08 24.42 5.06
C SER C 749 -34.66 25.76 5.67
N ASN C 750 -34.62 25.79 7.00
CA ASN C 750 -34.16 26.99 7.70
C ASN C 750 -32.65 27.17 7.55
N ASP C 751 -31.93 26.13 7.17
CA ASP C 751 -30.49 26.17 7.00
C ASP C 751 -30.06 26.62 5.61
N ALA C 752 -31.01 26.83 4.71
CA ALA C 752 -30.77 27.16 3.30
C ALA C 752 -29.98 26.08 2.57
N SER C 753 -29.79 24.92 3.20
CA SER C 753 -29.12 23.81 2.51
C SER C 753 -29.97 23.28 1.37
N THR C 754 -31.28 23.20 1.57
CA THR C 754 -32.21 22.72 0.56
C THR C 754 -33.17 23.84 0.20
N PHE C 755 -33.28 24.13 -1.09
CA PHE C 755 -34.22 25.10 -1.61
C PHE C 755 -34.86 24.50 -2.86
N ASN C 756 -35.63 25.29 -3.58
CA ASN C 756 -36.23 24.79 -4.82
C ASN C 756 -36.38 25.90 -5.84
N LEU C 757 -36.26 25.50 -7.11
CA LEU C 757 -36.45 26.42 -8.23
C LEU C 757 -37.83 26.19 -8.83
N LEU C 758 -38.62 27.26 -8.90
CA LEU C 758 -39.97 27.21 -9.45
C LEU C 758 -39.96 27.83 -10.83
N VAL C 759 -40.43 27.08 -11.82
CA VAL C 759 -40.48 27.51 -13.21
C VAL C 759 -41.94 27.45 -13.66
N SER C 760 -42.42 28.55 -14.25
CA SER C 760 -43.79 28.63 -14.71
C SER C 760 -43.83 29.21 -16.12
N THR C 761 -44.92 28.93 -16.83
CA THR C 761 -45.15 29.45 -18.16
C THR C 761 -46.40 30.31 -18.17
N LYS C 762 -46.83 30.72 -19.36
CA LYS C 762 -48.04 31.50 -19.49
C LYS C 762 -49.26 30.64 -19.16
N SER C 763 -50.38 31.32 -18.89
CA SER C 763 -51.60 30.59 -18.55
C SER C 763 -52.20 29.88 -19.76
N ASP C 764 -52.07 30.47 -20.95
CA ASP C 764 -52.74 29.92 -22.12
C ASP C 764 -52.12 28.61 -22.57
N ASN C 765 -50.80 28.56 -22.69
CA ASN C 765 -50.12 27.39 -23.22
C ASN C 765 -50.01 26.30 -22.17
N SER C 766 -50.19 25.07 -22.61
CA SER C 766 -50.01 23.94 -21.75
C SER C 766 -49.12 22.98 -22.49
N ALA C 767 -47.98 22.67 -21.90
CA ALA C 767 -47.04 21.72 -22.49
C ALA C 767 -46.08 21.25 -21.41
N SER C 768 -45.50 20.08 -21.64
CA SER C 768 -44.50 19.50 -20.75
C SER C 768 -43.11 19.82 -21.28
N TYR C 769 -42.25 20.33 -20.41
CA TYR C 769 -40.92 20.69 -20.84
C TYR C 769 -39.75 19.92 -20.24
N ARG C 770 -39.98 19.10 -19.22
CA ARG C 770 -38.83 18.41 -18.62
C ARG C 770 -37.74 19.35 -18.15
N PHE C 771 -38.03 20.22 -17.18
CA PHE C 771 -37.03 21.15 -16.68
C PHE C 771 -35.95 20.38 -15.91
N ARG C 772 -34.69 20.78 -16.13
CA ARG C 772 -33.56 20.23 -15.41
C ARG C 772 -32.71 21.38 -14.87
N ALA C 773 -32.41 21.34 -13.57
CA ALA C 773 -31.62 22.37 -12.92
C ALA C 773 -30.38 21.73 -12.30
N LYS C 774 -29.21 22.24 -12.65
CA LYS C 774 -27.95 21.75 -12.12
C LYS C 774 -27.17 22.90 -11.49
N VAL C 775 -26.76 22.73 -10.24
CA VAL C 775 -26.02 23.75 -9.51
C VAL C 775 -24.54 23.54 -9.77
N LYS C 776 -23.95 24.38 -10.59
CA LYS C 776 -22.53 24.33 -10.89
C LYS C 776 -21.76 25.17 -9.87
N PRO C 777 -20.74 24.60 -9.20
CA PRO C 777 -19.96 25.31 -8.16
C PRO C 777 -19.40 26.64 -8.62
#